data_2DJP
#
_entry.id   2DJP
#
_entity_poly.entity_id   1
_entity_poly.type   'polypeptide(L)'
_entity_poly.pdbx_seq_one_letter_code
;GSSGSSGCSPVRERRLEHQLEPGDTLAGLALKYGVTMEQIKRANRLYTNDSIFLKKTLYIPILTEPRDLFNSGPSSG
;
_entity_poly.pdbx_strand_id   A
#
# COMPACT_ATOMS: atom_id res chain seq x y z
N GLY A 1 -34.84 -17.31 -20.59
CA GLY A 1 -33.51 -17.62 -20.07
C GLY A 1 -32.46 -16.64 -20.58
N SER A 2 -32.45 -15.43 -20.03
CA SER A 2 -31.49 -14.42 -20.44
C SER A 2 -30.23 -14.48 -19.58
N SER A 3 -29.10 -14.71 -20.24
CA SER A 3 -27.82 -14.79 -19.53
C SER A 3 -26.84 -13.74 -20.06
N GLY A 4 -26.30 -12.93 -19.15
CA GLY A 4 -25.36 -11.90 -19.54
C GLY A 4 -24.05 -12.02 -18.80
N SER A 5 -23.08 -11.20 -19.19
CA SER A 5 -21.75 -11.21 -18.57
C SER A 5 -21.74 -10.34 -17.32
N SER A 6 -21.93 -10.97 -16.16
CA SER A 6 -21.93 -10.24 -14.89
C SER A 6 -20.86 -10.78 -13.95
N GLY A 7 -20.09 -9.87 -13.36
CA GLY A 7 -19.03 -10.27 -12.45
C GLY A 7 -17.76 -9.48 -12.66
N CYS A 8 -17.59 -8.42 -11.86
CA CYS A 8 -16.40 -7.58 -11.96
C CYS A 8 -15.29 -8.09 -11.05
N SER A 9 -14.08 -7.61 -11.28
CA SER A 9 -12.93 -8.02 -10.48
C SER A 9 -12.30 -6.82 -9.77
N PRO A 10 -12.79 -6.53 -8.55
CA PRO A 10 -12.29 -5.42 -7.74
C PRO A 10 -10.88 -5.66 -7.24
N VAL A 11 -10.12 -4.58 -7.08
CA VAL A 11 -8.75 -4.67 -6.59
C VAL A 11 -8.71 -4.87 -5.09
N ARG A 12 -7.60 -5.43 -4.59
CA ARG A 12 -7.44 -5.69 -3.17
C ARG A 12 -6.33 -4.83 -2.58
N GLU A 13 -5.16 -4.87 -3.23
CA GLU A 13 -4.01 -4.10 -2.77
C GLU A 13 -3.71 -2.96 -3.73
N ARG A 14 -3.53 -1.76 -3.18
CA ARG A 14 -3.24 -0.58 -3.99
C ARG A 14 -2.04 0.18 -3.43
N ARG A 15 -1.58 1.18 -4.18
CA ARG A 15 -0.44 1.98 -3.76
C ARG A 15 -0.80 3.47 -3.70
N LEU A 16 -0.37 4.13 -2.64
CA LEU A 16 -0.66 5.55 -2.47
C LEU A 16 0.61 6.39 -2.60
N GLU A 17 0.56 7.40 -3.46
CA GLU A 17 1.71 8.28 -3.69
C GLU A 17 1.92 9.22 -2.50
N HIS A 18 3.00 9.00 -1.77
CA HIS A 18 3.33 9.83 -0.61
C HIS A 18 4.52 10.72 -0.90
N GLN A 19 4.33 12.03 -0.74
CA GLN A 19 5.39 13.00 -0.98
C GLN A 19 6.50 12.85 0.06
N LEU A 20 7.32 11.81 -0.07
CA LEU A 20 8.41 11.57 0.86
C LEU A 20 9.08 12.87 1.25
N GLU A 21 9.26 13.07 2.55
CA GLU A 21 9.90 14.28 3.07
C GLU A 21 11.28 13.97 3.64
N PRO A 22 12.12 15.01 3.76
CA PRO A 22 13.48 14.86 4.30
C PRO A 22 13.48 14.55 5.79
N GLY A 23 12.33 14.73 6.43
CA GLY A 23 12.22 14.47 7.86
C GLY A 23 11.35 13.27 8.16
N ASP A 24 11.27 12.34 7.21
CA ASP A 24 10.48 11.14 7.38
C ASP A 24 11.36 9.92 7.57
N THR A 25 10.86 8.94 8.32
CA THR A 25 11.61 7.72 8.60
C THR A 25 10.83 6.48 8.16
N LEU A 26 11.52 5.50 7.61
CA LEU A 26 10.89 4.27 7.16
C LEU A 26 9.96 3.71 8.23
N ALA A 27 10.49 3.54 9.44
CA ALA A 27 9.70 3.02 10.55
C ALA A 27 8.45 3.85 10.77
N GLY A 28 8.55 5.15 10.50
CA GLY A 28 7.42 6.04 10.68
C GLY A 28 6.29 5.74 9.72
N LEU A 29 6.59 5.75 8.43
CA LEU A 29 5.59 5.47 7.41
C LEU A 29 4.92 4.13 7.64
N ALA A 30 5.73 3.09 7.88
CA ALA A 30 5.21 1.77 8.13
C ALA A 30 3.99 1.81 9.04
N LEU A 31 4.18 2.31 10.25
CA LEU A 31 3.09 2.40 11.22
C LEU A 31 2.07 3.45 10.78
N LYS A 32 2.55 4.62 10.37
CA LYS A 32 1.69 5.70 9.93
C LYS A 32 0.47 5.16 9.20
N TYR A 33 0.66 4.07 8.46
CA TYR A 33 -0.42 3.45 7.72
C TYR A 33 -0.91 2.17 8.40
N GLY A 34 -0.03 1.16 8.44
CA GLY A 34 -0.37 -0.09 9.07
C GLY A 34 0.38 -1.27 8.48
N VAL A 35 1.62 -1.03 8.08
CA VAL A 35 2.45 -2.08 7.48
C VAL A 35 3.83 -2.10 8.13
N THR A 36 4.70 -2.95 7.60
CA THR A 36 6.06 -3.09 8.12
C THR A 36 7.08 -2.54 7.13
N MET A 37 8.08 -1.83 7.65
CA MET A 37 9.12 -1.25 6.81
C MET A 37 9.50 -2.21 5.68
N GLU A 38 9.88 -3.43 6.04
CA GLU A 38 10.27 -4.42 5.07
C GLU A 38 9.30 -4.45 3.89
N GLN A 39 8.03 -4.69 4.18
CA GLN A 39 7.00 -4.73 3.15
C GLN A 39 7.18 -3.61 2.15
N ILE A 40 7.07 -2.36 2.63
CA ILE A 40 7.23 -1.20 1.79
C ILE A 40 8.45 -1.33 0.89
N LYS A 41 9.60 -1.60 1.50
CA LYS A 41 10.85 -1.75 0.76
C LYS A 41 10.73 -2.85 -0.28
N ARG A 42 10.61 -4.10 0.18
CA ARG A 42 10.49 -5.24 -0.71
C ARG A 42 9.42 -5.00 -1.77
N ALA A 43 8.43 -4.17 -1.41
CA ALA A 43 7.35 -3.86 -2.34
C ALA A 43 7.84 -2.97 -3.48
N ASN A 44 8.82 -2.12 -3.18
CA ASN A 44 9.38 -1.21 -4.18
C ASN A 44 10.89 -1.38 -4.28
N ARG A 45 11.38 -2.54 -3.85
CA ARG A 45 12.81 -2.82 -3.89
C ARG A 45 13.63 -1.55 -3.66
N LEU A 46 13.24 -0.78 -2.65
CA LEU A 46 13.93 0.46 -2.32
C LEU A 46 15.32 0.18 -1.76
N TYR A 47 15.55 -1.07 -1.36
CA TYR A 47 16.83 -1.47 -0.80
C TYR A 47 17.98 -1.08 -1.72
N THR A 48 18.72 -0.05 -1.34
CA THR A 48 19.84 0.43 -2.14
C THR A 48 21.06 0.69 -1.26
N ASN A 49 22.23 0.74 -1.89
CA ASN A 49 23.48 0.98 -1.17
C ASN A 49 23.37 2.24 -0.30
N ASP A 50 22.70 3.26 -0.84
CA ASP A 50 22.53 4.52 -0.13
C ASP A 50 21.11 4.64 0.42
N SER A 51 20.95 5.45 1.46
CA SER A 51 19.64 5.64 2.08
C SER A 51 18.54 5.72 1.02
N ILE A 52 17.30 5.50 1.45
CA ILE A 52 16.17 5.54 0.54
C ILE A 52 15.85 6.98 0.12
N PHE A 53 16.23 7.93 0.97
CA PHE A 53 15.99 9.34 0.68
C PHE A 53 16.40 9.68 -0.75
N LEU A 54 17.25 8.85 -1.34
CA LEU A 54 17.72 9.06 -2.70
C LEU A 54 16.55 9.35 -3.64
N LYS A 55 15.42 8.71 -3.38
CA LYS A 55 14.22 8.89 -4.19
C LYS A 55 13.51 10.19 -3.83
N LYS A 56 12.36 10.42 -4.44
CA LYS A 56 11.58 11.62 -4.18
C LYS A 56 10.23 11.27 -3.58
N THR A 57 9.54 10.31 -4.20
CA THR A 57 8.22 9.88 -3.72
C THR A 57 8.18 8.37 -3.54
N LEU A 58 7.53 7.93 -2.45
CA LEU A 58 7.42 6.50 -2.17
C LEU A 58 5.96 6.09 -2.04
N TYR A 59 5.60 4.98 -2.69
CA TYR A 59 4.24 4.48 -2.66
C TYR A 59 4.01 3.61 -1.42
N ILE A 60 2.79 3.63 -0.90
CA ILE A 60 2.44 2.83 0.27
C ILE A 60 1.31 1.86 -0.05
N PRO A 61 1.58 0.56 0.19
CA PRO A 61 0.60 -0.50 -0.07
C PRO A 61 -0.57 -0.46 0.92
N ILE A 62 -1.77 -0.24 0.39
CA ILE A 62 -2.97 -0.18 1.23
C ILE A 62 -3.61 -1.55 1.36
N LEU A 63 -3.60 -2.08 2.57
CA LEU A 63 -4.19 -3.39 2.84
C LEU A 63 -5.53 -3.25 3.56
N THR A 64 -6.61 -3.46 2.83
CA THR A 64 -7.95 -3.37 3.39
C THR A 64 -8.74 -4.65 3.16
N GLU A 65 -9.64 -4.95 4.09
CA GLU A 65 -10.47 -6.16 3.98
C GLU A 65 -11.89 -5.80 3.55
N PRO A 66 -12.59 -6.79 2.97
CA PRO A 66 -13.97 -6.61 2.50
C PRO A 66 -14.95 -6.46 3.66
N ARG A 67 -14.44 -6.47 4.87
CA ARG A 67 -15.28 -6.33 6.06
C ARG A 67 -15.37 -4.88 6.49
N ASP A 68 -16.54 -4.28 6.31
CA ASP A 68 -16.76 -2.90 6.68
C ASP A 68 -18.14 -2.71 7.31
N LEU A 69 -18.19 -1.97 8.41
CA LEU A 69 -19.45 -1.72 9.11
C LEU A 69 -20.56 -1.35 8.12
N PHE A 70 -20.19 -0.61 7.08
CA PHE A 70 -21.15 -0.20 6.06
C PHE A 70 -20.45 0.11 4.74
N ASN A 71 -20.90 -0.55 3.68
CA ASN A 71 -20.32 -0.36 2.36
C ASN A 71 -21.15 0.60 1.52
N SER A 72 -20.50 1.62 0.96
CA SER A 72 -21.19 2.61 0.15
C SER A 72 -21.69 1.99 -1.16
N GLY A 73 -20.83 1.24 -1.82
CA GLY A 73 -21.19 0.60 -3.07
C GLY A 73 -20.40 1.13 -4.25
N PRO A 74 -20.94 0.95 -5.46
CA PRO A 74 -20.29 1.40 -6.69
C PRO A 74 -20.28 2.92 -6.82
N SER A 75 -21.04 3.59 -5.95
CA SER A 75 -21.12 5.05 -5.96
C SER A 75 -19.73 5.66 -5.78
N SER A 76 -19.37 6.58 -6.68
CA SER A 76 -18.08 7.24 -6.62
C SER A 76 -18.25 8.75 -6.50
N GLY A 77 -17.26 9.40 -5.90
CA GLY A 77 -17.32 10.85 -5.74
C GLY A 77 -16.84 11.59 -6.96
N GLY A 1 -30.99 -16.57 -4.27
CA GLY A 1 -30.31 -15.54 -5.03
C GLY A 1 -28.82 -15.78 -5.14
N SER A 2 -28.07 -14.75 -5.53
CA SER A 2 -26.63 -14.86 -5.68
C SER A 2 -25.96 -13.51 -5.46
N SER A 3 -24.91 -13.50 -4.64
CA SER A 3 -24.18 -12.27 -4.34
C SER A 3 -23.51 -11.72 -5.59
N GLY A 4 -23.18 -10.43 -5.56
CA GLY A 4 -22.54 -9.81 -6.70
C GLY A 4 -21.09 -9.48 -6.44
N SER A 5 -20.28 -9.44 -7.50
CA SER A 5 -18.87 -9.14 -7.38
C SER A 5 -18.64 -7.63 -7.28
N SER A 6 -17.39 -7.25 -7.03
CA SER A 6 -17.04 -5.84 -6.92
C SER A 6 -16.52 -5.30 -8.24
N GLY A 7 -15.52 -5.97 -8.80
CA GLY A 7 -14.93 -5.55 -10.06
C GLY A 7 -14.78 -6.69 -11.04
N CYS A 8 -14.19 -6.41 -12.20
CA CYS A 8 -13.99 -7.41 -13.23
C CYS A 8 -12.68 -8.16 -13.00
N SER A 9 -11.61 -7.41 -12.78
CA SER A 9 -10.29 -8.00 -12.55
C SER A 9 -9.98 -8.07 -11.06
N PRO A 10 -9.32 -9.17 -10.65
CA PRO A 10 -8.95 -9.39 -9.25
C PRO A 10 -7.86 -8.43 -8.78
N VAL A 11 -8.27 -7.32 -8.17
CA VAL A 11 -7.31 -6.33 -7.68
C VAL A 11 -7.44 -6.16 -6.17
N ARG A 12 -6.46 -6.65 -5.43
CA ARG A 12 -6.47 -6.55 -3.98
C ARG A 12 -5.29 -5.71 -3.49
N GLU A 13 -4.38 -5.39 -4.40
CA GLU A 13 -3.21 -4.59 -4.06
C GLU A 13 -3.33 -3.18 -4.60
N ARG A 14 -2.80 -2.21 -3.87
CA ARG A 14 -2.85 -0.81 -4.28
C ARG A 14 -1.64 -0.05 -3.76
N ARG A 15 -1.48 1.18 -4.24
CA ARG A 15 -0.36 2.02 -3.83
C ARG A 15 -0.76 3.49 -3.80
N LEU A 16 -0.33 4.20 -2.76
CA LEU A 16 -0.65 5.61 -2.61
C LEU A 16 0.61 6.46 -2.73
N GLU A 17 0.53 7.51 -3.57
CA GLU A 17 1.66 8.39 -3.78
C GLU A 17 1.87 9.31 -2.57
N HIS A 18 2.88 9.01 -1.77
CA HIS A 18 3.19 9.81 -0.59
C HIS A 18 4.34 10.77 -0.86
N GLN A 19 4.08 12.06 -0.69
CA GLN A 19 5.09 13.08 -0.92
C GLN A 19 6.18 13.01 0.15
N LEU A 20 7.17 12.16 -0.08
CA LEU A 20 8.27 12.00 0.87
C LEU A 20 8.92 13.34 1.17
N GLU A 21 9.06 13.65 2.46
CA GLU A 21 9.66 14.90 2.90
C GLU A 21 10.98 14.65 3.63
N PRO A 22 11.82 15.69 3.72
CA PRO A 22 13.11 15.60 4.40
C PRO A 22 12.97 15.47 5.91
N GLY A 23 13.14 14.25 6.41
CA GLY A 23 13.03 14.01 7.83
C GLY A 23 12.18 12.80 8.15
N ASP A 24 11.58 12.22 7.13
CA ASP A 24 10.73 11.04 7.30
C ASP A 24 11.57 9.78 7.38
N THR A 25 11.15 8.84 8.23
CA THR A 25 11.86 7.58 8.40
C THR A 25 10.97 6.38 8.09
N LEU A 26 11.54 5.37 7.46
CA LEU A 26 10.79 4.16 7.12
C LEU A 26 9.89 3.74 8.28
N ALA A 27 10.49 3.49 9.43
CA ALA A 27 9.74 3.07 10.61
C ALA A 27 8.51 3.94 10.81
N GLY A 28 8.64 5.23 10.50
CA GLY A 28 7.52 6.14 10.66
C GLY A 28 6.37 5.81 9.73
N LEU A 29 6.66 5.78 8.43
CA LEU A 29 5.64 5.49 7.43
C LEU A 29 5.00 4.13 7.69
N ALA A 30 5.84 3.10 7.85
CA ALA A 30 5.36 1.76 8.11
C ALA A 30 4.15 1.78 9.05
N LEU A 31 4.36 2.30 10.25
CA LEU A 31 3.29 2.38 11.24
C LEU A 31 2.24 3.40 10.84
N LYS A 32 2.71 4.54 10.33
CA LYS A 32 1.81 5.61 9.90
C LYS A 32 0.61 5.04 9.14
N TYR A 33 0.86 4.01 8.36
CA TYR A 33 -0.20 3.37 7.59
C TYR A 33 -0.65 2.06 8.24
N GLY A 34 0.33 1.29 8.71
CA GLY A 34 0.01 0.02 9.35
C GLY A 34 0.89 -1.11 8.85
N VAL A 35 1.57 -0.89 7.73
CA VAL A 35 2.44 -1.89 7.15
C VAL A 35 3.84 -1.83 7.77
N THR A 36 4.61 -2.89 7.57
CA THR A 36 5.97 -2.95 8.11
C THR A 36 6.98 -2.46 7.09
N MET A 37 8.01 -1.74 7.57
CA MET A 37 9.05 -1.21 6.70
C MET A 37 9.43 -2.23 5.64
N GLU A 38 9.77 -3.44 6.08
CA GLU A 38 10.17 -4.50 5.16
C GLU A 38 9.20 -4.59 3.98
N GLN A 39 7.90 -4.67 4.29
CA GLN A 39 6.87 -4.75 3.26
C GLN A 39 7.04 -3.65 2.23
N ILE A 40 6.98 -2.41 2.69
CA ILE A 40 7.11 -1.25 1.80
C ILE A 40 8.38 -1.36 0.97
N LYS A 41 9.51 -1.59 1.63
CA LYS A 41 10.79 -1.73 0.94
C LYS A 41 10.72 -2.80 -0.14
N ARG A 42 10.55 -4.04 0.28
CA ARG A 42 10.48 -5.16 -0.66
C ARG A 42 9.40 -4.90 -1.72
N ALA A 43 8.35 -4.19 -1.34
CA ALA A 43 7.27 -3.87 -2.25
C ALA A 43 7.74 -2.94 -3.36
N ASN A 44 8.75 -2.14 -3.06
CA ASN A 44 9.29 -1.20 -4.03
C ASN A 44 10.81 -1.35 -4.15
N ARG A 45 11.32 -2.50 -3.73
CA ARG A 45 12.75 -2.78 -3.78
C ARG A 45 13.55 -1.50 -3.56
N LEU A 46 13.18 -0.73 -2.55
CA LEU A 46 13.86 0.52 -2.23
C LEU A 46 15.25 0.24 -1.67
N TYR A 47 15.50 -1.02 -1.31
CA TYR A 47 16.79 -1.41 -0.76
C TYR A 47 17.93 -0.97 -1.68
N THR A 48 18.65 0.06 -1.26
CA THR A 48 19.77 0.59 -2.04
C THR A 48 20.98 0.85 -1.16
N ASN A 49 22.16 0.93 -1.78
CA ASN A 49 23.40 1.17 -1.06
C ASN A 49 23.25 2.38 -0.14
N ASP A 50 22.62 3.43 -0.65
CA ASP A 50 22.42 4.65 0.12
C ASP A 50 20.99 4.75 0.61
N SER A 51 20.79 5.51 1.68
CA SER A 51 19.46 5.68 2.27
C SER A 51 18.40 5.78 1.17
N ILE A 52 17.15 5.47 1.54
CA ILE A 52 16.05 5.53 0.58
C ILE A 52 15.75 6.96 0.17
N PHE A 53 16.15 7.91 1.00
CA PHE A 53 15.92 9.33 0.73
C PHE A 53 16.31 9.67 -0.71
N LEU A 54 17.14 8.82 -1.30
CA LEU A 54 17.60 9.02 -2.67
C LEU A 54 16.43 9.41 -3.58
N LYS A 55 15.25 8.87 -3.27
CA LYS A 55 14.06 9.15 -4.06
C LYS A 55 13.35 10.40 -3.54
N LYS A 56 12.19 10.71 -4.11
CA LYS A 56 11.41 11.87 -3.71
C LYS A 56 10.01 11.46 -3.26
N THR A 57 9.45 10.46 -3.94
CA THR A 57 8.11 9.99 -3.62
C THR A 57 8.10 8.47 -3.43
N LEU A 58 7.47 8.01 -2.36
CA LEU A 58 7.39 6.59 -2.06
C LEU A 58 5.93 6.13 -1.97
N TYR A 59 5.62 5.06 -2.68
CA TYR A 59 4.27 4.51 -2.68
C TYR A 59 4.03 3.64 -1.45
N ILE A 60 2.79 3.63 -0.97
CA ILE A 60 2.42 2.84 0.20
C ILE A 60 1.38 1.79 -0.16
N PRO A 61 1.72 0.51 0.09
CA PRO A 61 0.82 -0.61 -0.20
C PRO A 61 -0.39 -0.65 0.74
N ILE A 62 -1.58 -0.57 0.17
CA ILE A 62 -2.81 -0.58 0.95
C ILE A 62 -3.35 -2.01 1.08
N LEU A 63 -3.57 -2.44 2.31
CA LEU A 63 -4.10 -3.78 2.57
C LEU A 63 -5.57 -3.72 2.93
N THR A 64 -6.43 -4.10 1.98
CA THR A 64 -7.87 -4.10 2.21
C THR A 64 -8.46 -5.48 2.01
N GLU A 65 -9.47 -5.82 2.81
CA GLU A 65 -10.12 -7.12 2.73
C GLU A 65 -11.39 -7.03 1.88
N PRO A 66 -11.64 -8.08 1.08
CA PRO A 66 -12.81 -8.14 0.20
C PRO A 66 -14.11 -8.33 0.98
N ARG A 67 -13.97 -8.62 2.28
CA ARG A 67 -15.13 -8.82 3.14
C ARG A 67 -15.66 -7.48 3.66
N ASP A 68 -14.78 -6.69 4.26
CA ASP A 68 -15.16 -5.39 4.80
C ASP A 68 -14.95 -4.30 3.76
N LEU A 69 -15.82 -4.27 2.76
CA LEU A 69 -15.73 -3.27 1.70
C LEU A 69 -17.10 -3.01 1.09
N PHE A 70 -17.40 -1.73 0.85
CA PHE A 70 -18.67 -1.34 0.26
C PHE A 70 -18.47 -0.55 -1.02
N ASN A 71 -19.24 -0.89 -2.05
CA ASN A 71 -19.14 -0.21 -3.34
C ASN A 71 -19.22 1.30 -3.17
N SER A 72 -18.97 2.02 -4.25
CA SER A 72 -19.00 3.48 -4.22
C SER A 72 -18.92 4.05 -5.62
N GLY A 73 -19.25 5.33 -5.76
CA GLY A 73 -19.21 5.99 -7.05
C GLY A 73 -18.31 7.21 -7.07
N PRO A 74 -18.31 7.94 -8.19
CA PRO A 74 -17.49 9.15 -8.35
C PRO A 74 -17.97 10.30 -7.46
N SER A 75 -17.14 11.33 -7.36
CA SER A 75 -17.48 12.50 -6.55
C SER A 75 -17.68 13.73 -7.43
N SER A 76 -16.66 14.05 -8.22
CA SER A 76 -16.72 15.21 -9.10
C SER A 76 -18.09 15.33 -9.75
N GLY A 77 -18.43 16.54 -10.19
CA GLY A 77 -19.72 16.77 -10.82
C GLY A 77 -19.65 17.81 -11.92
N GLY A 1 -11.65 5.04 -11.96
CA GLY A 1 -13.08 5.22 -12.12
C GLY A 1 -13.75 4.01 -12.74
N SER A 2 -14.26 3.11 -11.88
CA SER A 2 -14.91 1.90 -12.35
C SER A 2 -16.35 1.84 -11.84
N SER A 3 -17.30 1.60 -12.75
CA SER A 3 -18.70 1.51 -12.38
C SER A 3 -18.91 0.52 -11.23
N GLY A 4 -19.16 1.06 -10.04
CA GLY A 4 -19.37 0.21 -8.89
C GLY A 4 -20.43 0.76 -7.95
N SER A 5 -21.55 0.04 -7.83
CA SER A 5 -22.65 0.46 -6.97
C SER A 5 -23.05 -0.66 -6.01
N SER A 6 -23.46 -1.78 -6.58
CA SER A 6 -23.88 -2.93 -5.77
C SER A 6 -22.86 -4.06 -5.88
N GLY A 7 -22.36 -4.29 -7.09
CA GLY A 7 -21.38 -5.35 -7.30
C GLY A 7 -19.95 -4.82 -7.32
N CYS A 8 -19.44 -4.46 -6.15
CA CYS A 8 -18.09 -3.94 -6.05
C CYS A 8 -17.08 -5.06 -5.77
N SER A 9 -15.90 -4.96 -6.38
CA SER A 9 -14.87 -5.98 -6.21
C SER A 9 -13.83 -5.52 -5.19
N PRO A 10 -13.31 -6.47 -4.40
CA PRO A 10 -12.30 -6.19 -3.37
C PRO A 10 -10.95 -5.82 -3.98
N VAL A 11 -10.31 -4.81 -3.40
CA VAL A 11 -9.01 -4.36 -3.88
C VAL A 11 -7.87 -5.11 -3.18
N ARG A 12 -7.14 -5.91 -3.94
CA ARG A 12 -6.03 -6.67 -3.40
C ARG A 12 -4.75 -5.85 -3.38
N GLU A 13 -4.38 -5.32 -4.55
CA GLU A 13 -3.18 -4.50 -4.66
C GLU A 13 -3.53 -3.02 -4.83
N ARG A 14 -2.70 -2.16 -4.26
CA ARG A 14 -2.92 -0.73 -4.33
C ARG A 14 -1.77 0.04 -3.70
N ARG A 15 -1.37 1.14 -4.34
CA ARG A 15 -0.27 1.96 -3.83
C ARG A 15 -0.70 3.41 -3.71
N LEU A 16 -0.27 4.07 -2.63
CA LEU A 16 -0.60 5.46 -2.39
C LEU A 16 0.65 6.33 -2.41
N GLU A 17 0.57 7.46 -3.13
CA GLU A 17 1.70 8.38 -3.23
C GLU A 17 1.87 9.16 -1.93
N HIS A 18 3.08 9.11 -1.38
CA HIS A 18 3.39 9.82 -0.13
C HIS A 18 4.59 10.74 -0.32
N GLN A 19 4.34 12.05 -0.24
CA GLN A 19 5.39 13.04 -0.40
C GLN A 19 6.51 12.82 0.62
N LEU A 20 7.49 12.01 0.23
CA LEU A 20 8.62 11.71 1.12
C LEU A 20 9.33 12.99 1.55
N GLU A 21 9.43 13.19 2.86
CA GLU A 21 10.08 14.37 3.41
C GLU A 21 11.55 14.10 3.69
N PRO A 22 12.35 15.17 3.81
CA PRO A 22 13.78 15.09 4.07
C PRO A 22 14.08 14.59 5.49
N GLY A 23 13.10 14.73 6.37
CA GLY A 23 13.27 14.29 7.75
C GLY A 23 12.34 13.16 8.12
N ASP A 24 12.01 12.32 7.15
CA ASP A 24 11.11 11.20 7.38
C ASP A 24 11.89 9.89 7.51
N THR A 25 11.25 8.89 8.11
CA THR A 25 11.90 7.59 8.30
C THR A 25 10.94 6.45 7.96
N LEU A 26 11.47 5.39 7.36
CA LEU A 26 10.66 4.23 7.00
C LEU A 26 9.75 3.81 8.14
N ALA A 27 10.34 3.64 9.33
CA ALA A 27 9.58 3.25 10.50
C ALA A 27 8.31 4.09 10.64
N GLY A 28 8.42 5.38 10.37
CA GLY A 28 7.27 6.26 10.47
C GLY A 28 6.15 5.85 9.54
N LEU A 29 6.43 5.83 8.24
CA LEU A 29 5.43 5.45 7.24
C LEU A 29 4.83 4.08 7.57
N ALA A 30 5.71 3.10 7.82
CA ALA A 30 5.27 1.75 8.14
C ALA A 30 4.05 1.77 9.05
N LEU A 31 4.22 2.28 10.25
CA LEU A 31 3.13 2.36 11.22
C LEU A 31 2.08 3.36 10.77
N LYS A 32 2.53 4.54 10.34
CA LYS A 32 1.62 5.58 9.87
C LYS A 32 0.40 4.97 9.17
N TYR A 33 0.61 3.87 8.46
CA TYR A 33 -0.46 3.20 7.75
C TYR A 33 -0.87 1.91 8.46
N GLY A 34 0.14 1.14 8.87
CA GLY A 34 -0.13 -0.11 9.56
C GLY A 34 0.80 -1.23 9.11
N VAL A 35 1.49 -1.00 8.00
CA VAL A 35 2.42 -2.00 7.47
C VAL A 35 3.81 -1.84 8.06
N THR A 36 4.70 -2.75 7.70
CA THR A 36 6.07 -2.73 8.21
C THR A 36 7.02 -2.11 7.19
N MET A 37 8.16 -1.61 7.67
CA MET A 37 9.15 -1.01 6.79
C MET A 37 9.59 -1.98 5.69
N GLU A 38 9.84 -3.22 6.08
CA GLU A 38 10.27 -4.24 5.13
C GLU A 38 9.30 -4.34 3.96
N GLN A 39 8.02 -4.57 4.28
CA GLN A 39 6.99 -4.68 3.26
C GLN A 39 7.14 -3.60 2.20
N ILE A 40 7.04 -2.35 2.63
CA ILE A 40 7.17 -1.21 1.72
C ILE A 40 8.40 -1.36 0.83
N LYS A 41 9.55 -1.61 1.46
CA LYS A 41 10.80 -1.78 0.73
C LYS A 41 10.69 -2.89 -0.30
N ARG A 42 10.58 -4.12 0.18
CA ARG A 42 10.46 -5.28 -0.69
C ARG A 42 9.39 -5.06 -1.75
N ALA A 43 8.36 -4.30 -1.40
CA ALA A 43 7.27 -4.00 -2.32
C ALA A 43 7.74 -3.14 -3.47
N ASN A 44 8.73 -2.28 -3.20
CA ASN A 44 9.29 -1.39 -4.22
C ASN A 44 10.80 -1.57 -4.33
N ARG A 45 11.29 -2.72 -3.88
CA ARG A 45 12.72 -3.00 -3.93
C ARG A 45 13.54 -1.73 -3.74
N LEU A 46 13.16 -0.95 -2.73
CA LEU A 46 13.86 0.30 -2.43
C LEU A 46 15.25 0.03 -1.87
N TYR A 47 15.49 -1.22 -1.48
CA TYR A 47 16.78 -1.62 -0.92
C TYR A 47 17.92 -1.21 -1.86
N THR A 48 18.66 -0.18 -1.46
CA THR A 48 19.78 0.31 -2.25
C THR A 48 21.00 0.56 -1.38
N ASN A 49 22.17 0.61 -2.00
CA ASN A 49 23.41 0.84 -1.29
C ASN A 49 23.31 2.08 -0.41
N ASP A 50 22.65 3.12 -0.92
CA ASP A 50 22.47 4.36 -0.18
C ASP A 50 21.06 4.46 0.38
N SER A 51 20.89 5.25 1.43
CA SER A 51 19.58 5.44 2.06
C SER A 51 18.50 5.56 1.00
N ILE A 52 17.24 5.37 1.42
CA ILE A 52 16.11 5.46 0.52
C ILE A 52 15.87 6.91 0.08
N PHE A 53 16.33 7.85 0.90
CA PHE A 53 16.16 9.27 0.60
C PHE A 53 16.54 9.57 -0.85
N LEU A 54 17.32 8.69 -1.44
CA LEU A 54 17.75 8.85 -2.83
C LEU A 54 16.58 9.23 -3.72
N LYS A 55 15.43 8.60 -3.48
CA LYS A 55 14.23 8.88 -4.26
C LYS A 55 13.55 10.16 -3.78
N LYS A 56 12.52 10.58 -4.50
CA LYS A 56 11.78 11.78 -4.15
C LYS A 56 10.46 11.43 -3.47
N THR A 57 9.67 10.58 -4.12
CA THR A 57 8.38 10.17 -3.59
C THR A 57 8.25 8.66 -3.57
N LEU A 58 7.67 8.12 -2.51
CA LEU A 58 7.48 6.69 -2.37
C LEU A 58 5.99 6.33 -2.35
N TYR A 59 5.69 5.05 -2.52
CA TYR A 59 4.32 4.57 -2.53
C TYR A 59 4.06 3.66 -1.34
N ILE A 60 2.83 3.68 -0.84
CA ILE A 60 2.44 2.85 0.29
C ILE A 60 1.39 1.83 -0.10
N PRO A 61 1.70 0.54 0.10
CA PRO A 61 0.79 -0.55 -0.23
C PRO A 61 -0.42 -0.61 0.70
N ILE A 62 -1.60 -0.40 0.15
CA ILE A 62 -2.83 -0.43 0.93
C ILE A 62 -3.37 -1.85 1.05
N LEU A 63 -3.41 -2.35 2.29
CA LEU A 63 -3.90 -3.70 2.54
C LEU A 63 -5.19 -3.66 3.36
N THR A 64 -6.30 -3.99 2.72
CA THR A 64 -7.60 -3.99 3.38
C THR A 64 -8.35 -5.30 3.12
N GLU A 65 -9.21 -5.67 4.06
CA GLU A 65 -9.99 -6.90 3.93
C GLU A 65 -11.14 -6.92 4.93
N PRO A 66 -12.29 -7.49 4.51
CA PRO A 66 -13.48 -7.59 5.35
C PRO A 66 -13.31 -8.57 6.50
N ARG A 67 -13.27 -8.05 7.72
CA ARG A 67 -13.10 -8.89 8.90
C ARG A 67 -14.28 -8.72 9.85
N ASP A 68 -14.38 -7.53 10.45
CA ASP A 68 -15.46 -7.24 11.39
C ASP A 68 -16.41 -6.20 10.82
N LEU A 69 -17.70 -6.47 10.91
CA LEU A 69 -18.72 -5.55 10.39
C LEU A 69 -18.29 -4.11 10.58
N PHE A 70 -17.83 -3.48 9.51
CA PHE A 70 -17.38 -2.10 9.55
C PHE A 70 -18.56 -1.14 9.41
N ASN A 71 -19.23 -0.87 10.53
CA ASN A 71 -20.37 0.03 10.53
C ASN A 71 -20.05 1.35 9.83
N SER A 72 -20.88 1.72 8.87
CA SER A 72 -20.67 2.96 8.12
C SER A 72 -21.92 3.34 7.34
N GLY A 73 -22.09 4.64 7.10
CA GLY A 73 -23.25 5.10 6.37
C GLY A 73 -23.85 6.37 6.96
N PRO A 74 -23.26 7.52 6.59
CA PRO A 74 -23.73 8.82 7.09
C PRO A 74 -25.09 9.21 6.52
N SER A 75 -26.10 9.22 7.38
CA SER A 75 -27.46 9.56 6.97
C SER A 75 -27.47 10.92 6.26
N SER A 76 -26.82 11.90 6.87
CA SER A 76 -26.76 13.24 6.30
C SER A 76 -25.54 13.40 5.39
N GLY A 77 -25.78 13.83 4.16
CA GLY A 77 -24.69 14.01 3.22
C GLY A 77 -25.18 14.41 1.84
N GLY A 1 -17.28 -19.68 -14.41
CA GLY A 1 -16.34 -20.26 -15.35
C GLY A 1 -16.47 -19.66 -16.75
N SER A 2 -15.98 -18.43 -16.89
CA SER A 2 -16.04 -17.75 -18.19
C SER A 2 -17.44 -17.84 -18.79
N SER A 3 -18.45 -17.82 -17.92
CA SER A 3 -19.84 -17.91 -18.36
C SER A 3 -20.37 -16.53 -18.77
N GLY A 4 -20.09 -15.54 -17.94
CA GLY A 4 -20.55 -14.19 -18.23
C GLY A 4 -19.48 -13.14 -17.96
N SER A 5 -19.88 -11.88 -17.98
CA SER A 5 -18.95 -10.78 -17.75
C SER A 5 -19.24 -10.10 -16.40
N SER A 6 -18.21 -9.99 -15.57
CA SER A 6 -18.36 -9.36 -14.26
C SER A 6 -19.17 -8.08 -14.37
N GLY A 7 -18.81 -7.23 -15.31
CA GLY A 7 -19.52 -5.98 -15.50
C GLY A 7 -18.77 -4.79 -14.92
N CYS A 8 -18.15 -5.01 -13.76
CA CYS A 8 -17.39 -3.95 -13.08
C CYS A 8 -15.95 -4.36 -12.88
N SER A 9 -15.05 -3.38 -12.85
CA SER A 9 -13.63 -3.65 -12.67
C SER A 9 -13.18 -3.23 -11.27
N PRO A 10 -13.28 -4.17 -10.32
CA PRO A 10 -12.89 -3.93 -8.93
C PRO A 10 -11.37 -3.78 -8.77
N VAL A 11 -10.97 -3.15 -7.67
CA VAL A 11 -9.54 -2.94 -7.41
C VAL A 11 -9.06 -3.87 -6.30
N ARG A 12 -7.98 -4.62 -6.59
CA ARG A 12 -7.42 -5.54 -5.62
C ARG A 12 -6.15 -4.98 -4.99
N GLU A 13 -5.24 -4.49 -5.84
CA GLU A 13 -3.99 -3.91 -5.36
C GLU A 13 -3.87 -2.46 -5.78
N ARG A 14 -3.74 -1.57 -4.80
CA ARG A 14 -3.62 -0.14 -5.06
C ARG A 14 -2.57 0.50 -4.15
N ARG A 15 -1.75 1.36 -4.72
CA ARG A 15 -0.70 2.04 -3.97
C ARG A 15 -0.99 3.53 -3.82
N LEU A 16 -0.52 4.12 -2.74
CA LEU A 16 -0.73 5.54 -2.48
C LEU A 16 0.57 6.32 -2.63
N GLU A 17 0.52 7.41 -3.40
CA GLU A 17 1.69 8.24 -3.63
C GLU A 17 1.92 9.18 -2.44
N HIS A 18 3.02 8.96 -1.73
CA HIS A 18 3.35 9.78 -0.57
C HIS A 18 4.54 10.69 -0.88
N GLN A 19 4.31 12.00 -0.76
CA GLN A 19 5.36 12.98 -1.02
C GLN A 19 6.47 12.89 0.01
N LEU A 20 7.28 11.85 -0.09
CA LEU A 20 8.39 11.64 0.83
C LEU A 20 9.08 12.96 1.16
N GLU A 21 9.07 13.33 2.43
CA GLU A 21 9.70 14.58 2.87
C GLU A 21 11.04 14.30 3.54
N PRO A 22 11.96 15.26 3.46
CA PRO A 22 13.29 15.15 4.05
C PRO A 22 13.26 15.19 5.57
N GLY A 23 13.01 14.03 6.19
CA GLY A 23 12.94 13.95 7.64
C GLY A 23 12.19 12.73 8.12
N ASP A 24 11.39 12.14 7.24
CA ASP A 24 10.61 10.96 7.59
C ASP A 24 11.51 9.73 7.70
N THR A 25 11.00 8.69 8.34
CA THR A 25 11.76 7.46 8.52
C THR A 25 10.92 6.23 8.19
N LEU A 26 11.55 5.22 7.60
CA LEU A 26 10.85 3.99 7.22
C LEU A 26 9.94 3.53 8.36
N ALA A 27 10.52 3.30 9.53
CA ALA A 27 9.77 2.86 10.69
C ALA A 27 8.55 3.74 10.92
N GLY A 28 8.63 4.99 10.45
CA GLY A 28 7.52 5.91 10.63
C GLY A 28 6.36 5.60 9.69
N LEU A 29 6.59 5.72 8.40
CA LEU A 29 5.57 5.46 7.39
C LEU A 29 4.91 4.10 7.64
N ALA A 30 5.73 3.11 8.00
CA ALA A 30 5.22 1.77 8.26
C ALA A 30 3.99 1.81 9.17
N LEU A 31 4.17 2.37 10.36
CA LEU A 31 3.06 2.48 11.31
C LEU A 31 2.04 3.51 10.87
N LYS A 32 2.53 4.67 10.45
CA LYS A 32 1.66 5.74 9.98
C LYS A 32 0.48 5.18 9.18
N TYR A 33 0.71 4.08 8.48
CA TYR A 33 -0.32 3.45 7.68
C TYR A 33 -0.82 2.17 8.35
N GLY A 34 -0.01 1.13 8.31
CA GLY A 34 -0.38 -0.13 8.93
C GLY A 34 0.41 -1.31 8.36
N VAL A 35 1.67 -1.06 8.03
CA VAL A 35 2.53 -2.10 7.48
C VAL A 35 3.90 -2.09 8.14
N THR A 36 4.80 -2.93 7.66
CA THR A 36 6.15 -3.02 8.19
C THR A 36 7.17 -2.48 7.20
N MET A 37 8.14 -1.72 7.71
CA MET A 37 9.18 -1.14 6.87
C MET A 37 9.57 -2.11 5.75
N GLU A 38 9.89 -3.34 6.14
CA GLU A 38 10.28 -4.37 5.16
C GLU A 38 9.31 -4.39 3.99
N GLN A 39 8.03 -4.62 4.29
CA GLN A 39 7.01 -4.68 3.26
C GLN A 39 7.18 -3.55 2.25
N ILE A 40 7.07 -2.31 2.73
CA ILE A 40 7.21 -1.14 1.87
C ILE A 40 8.43 -1.27 0.97
N LYS A 41 9.58 -1.56 1.58
CA LYS A 41 10.82 -1.71 0.83
C LYS A 41 10.69 -2.81 -0.22
N ARG A 42 10.58 -4.05 0.25
CA ARG A 42 10.47 -5.19 -0.65
C ARG A 42 9.40 -4.93 -1.72
N ALA A 43 8.41 -4.13 -1.37
CA ALA A 43 7.33 -3.80 -2.30
C ALA A 43 7.85 -2.93 -3.44
N ASN A 44 8.82 -2.07 -3.13
CA ASN A 44 9.38 -1.17 -4.13
C ASN A 44 10.90 -1.35 -4.21
N ARG A 45 11.38 -2.50 -3.76
CA ARG A 45 12.80 -2.79 -3.79
C ARG A 45 13.63 -1.52 -3.57
N LEU A 46 13.23 -0.74 -2.56
CA LEU A 46 13.93 0.49 -2.24
C LEU A 46 15.32 0.22 -1.66
N TYR A 47 15.53 -1.03 -1.25
CA TYR A 47 16.82 -1.43 -0.68
C TYR A 47 17.97 -1.05 -1.61
N THR A 48 18.71 -0.02 -1.24
CA THR A 48 19.83 0.45 -2.03
C THR A 48 21.05 0.73 -1.16
N ASN A 49 22.23 0.76 -1.78
CA ASN A 49 23.46 1.02 -1.05
C ASN A 49 23.35 2.28 -0.21
N ASP A 50 22.69 3.29 -0.76
CA ASP A 50 22.51 4.56 -0.05
C ASP A 50 21.07 4.68 0.48
N SER A 51 20.91 5.50 1.51
CA SER A 51 19.59 5.71 2.11
C SER A 51 18.50 5.76 1.04
N ILE A 52 17.26 5.52 1.44
CA ILE A 52 16.14 5.54 0.52
C ILE A 52 15.81 6.97 0.09
N PHE A 53 16.22 7.94 0.90
CA PHE A 53 15.98 9.34 0.60
C PHE A 53 16.35 9.67 -0.84
N LEU A 54 17.18 8.81 -1.44
CA LEU A 54 17.61 9.01 -2.81
C LEU A 54 16.45 9.40 -3.71
N LYS A 55 15.30 8.77 -3.48
CA LYS A 55 14.10 9.06 -4.26
C LYS A 55 13.40 10.31 -3.75
N LYS A 56 12.25 10.63 -4.34
CA LYS A 56 11.49 11.81 -3.93
C LYS A 56 10.11 11.40 -3.41
N THR A 57 9.48 10.45 -4.09
CA THR A 57 8.16 9.98 -3.68
C THR A 57 8.15 8.46 -3.52
N LEU A 58 7.51 8.00 -2.45
CA LEU A 58 7.43 6.57 -2.17
C LEU A 58 5.97 6.12 -2.06
N TYR A 59 5.64 5.04 -2.78
CA TYR A 59 4.28 4.52 -2.77
C TYR A 59 4.05 3.63 -1.54
N ILE A 60 2.82 3.66 -1.02
CA ILE A 60 2.47 2.85 0.14
C ILE A 60 1.41 1.82 -0.20
N PRO A 61 1.74 0.54 0.04
CA PRO A 61 0.82 -0.57 -0.23
C PRO A 61 -0.38 -0.59 0.71
N ILE A 62 -1.57 -0.43 0.15
CA ILE A 62 -2.80 -0.42 0.94
C ILE A 62 -3.37 -1.83 1.07
N LEU A 63 -3.45 -2.33 2.30
CA LEU A 63 -3.99 -3.66 2.56
C LEU A 63 -5.42 -3.59 3.06
N THR A 64 -6.37 -3.90 2.18
CA THR A 64 -7.78 -3.86 2.53
C THR A 64 -8.30 -5.26 2.85
N GLU A 65 -9.20 -5.34 3.83
CA GLU A 65 -9.77 -6.62 4.24
C GLU A 65 -10.71 -7.16 3.16
N PRO A 66 -10.72 -8.49 2.99
CA PRO A 66 -11.56 -9.16 1.99
C PRO A 66 -13.03 -9.10 2.37
N ARG A 67 -13.32 -8.68 3.59
CA ARG A 67 -14.70 -8.58 4.07
C ARG A 67 -15.47 -7.54 3.28
N ASP A 68 -14.99 -6.30 3.30
CA ASP A 68 -15.63 -5.22 2.58
C ASP A 68 -16.13 -5.68 1.22
N LEU A 69 -17.11 -4.96 0.68
CA LEU A 69 -17.67 -5.30 -0.63
C LEU A 69 -16.63 -5.17 -1.73
N PHE A 70 -16.49 -6.21 -2.55
CA PHE A 70 -15.52 -6.20 -3.64
C PHE A 70 -15.96 -5.23 -4.74
N ASN A 71 -17.14 -5.47 -5.30
CA ASN A 71 -17.66 -4.61 -6.36
C ASN A 71 -17.66 -3.16 -5.93
N SER A 72 -18.35 -2.86 -4.85
CA SER A 72 -18.43 -1.49 -4.33
C SER A 72 -18.58 -0.49 -5.48
N GLY A 73 -19.40 -0.85 -6.46
CA GLY A 73 -19.63 0.02 -7.60
C GLY A 73 -20.75 -0.46 -8.48
N PRO A 74 -22.00 -0.32 -7.99
CA PRO A 74 -23.19 -0.74 -8.74
C PRO A 74 -23.46 0.15 -9.95
N SER A 75 -23.95 -0.46 -11.03
CA SER A 75 -24.25 0.28 -12.25
C SER A 75 -25.24 1.42 -11.97
N SER A 76 -24.68 2.59 -11.68
CA SER A 76 -25.51 3.76 -11.40
C SER A 76 -26.70 3.84 -12.36
N GLY A 77 -27.90 3.85 -11.80
CA GLY A 77 -29.10 3.92 -12.63
C GLY A 77 -28.92 4.84 -13.83
N GLY A 1 -18.96 -29.63 11.80
CA GLY A 1 -18.72 -29.86 10.38
C GLY A 1 -18.34 -28.59 9.64
N SER A 2 -17.96 -28.74 8.38
CA SER A 2 -17.56 -27.59 7.56
C SER A 2 -17.33 -28.02 6.12
N SER A 3 -18.05 -27.38 5.20
CA SER A 3 -17.92 -27.69 3.78
C SER A 3 -18.36 -26.51 2.92
N GLY A 4 -17.59 -26.21 1.89
CA GLY A 4 -17.92 -25.10 1.00
C GLY A 4 -16.91 -23.97 1.09
N SER A 5 -16.76 -23.23 0.00
CA SER A 5 -15.81 -22.12 -0.05
C SER A 5 -16.33 -20.93 0.75
N SER A 6 -15.94 -20.86 2.02
CA SER A 6 -16.36 -19.78 2.90
C SER A 6 -15.75 -18.46 2.45
N GLY A 7 -16.60 -17.56 1.97
CA GLY A 7 -16.13 -16.26 1.51
C GLY A 7 -14.79 -16.34 0.79
N CYS A 8 -14.77 -17.06 -0.33
CA CYS A 8 -13.54 -17.22 -1.10
C CYS A 8 -13.50 -16.21 -2.25
N SER A 9 -13.01 -15.01 -1.95
CA SER A 9 -12.92 -13.96 -2.95
C SER A 9 -11.48 -13.46 -3.08
N PRO A 10 -11.09 -13.10 -4.31
CA PRO A 10 -9.74 -12.60 -4.60
C PRO A 10 -9.50 -11.21 -4.02
N VAL A 11 -8.28 -10.97 -3.56
CA VAL A 11 -7.92 -9.68 -2.98
C VAL A 11 -6.95 -8.92 -3.88
N ARG A 12 -6.99 -7.60 -3.81
CA ARG A 12 -6.12 -6.75 -4.61
C ARG A 12 -5.55 -5.60 -3.78
N GLU A 13 -4.24 -5.40 -3.88
CA GLU A 13 -3.58 -4.33 -3.13
C GLU A 13 -3.37 -3.11 -4.01
N ARG A 14 -3.25 -1.94 -3.38
CA ARG A 14 -3.04 -0.70 -4.10
C ARG A 14 -1.81 0.04 -3.59
N ARG A 15 -1.58 1.24 -4.11
CA ARG A 15 -0.44 2.05 -3.71
C ARG A 15 -0.80 3.52 -3.65
N LEU A 16 -0.37 4.18 -2.58
CA LEU A 16 -0.66 5.60 -2.39
C LEU A 16 0.62 6.43 -2.54
N GLU A 17 0.54 7.49 -3.35
CA GLU A 17 1.69 8.36 -3.58
C GLU A 17 1.94 9.25 -2.36
N HIS A 18 3.02 8.98 -1.65
CA HIS A 18 3.38 9.75 -0.47
C HIS A 18 4.55 10.69 -0.75
N GLN A 19 4.29 11.99 -0.66
CA GLN A 19 5.32 12.99 -0.91
C GLN A 19 6.43 12.90 0.12
N LEU A 20 7.41 12.04 -0.14
CA LEU A 20 8.54 11.86 0.77
C LEU A 20 9.24 13.19 1.04
N GLU A 21 9.42 13.51 2.32
CA GLU A 21 10.07 14.75 2.71
C GLU A 21 11.36 14.47 3.48
N PRO A 22 12.26 15.46 3.52
CA PRO A 22 13.55 15.34 4.22
C PRO A 22 13.38 15.31 5.73
N GLY A 23 13.43 14.10 6.29
CA GLY A 23 13.29 13.95 7.73
C GLY A 23 12.45 12.75 8.11
N ASP A 24 11.69 12.23 7.14
CA ASP A 24 10.84 11.07 7.37
C ASP A 24 11.67 9.81 7.53
N THR A 25 11.05 8.76 8.08
CA THR A 25 11.74 7.49 8.28
C THR A 25 10.82 6.31 7.96
N LEU A 26 11.41 5.24 7.43
CA LEU A 26 10.65 4.06 7.08
C LEU A 26 9.71 3.65 8.20
N ALA A 27 10.27 3.36 9.37
CA ALA A 27 9.48 2.98 10.52
C ALA A 27 8.27 3.88 10.69
N GLY A 28 8.44 5.16 10.40
CA GLY A 28 7.35 6.12 10.52
C GLY A 28 6.19 5.79 9.61
N LEU A 29 6.45 5.78 8.30
CA LEU A 29 5.41 5.48 7.33
C LEU A 29 4.82 4.09 7.56
N ALA A 30 5.68 3.15 7.92
CA ALA A 30 5.24 1.78 8.18
C ALA A 30 4.03 1.76 9.10
N LEU A 31 4.17 2.32 10.30
CA LEU A 31 3.08 2.37 11.27
C LEU A 31 2.03 3.39 10.85
N LYS A 32 2.48 4.58 10.48
CA LYS A 32 1.59 5.65 10.06
C LYS A 32 0.38 5.08 9.30
N TYR A 33 0.61 3.99 8.57
CA TYR A 33 -0.45 3.35 7.80
C TYR A 33 -0.91 2.07 8.48
N GLY A 34 -0.04 1.05 8.46
CA GLY A 34 -0.37 -0.21 9.06
C GLY A 34 0.42 -1.36 8.48
N VAL A 35 1.66 -1.09 8.10
CA VAL A 35 2.53 -2.11 7.52
C VAL A 35 3.92 -2.07 8.13
N THR A 36 4.81 -2.92 7.62
CA THR A 36 6.18 -2.97 8.13
C THR A 36 7.16 -2.39 7.13
N MET A 37 8.17 -1.71 7.63
CA MET A 37 9.19 -1.10 6.77
C MET A 37 9.62 -2.05 5.67
N GLU A 38 9.85 -3.31 6.04
CA GLU A 38 10.25 -4.33 5.07
C GLU A 38 9.30 -4.37 3.88
N GLN A 39 8.01 -4.53 4.17
CA GLN A 39 6.99 -4.58 3.14
C GLN A 39 7.17 -3.45 2.14
N ILE A 40 7.12 -2.21 2.63
CA ILE A 40 7.27 -1.04 1.79
C ILE A 40 8.52 -1.16 0.90
N LYS A 41 9.64 -1.50 1.51
CA LYS A 41 10.90 -1.64 0.78
C LYS A 41 10.79 -2.76 -0.25
N ARG A 42 10.69 -4.00 0.22
CA ARG A 42 10.59 -5.15 -0.67
C ARG A 42 9.54 -4.91 -1.74
N ALA A 43 8.49 -4.17 -1.40
CA ALA A 43 7.41 -3.86 -2.33
C ALA A 43 7.92 -2.96 -3.46
N ASN A 44 8.87 -2.10 -3.14
CA ASN A 44 9.43 -1.18 -4.13
C ASN A 44 10.95 -1.34 -4.22
N ARG A 45 11.44 -2.50 -3.82
CA ARG A 45 12.86 -2.79 -3.85
C ARG A 45 13.68 -1.52 -3.62
N LEU A 46 13.28 -0.74 -2.63
CA LEU A 46 13.96 0.50 -2.30
C LEU A 46 15.34 0.23 -1.71
N TYR A 47 15.57 -1.03 -1.32
CA TYR A 47 16.85 -1.42 -0.75
C TYR A 47 18.00 -1.01 -1.64
N THR A 48 18.74 0.03 -1.23
CA THR A 48 19.87 0.51 -2.01
C THR A 48 21.08 0.76 -1.11
N ASN A 49 22.26 0.82 -1.72
CA ASN A 49 23.49 1.06 -0.97
C ASN A 49 23.35 2.28 -0.08
N ASP A 50 22.74 3.33 -0.60
CA ASP A 50 22.54 4.57 0.15
C ASP A 50 21.09 4.69 0.63
N SER A 51 20.88 5.46 1.68
CA SER A 51 19.55 5.65 2.24
C SER A 51 18.51 5.73 1.13
N ILE A 52 17.26 5.43 1.47
CA ILE A 52 16.17 5.46 0.50
C ILE A 52 15.88 6.89 0.05
N PHE A 53 16.32 7.86 0.86
CA PHE A 53 16.11 9.26 0.53
C PHE A 53 16.51 9.57 -0.90
N LEU A 54 17.31 8.68 -1.48
CA LEU A 54 17.77 8.85 -2.86
C LEU A 54 16.59 9.13 -3.79
N LYS A 55 15.44 8.58 -3.46
CA LYS A 55 14.23 8.77 -4.27
C LYS A 55 13.54 10.08 -3.89
N LYS A 56 12.38 10.32 -4.51
CA LYS A 56 11.62 11.53 -4.25
C LYS A 56 10.26 11.19 -3.61
N THR A 57 9.56 10.25 -4.23
CA THR A 57 8.25 9.84 -3.73
C THR A 57 8.19 8.32 -3.55
N LEU A 58 7.59 7.88 -2.44
CA LEU A 58 7.47 6.46 -2.15
C LEU A 58 6.00 6.06 -2.02
N TYR A 59 5.62 4.98 -2.69
CA TYR A 59 4.25 4.49 -2.65
C TYR A 59 4.03 3.60 -1.43
N ILE A 60 2.81 3.62 -0.90
CA ILE A 60 2.48 2.81 0.27
C ILE A 60 1.40 1.78 -0.08
N PRO A 61 1.70 0.51 0.17
CA PRO A 61 0.77 -0.60 -0.11
C PRO A 61 -0.42 -0.60 0.86
N ILE A 62 -1.62 -0.43 0.30
CA ILE A 62 -2.83 -0.42 1.11
C ILE A 62 -3.40 -1.83 1.28
N LEU A 63 -3.51 -2.27 2.52
CA LEU A 63 -4.04 -3.59 2.81
C LEU A 63 -5.40 -3.50 3.52
N THR A 64 -6.45 -3.87 2.80
CA THR A 64 -7.81 -3.83 3.37
C THR A 64 -8.53 -5.16 3.16
N GLU A 65 -8.96 -5.76 4.26
CA GLU A 65 -9.66 -7.03 4.21
C GLU A 65 -11.13 -6.82 3.87
N PRO A 66 -11.64 -7.64 2.93
CA PRO A 66 -13.04 -7.57 2.50
C PRO A 66 -14.01 -8.04 3.57
N ARG A 67 -14.58 -7.08 4.31
CA ARG A 67 -15.53 -7.39 5.37
C ARG A 67 -16.95 -7.04 4.94
N ASP A 68 -17.92 -7.44 5.76
CA ASP A 68 -19.32 -7.17 5.48
C ASP A 68 -19.89 -6.16 6.46
N LEU A 69 -19.82 -4.88 6.10
CA LEU A 69 -20.33 -3.81 6.94
C LEU A 69 -21.43 -3.03 6.24
N PHE A 70 -22.67 -3.51 6.39
CA PHE A 70 -23.82 -2.85 5.78
C PHE A 70 -23.53 -2.53 4.31
N ASN A 71 -22.95 -3.49 3.60
CA ASN A 71 -22.61 -3.30 2.19
C ASN A 71 -23.87 -3.24 1.34
N SER A 72 -24.81 -4.16 1.61
CA SER A 72 -26.06 -4.22 0.86
C SER A 72 -26.65 -2.82 0.68
N GLY A 73 -26.61 -2.02 1.74
CA GLY A 73 -27.14 -0.67 1.68
C GLY A 73 -26.21 0.28 0.95
N PRO A 74 -26.72 1.47 0.63
CA PRO A 74 -25.95 2.50 -0.09
C PRO A 74 -24.83 3.09 0.77
N SER A 75 -24.04 3.97 0.18
CA SER A 75 -22.92 4.60 0.90
C SER A 75 -23.41 5.80 1.70
N SER A 76 -24.00 6.78 1.00
CA SER A 76 -24.51 7.98 1.65
C SER A 76 -25.95 7.78 2.11
N GLY A 77 -26.75 7.16 1.27
CA GLY A 77 -28.15 6.92 1.61
C GLY A 77 -29.09 7.26 0.47
N GLY A 1 -34.41 -16.51 -14.85
CA GLY A 1 -33.09 -16.78 -15.39
C GLY A 1 -32.14 -15.59 -15.24
N SER A 2 -31.74 -15.32 -14.00
CA SER A 2 -30.84 -14.20 -13.73
C SER A 2 -29.80 -14.06 -14.83
N SER A 3 -29.45 -12.81 -15.15
CA SER A 3 -28.48 -12.53 -16.19
C SER A 3 -27.98 -11.09 -16.10
N GLY A 4 -27.02 -10.75 -16.96
CA GLY A 4 -26.49 -9.40 -16.96
C GLY A 4 -25.26 -9.26 -16.07
N SER A 5 -24.26 -10.09 -16.31
CA SER A 5 -23.04 -10.07 -15.52
C SER A 5 -22.55 -8.63 -15.32
N SER A 6 -21.99 -8.36 -14.15
CA SER A 6 -21.49 -7.04 -13.83
C SER A 6 -19.97 -7.03 -13.74
N GLY A 7 -19.34 -6.02 -14.33
CA GLY A 7 -17.89 -5.92 -14.30
C GLY A 7 -17.37 -5.44 -12.96
N CYS A 8 -17.78 -6.11 -11.89
CA CYS A 8 -17.35 -5.73 -10.55
C CYS A 8 -16.08 -6.48 -10.16
N SER A 9 -14.94 -5.93 -10.55
CA SER A 9 -13.65 -6.54 -10.24
C SER A 9 -12.97 -5.83 -9.07
N PRO A 10 -13.12 -6.42 -7.87
CA PRO A 10 -12.53 -5.87 -6.65
C PRO A 10 -11.01 -5.98 -6.63
N VAL A 11 -10.34 -4.87 -6.37
CA VAL A 11 -8.88 -4.85 -6.32
C VAL A 11 -8.36 -5.55 -5.07
N ARG A 12 -7.11 -5.99 -5.13
CA ARG A 12 -6.49 -6.67 -4.00
C ARG A 12 -5.40 -5.80 -3.37
N GLU A 13 -4.48 -5.33 -4.20
CA GLU A 13 -3.38 -4.50 -3.71
C GLU A 13 -3.45 -3.10 -4.32
N ARG A 14 -3.04 -2.10 -3.56
CA ARG A 14 -3.06 -0.72 -4.02
C ARG A 14 -1.85 0.05 -3.50
N ARG A 15 -1.54 1.17 -4.15
CA ARG A 15 -0.41 1.99 -3.75
C ARG A 15 -0.80 3.47 -3.70
N LEU A 16 -0.35 4.15 -2.66
CA LEU A 16 -0.65 5.58 -2.49
C LEU A 16 0.61 6.42 -2.57
N GLU A 17 0.56 7.49 -3.36
CA GLU A 17 1.70 8.38 -3.52
C GLU A 17 1.91 9.23 -2.27
N HIS A 18 3.09 9.14 -1.69
CA HIS A 18 3.42 9.91 -0.50
C HIS A 18 4.69 10.73 -0.71
N GLN A 19 4.54 12.05 -0.73
CA GLN A 19 5.67 12.95 -0.94
C GLN A 19 6.73 12.73 0.15
N LEU A 20 7.65 11.80 -0.12
CA LEU A 20 8.72 11.49 0.83
C LEU A 20 9.51 12.75 1.17
N GLU A 21 9.53 13.09 2.45
CA GLU A 21 10.26 14.27 2.91
C GLU A 21 11.63 13.88 3.48
N PRO A 22 12.58 14.81 3.43
CA PRO A 22 13.94 14.59 3.94
C PRO A 22 13.98 14.50 5.46
N GLY A 23 12.81 14.57 6.08
CA GLY A 23 12.74 14.50 7.53
C GLY A 23 11.85 13.37 8.01
N ASP A 24 11.67 12.37 7.16
CA ASP A 24 10.82 11.22 7.50
C ASP A 24 11.67 9.97 7.71
N THR A 25 11.05 8.91 8.22
CA THR A 25 11.74 7.66 8.47
C THR A 25 10.90 6.47 8.02
N LEU A 26 11.58 5.38 7.67
CA LEU A 26 10.89 4.17 7.22
C LEU A 26 9.93 3.66 8.29
N ALA A 27 10.43 3.51 9.51
CA ALA A 27 9.61 3.05 10.62
C ALA A 27 8.38 3.92 10.82
N GLY A 28 8.51 5.20 10.45
CA GLY A 28 7.41 6.12 10.59
C GLY A 28 6.25 5.79 9.65
N LEU A 29 6.56 5.73 8.36
CA LEU A 29 5.54 5.43 7.35
C LEU A 29 4.88 4.09 7.64
N ALA A 30 5.68 3.06 7.83
CA ALA A 30 5.17 1.72 8.11
C ALA A 30 3.97 1.79 9.06
N LEU A 31 4.21 2.33 10.25
CA LEU A 31 3.15 2.44 11.25
C LEU A 31 2.11 3.47 10.83
N LYS A 32 2.57 4.65 10.42
CA LYS A 32 1.68 5.70 9.97
C LYS A 32 0.47 5.13 9.24
N TYR A 33 0.70 4.05 8.50
CA TYR A 33 -0.37 3.41 7.75
C TYR A 33 -0.82 2.11 8.42
N GLY A 34 0.15 1.35 8.92
CA GLY A 34 -0.16 0.11 9.59
C GLY A 34 0.74 -1.04 9.13
N VAL A 35 1.35 -0.87 7.96
CA VAL A 35 2.23 -1.89 7.42
C VAL A 35 3.64 -1.76 7.98
N THR A 36 4.47 -2.75 7.70
CA THR A 36 5.85 -2.75 8.19
C THR A 36 6.80 -2.14 7.16
N MET A 37 7.93 -1.63 7.62
CA MET A 37 8.91 -1.02 6.74
C MET A 37 9.33 -1.99 5.64
N GLU A 38 9.86 -3.14 6.03
CA GLU A 38 10.30 -4.15 5.07
C GLU A 38 9.31 -4.26 3.92
N GLN A 39 8.06 -4.53 4.25
CA GLN A 39 7.01 -4.66 3.24
C GLN A 39 7.17 -3.59 2.15
N ILE A 40 7.01 -2.33 2.55
CA ILE A 40 7.13 -1.22 1.62
C ILE A 40 8.38 -1.35 0.76
N LYS A 41 9.54 -1.44 1.42
CA LYS A 41 10.81 -1.57 0.73
C LYS A 41 10.75 -2.69 -0.30
N ARG A 42 10.60 -3.92 0.17
CA ARG A 42 10.53 -5.08 -0.71
C ARG A 42 9.48 -4.87 -1.80
N ALA A 43 8.41 -4.16 -1.46
CA ALA A 43 7.34 -3.89 -2.39
C ALA A 43 7.80 -2.97 -3.52
N ASN A 44 8.76 -2.11 -3.21
CA ASN A 44 9.30 -1.17 -4.19
C ASN A 44 10.81 -1.33 -4.32
N ARG A 45 11.32 -2.49 -3.91
CA ARG A 45 12.75 -2.75 -3.98
C ARG A 45 13.55 -1.48 -3.74
N LEU A 46 13.16 -0.71 -2.73
CA LEU A 46 13.84 0.52 -2.39
C LEU A 46 15.23 0.24 -1.81
N TYR A 47 15.46 -1.01 -1.43
CA TYR A 47 16.75 -1.41 -0.86
C TYR A 47 17.89 -1.00 -1.77
N THR A 48 18.63 0.03 -1.35
CA THR A 48 19.76 0.52 -2.13
C THR A 48 20.97 0.77 -1.24
N ASN A 49 22.14 0.82 -1.86
CA ASN A 49 23.39 1.05 -1.12
C ASN A 49 23.25 2.25 -0.18
N ASP A 50 22.63 3.31 -0.68
CA ASP A 50 22.43 4.52 0.11
C ASP A 50 20.99 4.62 0.60
N SER A 51 20.79 5.36 1.68
CA SER A 51 19.46 5.54 2.24
C SER A 51 18.41 5.66 1.15
N ILE A 52 17.16 5.36 1.50
CA ILE A 52 16.07 5.44 0.54
C ILE A 52 15.81 6.87 0.11
N PHE A 53 16.25 7.82 0.93
CA PHE A 53 16.06 9.24 0.64
C PHE A 53 16.45 9.55 -0.80
N LEU A 54 17.25 8.67 -1.40
CA LEU A 54 17.69 8.85 -2.77
C LEU A 54 16.51 9.17 -3.69
N LYS A 55 15.32 8.70 -3.31
CA LYS A 55 14.12 8.95 -4.09
C LYS A 55 13.43 10.23 -3.63
N LYS A 56 12.27 10.53 -4.23
CA LYS A 56 11.51 11.72 -3.88
C LYS A 56 10.13 11.34 -3.34
N THR A 57 9.47 10.42 -4.02
CA THR A 57 8.14 9.97 -3.61
C THR A 57 8.09 8.45 -3.48
N LEU A 58 7.49 7.98 -2.39
CA LEU A 58 7.37 6.54 -2.15
C LEU A 58 5.91 6.12 -2.07
N TYR A 59 5.61 4.94 -2.59
CA TYR A 59 4.25 4.43 -2.58
C TYR A 59 4.03 3.49 -1.39
N ILE A 60 2.81 3.50 -0.86
CA ILE A 60 2.46 2.66 0.29
C ILE A 60 1.43 1.61 -0.10
N PRO A 61 1.77 0.33 0.09
CA PRO A 61 0.88 -0.79 -0.22
C PRO A 61 -0.31 -0.87 0.74
N ILE A 62 -1.50 -0.70 0.20
CA ILE A 62 -2.72 -0.76 1.00
C ILE A 62 -3.31 -2.16 1.00
N LEU A 63 -3.38 -2.77 2.19
CA LEU A 63 -3.93 -4.11 2.31
C LEU A 63 -5.36 -4.07 2.85
N THR A 64 -6.33 -4.29 1.94
CA THR A 64 -7.73 -4.26 2.32
C THR A 64 -8.39 -5.61 2.02
N GLU A 65 -9.28 -6.04 2.90
CA GLU A 65 -9.99 -7.30 2.73
C GLU A 65 -10.71 -7.35 1.39
N PRO A 66 -10.76 -8.54 0.78
CA PRO A 66 -11.42 -8.74 -0.51
C PRO A 66 -12.93 -8.62 -0.43
N ARG A 67 -13.45 -8.51 0.80
CA ARG A 67 -14.87 -8.38 1.03
C ARG A 67 -15.20 -7.11 1.80
N ASP A 68 -15.62 -6.07 1.07
CA ASP A 68 -15.95 -4.79 1.69
C ASP A 68 -17.36 -4.36 1.29
N LEU A 69 -17.81 -3.23 1.84
CA LEU A 69 -19.13 -2.71 1.55
C LEU A 69 -19.32 -2.54 0.05
N PHE A 70 -20.16 -3.41 -0.54
CA PHE A 70 -20.43 -3.35 -1.97
C PHE A 70 -20.81 -1.93 -2.39
N ASN A 71 -20.36 -1.53 -3.58
CA ASN A 71 -20.65 -0.21 -4.11
C ASN A 71 -22.09 -0.13 -4.60
N SER A 72 -22.58 1.10 -4.77
CA SER A 72 -23.95 1.31 -5.24
C SER A 72 -24.14 0.76 -6.65
N GLY A 73 -24.88 -0.35 -6.74
CA GLY A 73 -25.13 -0.97 -8.03
C GLY A 73 -26.49 -0.63 -8.58
N PRO A 74 -26.76 -1.06 -9.83
CA PRO A 74 -28.04 -0.80 -10.50
C PRO A 74 -29.18 -1.61 -9.88
N SER A 75 -29.85 -1.01 -8.89
CA SER A 75 -30.97 -1.67 -8.22
C SER A 75 -31.91 -0.64 -7.59
N SER A 76 -33.12 -1.08 -7.29
CA SER A 76 -34.12 -0.20 -6.69
C SER A 76 -34.17 -0.39 -5.17
N GLY A 77 -33.68 0.60 -4.45
CA GLY A 77 -33.68 0.54 -3.00
C GLY A 77 -35.05 0.72 -2.41
N GLY A 1 2.86 -17.56 -22.72
CA GLY A 1 3.67 -17.54 -21.53
C GLY A 1 2.95 -18.11 -20.32
N SER A 2 3.43 -19.24 -19.82
CA SER A 2 2.81 -19.88 -18.67
C SER A 2 3.64 -19.66 -17.40
N SER A 3 3.11 -18.82 -16.50
CA SER A 3 3.81 -18.51 -15.26
C SER A 3 5.30 -18.30 -15.51
N GLY A 4 5.62 -17.60 -16.59
CA GLY A 4 7.02 -17.34 -16.91
C GLY A 4 7.61 -16.21 -16.10
N SER A 5 7.55 -16.34 -14.78
CA SER A 5 8.07 -15.32 -13.88
C SER A 5 8.29 -15.88 -12.48
N SER A 6 9.46 -15.60 -11.90
CA SER A 6 9.80 -16.09 -10.57
C SER A 6 9.57 -15.00 -9.52
N GLY A 7 9.13 -15.40 -8.34
CA GLY A 7 8.89 -14.45 -7.27
C GLY A 7 7.49 -14.57 -6.72
N CYS A 8 6.58 -13.73 -7.20
CA CYS A 8 5.20 -13.74 -6.74
C CYS A 8 4.26 -13.17 -7.81
N SER A 9 2.96 -13.39 -7.63
CA SER A 9 1.97 -12.91 -8.58
C SER A 9 0.96 -11.98 -7.89
N PRO A 10 1.28 -10.68 -7.87
CA PRO A 10 0.41 -9.67 -7.25
C PRO A 10 -0.88 -9.45 -8.04
N VAL A 11 -2.01 -9.59 -7.35
CA VAL A 11 -3.31 -9.40 -7.99
C VAL A 11 -3.91 -8.04 -7.62
N ARG A 12 -4.47 -7.36 -8.62
CA ARG A 12 -5.07 -6.06 -8.40
C ARG A 12 -4.25 -5.23 -7.42
N GLU A 13 -2.93 -5.34 -7.52
CA GLU A 13 -2.03 -4.61 -6.64
C GLU A 13 -2.20 -3.10 -6.83
N ARG A 14 -1.89 -2.35 -5.78
CA ARG A 14 -2.01 -0.89 -5.83
C ARG A 14 -1.16 -0.25 -4.75
N ARG A 15 -0.83 1.02 -4.94
CA ARG A 15 -0.02 1.77 -3.98
C ARG A 15 -0.41 3.24 -3.95
N LEU A 16 -0.38 3.83 -2.77
CA LEU A 16 -0.73 5.24 -2.61
C LEU A 16 0.52 6.12 -2.61
N GLU A 17 0.48 7.19 -3.40
CA GLU A 17 1.60 8.11 -3.51
C GLU A 17 1.71 8.98 -2.26
N HIS A 18 2.89 8.97 -1.64
CA HIS A 18 3.14 9.75 -0.44
C HIS A 18 4.28 10.74 -0.65
N GLN A 19 4.04 12.00 -0.29
CA GLN A 19 5.04 13.04 -0.43
C GLN A 19 6.16 12.87 0.59
N LEU A 20 7.20 12.16 0.21
CA LEU A 20 8.34 11.93 1.11
C LEU A 20 9.08 13.23 1.39
N GLU A 21 9.02 13.68 2.64
CA GLU A 21 9.68 14.90 3.05
C GLU A 21 11.00 14.60 3.76
N PRO A 22 11.89 15.61 3.82
CA PRO A 22 13.19 15.48 4.47
C PRO A 22 13.08 15.36 5.99
N GLY A 23 12.84 14.14 6.45
CA GLY A 23 12.72 13.91 7.88
C GLY A 23 12.00 12.62 8.20
N ASP A 24 11.19 12.15 7.27
CA ASP A 24 10.42 10.92 7.46
C ASP A 24 11.35 9.72 7.56
N THR A 25 10.88 8.66 8.19
CA THR A 25 11.67 7.45 8.35
C THR A 25 10.84 6.20 8.06
N LEU A 26 11.47 5.20 7.46
CA LEU A 26 10.80 3.95 7.12
C LEU A 26 9.84 3.54 8.24
N ALA A 27 10.38 3.32 9.43
CA ALA A 27 9.57 2.93 10.58
C ALA A 27 8.37 3.85 10.74
N GLY A 28 8.55 5.13 10.41
CA GLY A 28 7.48 6.09 10.52
C GLY A 28 6.31 5.78 9.61
N LEU A 29 6.58 5.75 8.31
CA LEU A 29 5.54 5.46 7.33
C LEU A 29 4.89 4.10 7.60
N ALA A 30 5.72 3.09 7.84
CA ALA A 30 5.23 1.75 8.13
C ALA A 30 4.02 1.79 9.07
N LEU A 31 4.25 2.28 10.28
CA LEU A 31 3.19 2.37 11.28
C LEU A 31 2.17 3.44 10.89
N LYS A 32 2.67 4.59 10.45
CA LYS A 32 1.80 5.69 10.03
C LYS A 32 0.54 5.16 9.34
N TYR A 33 0.71 4.12 8.55
CA TYR A 33 -0.41 3.51 7.83
C TYR A 33 -0.87 2.24 8.51
N GLY A 34 0.08 1.39 8.87
CA GLY A 34 -0.25 0.14 9.53
C GLY A 34 0.61 -1.02 9.05
N VAL A 35 1.34 -0.79 7.97
CA VAL A 35 2.22 -1.83 7.42
C VAL A 35 3.60 -1.77 8.04
N THR A 36 4.45 -2.71 7.66
CA THR A 36 5.82 -2.77 8.18
C THR A 36 6.81 -2.22 7.18
N MET A 37 7.91 -1.67 7.69
CA MET A 37 8.95 -1.10 6.82
C MET A 37 9.33 -2.08 5.72
N GLU A 38 9.85 -3.24 6.11
CA GLU A 38 10.25 -4.26 5.15
C GLU A 38 9.29 -4.30 3.96
N GLN A 39 8.01 -4.51 4.24
CA GLN A 39 7.00 -4.57 3.20
C GLN A 39 7.19 -3.45 2.18
N ILE A 40 6.97 -2.21 2.62
CA ILE A 40 7.12 -1.05 1.75
C ILE A 40 8.33 -1.21 0.84
N LYS A 41 9.47 -1.57 1.42
CA LYS A 41 10.70 -1.76 0.67
C LYS A 41 10.55 -2.88 -0.35
N ARG A 42 10.46 -4.11 0.14
CA ARG A 42 10.31 -5.28 -0.73
C ARG A 42 9.23 -5.03 -1.78
N ALA A 43 8.29 -4.15 -1.46
CA ALA A 43 7.21 -3.82 -2.39
C ALA A 43 7.71 -2.95 -3.53
N ASN A 44 8.65 -2.06 -3.22
CA ASN A 44 9.22 -1.16 -4.22
C ASN A 44 10.73 -1.35 -4.34
N ARG A 45 11.22 -2.51 -3.89
CA ARG A 45 12.64 -2.80 -3.94
C ARG A 45 13.47 -1.54 -3.74
N LEU A 46 13.11 -0.77 -2.71
CA LEU A 46 13.82 0.47 -2.40
C LEU A 46 15.18 0.17 -1.78
N TYR A 47 15.37 -1.07 -1.34
CA TYR A 47 16.62 -1.48 -0.72
C TYR A 47 17.81 -1.14 -1.62
N THR A 48 18.56 -0.11 -1.25
CA THR A 48 19.72 0.32 -2.02
C THR A 48 20.92 0.59 -1.11
N ASN A 49 22.11 0.58 -1.69
CA ASN A 49 23.33 0.81 -0.95
C ASN A 49 23.21 2.06 -0.08
N ASP A 50 22.59 3.09 -0.63
CA ASP A 50 22.40 4.36 0.08
C ASP A 50 20.97 4.49 0.58
N SER A 51 20.78 5.30 1.61
CA SER A 51 19.45 5.50 2.19
C SER A 51 18.40 5.60 1.10
N ILE A 52 17.14 5.40 1.47
CA ILE A 52 16.03 5.47 0.52
C ILE A 52 15.77 6.90 0.10
N PHE A 53 16.19 7.85 0.92
CA PHE A 53 16.00 9.27 0.63
C PHE A 53 16.44 9.60 -0.80
N LEU A 54 17.25 8.71 -1.38
CA LEU A 54 17.75 8.91 -2.73
C LEU A 54 16.61 9.26 -3.68
N LYS A 55 15.41 8.81 -3.35
CA LYS A 55 14.23 9.07 -4.17
C LYS A 55 13.53 10.35 -3.72
N LYS A 56 12.53 10.77 -4.49
CA LYS A 56 11.78 11.97 -4.17
C LYS A 56 10.43 11.63 -3.53
N THR A 57 9.66 10.77 -4.19
CA THR A 57 8.36 10.36 -3.68
C THR A 57 8.25 8.83 -3.65
N LEU A 58 7.63 8.32 -2.59
CA LEU A 58 7.45 6.88 -2.44
C LEU A 58 5.97 6.53 -2.39
N TYR A 59 5.68 5.22 -2.43
CA TYR A 59 4.30 4.75 -2.39
C TYR A 59 4.08 3.82 -1.20
N ILE A 60 2.87 3.84 -0.66
CA ILE A 60 2.52 3.00 0.49
C ILE A 60 1.56 1.89 0.07
N PRO A 61 1.94 0.63 0.38
CA PRO A 61 1.13 -0.54 0.06
C PRO A 61 -0.14 -0.62 0.90
N ILE A 62 -1.28 -0.61 0.23
CA ILE A 62 -2.57 -0.68 0.92
C ILE A 62 -3.07 -2.12 1.01
N LEU A 63 -3.30 -2.59 2.24
CA LEU A 63 -3.77 -3.94 2.46
C LEU A 63 -5.27 -3.95 2.80
N THR A 64 -6.08 -4.36 1.83
CA THR A 64 -7.53 -4.41 2.03
C THR A 64 -8.06 -5.82 1.84
N GLU A 65 -9.21 -6.11 2.44
CA GLU A 65 -9.82 -7.42 2.34
C GLU A 65 -10.82 -7.48 1.19
N PRO A 66 -11.09 -8.69 0.70
CA PRO A 66 -12.02 -8.91 -0.42
C PRO A 66 -13.47 -8.64 -0.01
N ARG A 67 -13.69 -8.44 1.29
CA ARG A 67 -15.03 -8.18 1.80
C ARG A 67 -15.26 -6.67 1.95
N ASP A 68 -15.98 -6.09 1.00
CA ASP A 68 -16.28 -4.66 1.03
C ASP A 68 -17.75 -4.42 0.74
N LEU A 69 -18.26 -3.28 1.23
CA LEU A 69 -19.66 -2.91 1.03
C LEU A 69 -19.97 -2.76 -0.45
N PHE A 70 -21.26 -2.69 -0.78
CA PHE A 70 -21.69 -2.53 -2.17
C PHE A 70 -22.35 -1.17 -2.38
N ASN A 71 -23.33 -0.86 -1.53
CA ASN A 71 -24.05 0.41 -1.63
C ASN A 71 -23.07 1.59 -1.61
N SER A 72 -22.68 2.04 -2.79
CA SER A 72 -21.74 3.16 -2.90
C SER A 72 -22.12 4.06 -4.08
N GLY A 73 -22.17 5.36 -3.83
CA GLY A 73 -22.51 6.30 -4.88
C GLY A 73 -24.01 6.48 -5.03
N PRO A 74 -24.59 7.36 -4.21
CA PRO A 74 -26.03 7.64 -4.24
C PRO A 74 -26.45 8.38 -5.49
N SER A 75 -27.76 8.53 -5.68
CA SER A 75 -28.29 9.22 -6.85
C SER A 75 -29.13 10.42 -6.43
N SER A 76 -29.72 11.10 -7.41
CA SER A 76 -30.53 12.29 -7.15
C SER A 76 -31.94 12.10 -7.71
N GLY A 77 -32.03 11.50 -8.89
CA GLY A 77 -33.32 11.28 -9.51
C GLY A 77 -33.34 11.69 -10.97
N GLY A 1 -27.11 -9.19 11.62
CA GLY A 1 -27.94 -9.58 10.50
C GLY A 1 -27.19 -9.59 9.19
N SER A 2 -26.54 -8.48 8.88
CA SER A 2 -25.79 -8.35 7.64
C SER A 2 -24.84 -9.54 7.45
N SER A 3 -25.18 -10.42 6.51
CA SER A 3 -24.38 -11.61 6.25
C SER A 3 -24.61 -12.11 4.82
N GLY A 4 -23.59 -12.73 4.24
CA GLY A 4 -23.71 -13.26 2.90
C GLY A 4 -23.24 -12.27 1.85
N SER A 5 -22.13 -12.59 1.19
CA SER A 5 -21.57 -11.73 0.16
C SER A 5 -20.63 -12.51 -0.76
N SER A 6 -20.99 -12.59 -2.03
CA SER A 6 -20.19 -13.30 -3.01
C SER A 6 -20.40 -12.73 -4.41
N GLY A 7 -19.67 -13.27 -5.39
CA GLY A 7 -19.79 -12.81 -6.75
C GLY A 7 -18.45 -12.45 -7.36
N CYS A 8 -18.21 -11.15 -7.50
CA CYS A 8 -16.95 -10.67 -8.08
C CYS A 8 -16.22 -9.75 -7.11
N SER A 9 -14.90 -9.91 -7.03
CA SER A 9 -14.09 -9.09 -6.14
C SER A 9 -13.56 -7.87 -6.86
N PRO A 10 -13.47 -6.74 -6.13
CA PRO A 10 -12.97 -5.48 -6.68
C PRO A 10 -11.48 -5.52 -6.97
N VAL A 11 -10.90 -4.36 -7.29
CA VAL A 11 -9.47 -4.27 -7.58
C VAL A 11 -8.64 -4.59 -6.35
N ARG A 12 -7.43 -5.10 -6.59
CA ARG A 12 -6.53 -5.46 -5.50
C ARG A 12 -5.27 -4.59 -5.54
N GLU A 13 -4.64 -4.52 -6.70
CA GLU A 13 -3.43 -3.73 -6.87
C GLU A 13 -3.72 -2.24 -6.70
N ARG A 14 -3.32 -1.70 -5.55
CA ARG A 14 -3.54 -0.28 -5.26
C ARG A 14 -2.45 0.25 -4.33
N ARG A 15 -1.79 1.32 -4.75
CA ARG A 15 -0.72 1.93 -3.96
C ARG A 15 -0.90 3.45 -3.89
N LEU A 16 -0.70 4.00 -2.70
CA LEU A 16 -0.84 5.44 -2.51
C LEU A 16 0.52 6.13 -2.60
N GLU A 17 0.57 7.23 -3.36
CA GLU A 17 1.80 7.98 -3.53
C GLU A 17 2.01 8.96 -2.38
N HIS A 18 3.12 8.78 -1.65
CA HIS A 18 3.43 9.64 -0.52
C HIS A 18 4.57 10.60 -0.87
N GLN A 19 4.31 11.89 -0.75
CA GLN A 19 5.32 12.90 -1.06
C GLN A 19 6.45 12.86 -0.04
N LEU A 20 7.34 11.88 -0.18
CA LEU A 20 8.47 11.74 0.73
C LEU A 20 9.06 13.10 1.08
N GLU A 21 9.04 13.43 2.37
CA GLU A 21 9.58 14.70 2.83
C GLU A 21 10.91 14.49 3.56
N PRO A 22 11.74 15.54 3.57
CA PRO A 22 13.05 15.50 4.22
C PRO A 22 12.94 15.45 5.74
N GLY A 23 13.00 14.23 6.28
CA GLY A 23 12.91 14.05 7.72
C GLY A 23 12.12 12.81 8.11
N ASP A 24 11.38 12.27 7.15
CA ASP A 24 10.57 11.07 7.39
C ASP A 24 11.47 9.85 7.57
N THR A 25 10.91 8.79 8.16
CA THR A 25 11.65 7.56 8.40
C THR A 25 10.80 6.34 8.08
N LEU A 26 11.46 5.26 7.68
CA LEU A 26 10.77 4.02 7.33
C LEU A 26 9.84 3.59 8.46
N ALA A 27 10.40 3.45 9.67
CA ALA A 27 9.61 3.04 10.83
C ALA A 27 8.38 3.93 11.00
N GLY A 28 8.53 5.21 10.66
CA GLY A 28 7.43 6.14 10.78
C GLY A 28 6.28 5.81 9.84
N LEU A 29 6.58 5.80 8.55
CA LEU A 29 5.56 5.49 7.54
C LEU A 29 4.94 4.13 7.79
N ALA A 30 5.77 3.14 8.04
CA ALA A 30 5.30 1.78 8.31
C ALA A 30 4.04 1.80 9.17
N LEU A 31 4.15 2.38 10.36
CA LEU A 31 3.02 2.46 11.28
C LEU A 31 2.01 3.51 10.81
N LYS A 32 2.52 4.68 10.41
CA LYS A 32 1.66 5.76 9.94
C LYS A 32 0.50 5.21 9.11
N TYR A 33 0.75 4.13 8.39
CA TYR A 33 -0.27 3.51 7.56
C TYR A 33 -0.81 2.24 8.21
N GLY A 34 0.05 1.23 8.33
CA GLY A 34 -0.35 -0.03 8.93
C GLY A 34 0.38 -1.22 8.34
N VAL A 35 1.65 -1.02 8.01
CA VAL A 35 2.46 -2.08 7.42
C VAL A 35 3.86 -2.10 8.04
N THR A 36 4.69 -3.03 7.58
CA THR A 36 6.04 -3.16 8.09
C THR A 36 7.05 -2.54 7.13
N MET A 37 8.07 -1.88 7.68
CA MET A 37 9.10 -1.23 6.87
C MET A 37 9.52 -2.13 5.73
N GLU A 38 9.85 -3.38 6.04
CA GLU A 38 10.28 -4.34 5.02
C GLU A 38 9.30 -4.37 3.86
N GLN A 39 8.04 -4.66 4.16
CA GLN A 39 7.00 -4.71 3.13
C GLN A 39 7.16 -3.56 2.13
N ILE A 40 7.08 -2.34 2.64
CA ILE A 40 7.22 -1.15 1.79
C ILE A 40 8.42 -1.28 0.86
N LYS A 41 9.60 -1.46 1.45
CA LYS A 41 10.83 -1.59 0.67
C LYS A 41 10.69 -2.71 -0.36
N ARG A 42 10.55 -3.94 0.11
CA ARG A 42 10.42 -5.09 -0.78
C ARG A 42 9.35 -4.83 -1.84
N ALA A 43 8.39 -3.97 -1.51
CA ALA A 43 7.32 -3.64 -2.44
C ALA A 43 7.82 -2.75 -3.56
N ASN A 44 8.76 -1.86 -3.24
CA ASN A 44 9.32 -0.94 -4.22
C ASN A 44 10.83 -1.13 -4.33
N ARG A 45 11.31 -2.30 -3.94
CA ARG A 45 12.74 -2.60 -3.99
C ARG A 45 13.56 -1.35 -3.74
N LEU A 46 13.19 -0.60 -2.70
CA LEU A 46 13.90 0.62 -2.35
C LEU A 46 15.28 0.31 -1.79
N TYR A 47 15.51 -0.95 -1.43
CA TYR A 47 16.79 -1.39 -0.88
C TYR A 47 17.93 -0.98 -1.80
N THR A 48 18.68 0.04 -1.38
CA THR A 48 19.81 0.54 -2.16
C THR A 48 21.03 0.77 -1.28
N ASN A 49 22.20 0.83 -1.90
CA ASN A 49 23.44 1.04 -1.17
C ASN A 49 23.35 2.30 -0.31
N ASP A 50 22.71 3.33 -0.85
CA ASP A 50 22.55 4.59 -0.12
C ASP A 50 21.13 4.73 0.42
N SER A 51 20.98 5.55 1.45
CA SER A 51 19.67 5.77 2.06
C SER A 51 18.58 5.80 1.01
N ILE A 52 17.35 5.52 1.42
CA ILE A 52 16.21 5.52 0.51
C ILE A 52 15.88 6.92 0.04
N PHE A 53 16.27 7.92 0.84
CA PHE A 53 16.02 9.31 0.49
C PHE A 53 16.40 9.59 -0.95
N LEU A 54 17.24 8.74 -1.52
CA LEU A 54 17.68 8.89 -2.91
C LEU A 54 16.50 9.18 -3.82
N LYS A 55 15.33 8.63 -3.48
CA LYS A 55 14.12 8.83 -4.26
C LYS A 55 13.43 10.14 -3.86
N LYS A 56 12.27 10.38 -4.46
CA LYS A 56 11.51 11.58 -4.18
C LYS A 56 10.14 11.24 -3.59
N THR A 57 9.46 10.28 -4.23
CA THR A 57 8.14 9.86 -3.78
C THR A 57 8.11 8.37 -3.51
N LEU A 58 7.59 7.99 -2.35
CA LEU A 58 7.50 6.58 -1.98
C LEU A 58 6.03 6.14 -1.85
N TYR A 59 5.65 5.13 -2.61
CA TYR A 59 4.29 4.62 -2.58
C TYR A 59 4.09 3.65 -1.40
N ILE A 60 2.88 3.64 -0.86
CA ILE A 60 2.56 2.76 0.26
C ILE A 60 1.47 1.77 -0.11
N PRO A 61 1.76 0.47 0.09
CA PRO A 61 0.81 -0.61 -0.21
C PRO A 61 -0.38 -0.62 0.74
N ILE A 62 -1.57 -0.40 0.20
CA ILE A 62 -2.79 -0.39 1.02
C ILE A 62 -3.41 -1.78 1.08
N LEU A 63 -3.63 -2.27 2.30
CA LEU A 63 -4.22 -3.59 2.48
C LEU A 63 -5.71 -3.47 2.82
N THR A 64 -6.56 -3.76 1.83
CA THR A 64 -8.01 -3.68 2.02
C THR A 64 -8.66 -5.04 1.77
N GLU A 65 -9.83 -5.23 2.37
CA GLU A 65 -10.56 -6.49 2.20
C GLU A 65 -11.68 -6.33 1.17
N PRO A 66 -12.06 -7.45 0.54
CA PRO A 66 -13.13 -7.47 -0.46
C PRO A 66 -14.51 -7.22 0.13
N ARG A 67 -14.56 -7.12 1.46
CA ARG A 67 -15.82 -6.88 2.16
C ARG A 67 -16.69 -5.90 1.39
N ASP A 68 -17.97 -6.23 1.27
CA ASP A 68 -18.91 -5.36 0.55
C ASP A 68 -20.34 -5.84 0.76
N LEU A 69 -21.29 -5.17 0.11
CA LEU A 69 -22.70 -5.52 0.23
C LEU A 69 -23.33 -5.67 -1.15
N PHE A 70 -22.90 -4.84 -2.10
CA PHE A 70 -23.43 -4.88 -3.45
C PHE A 70 -22.41 -4.32 -4.44
N ASN A 71 -22.61 -4.62 -5.72
CA ASN A 71 -21.71 -4.15 -6.77
C ASN A 71 -21.75 -2.63 -6.86
N SER A 72 -20.65 -2.04 -7.34
CA SER A 72 -20.55 -0.60 -7.48
C SER A 72 -19.37 -0.21 -8.37
N GLY A 73 -19.65 0.62 -9.37
CA GLY A 73 -18.60 1.05 -10.28
C GLY A 73 -18.08 2.44 -9.95
N PRO A 74 -17.43 3.08 -10.93
CA PRO A 74 -16.88 4.43 -10.77
C PRO A 74 -17.96 5.49 -10.64
N SER A 75 -17.55 6.70 -10.30
CA SER A 75 -18.48 7.82 -10.14
C SER A 75 -18.06 9.02 -10.99
N SER A 76 -16.82 9.43 -10.83
CA SER A 76 -16.28 10.56 -11.58
C SER A 76 -16.08 10.20 -13.04
N GLY A 77 -17.15 10.27 -13.82
CA GLY A 77 -17.06 9.94 -15.23
C GLY A 77 -17.26 11.15 -16.12
N GLY A 1 -26.30 -16.31 7.17
CA GLY A 1 -26.54 -17.33 6.16
C GLY A 1 -25.27 -17.92 5.61
N SER A 2 -25.38 -18.61 4.47
CA SER A 2 -24.23 -19.24 3.84
C SER A 2 -23.33 -18.19 3.20
N SER A 3 -22.08 -18.56 2.96
CA SER A 3 -21.11 -17.66 2.36
C SER A 3 -21.21 -17.69 0.84
N GLY A 4 -21.33 -18.89 0.27
CA GLY A 4 -21.43 -19.03 -1.16
C GLY A 4 -20.12 -19.40 -1.81
N SER A 5 -19.93 -18.96 -3.05
CA SER A 5 -18.70 -19.26 -3.78
C SER A 5 -18.11 -17.98 -4.38
N SER A 6 -16.87 -18.07 -4.85
CA SER A 6 -16.19 -16.93 -5.44
C SER A 6 -16.08 -17.08 -6.95
N GLY A 7 -15.98 -15.95 -7.64
CA GLY A 7 -15.87 -15.99 -9.09
C GLY A 7 -14.44 -15.81 -9.58
N CYS A 8 -14.16 -16.31 -10.78
CA CYS A 8 -12.81 -16.21 -11.35
C CYS A 8 -12.49 -14.77 -11.71
N SER A 9 -11.76 -14.10 -10.83
CA SER A 9 -11.38 -12.70 -11.06
C SER A 9 -9.87 -12.54 -10.94
N PRO A 10 -9.30 -11.64 -11.76
CA PRO A 10 -7.86 -11.35 -11.77
C PRO A 10 -7.41 -10.62 -10.52
N VAL A 11 -6.11 -10.45 -10.37
CA VAL A 11 -5.54 -9.76 -9.21
C VAL A 11 -4.82 -8.49 -9.64
N ARG A 12 -4.99 -7.43 -8.84
CA ARG A 12 -4.36 -6.16 -9.13
C ARG A 12 -3.70 -5.59 -7.88
N GLU A 13 -2.65 -4.78 -8.08
CA GLU A 13 -1.93 -4.18 -6.97
C GLU A 13 -2.00 -2.65 -7.05
N ARG A 14 -2.35 -2.03 -5.93
CA ARG A 14 -2.46 -0.57 -5.86
C ARG A 14 -1.57 -0.01 -4.76
N ARG A 15 -1.25 1.28 -4.87
CA ARG A 15 -0.40 1.93 -3.87
C ARG A 15 -0.79 3.39 -3.70
N LEU A 16 -0.27 4.03 -2.66
CA LEU A 16 -0.57 5.43 -2.38
C LEU A 16 0.70 6.27 -2.41
N GLU A 17 0.69 7.32 -3.23
CA GLU A 17 1.84 8.20 -3.35
C GLU A 17 1.97 9.09 -2.11
N HIS A 18 3.16 9.09 -1.51
CA HIS A 18 3.41 9.90 -0.32
C HIS A 18 4.61 10.82 -0.54
N GLN A 19 4.35 12.12 -0.58
CA GLN A 19 5.41 13.11 -0.78
C GLN A 19 6.51 12.95 0.27
N LEU A 20 7.47 12.08 -0.02
CA LEU A 20 8.58 11.84 0.90
C LEU A 20 9.34 13.13 1.19
N GLU A 21 9.32 13.55 2.46
CA GLU A 21 10.01 14.77 2.86
C GLU A 21 11.38 14.45 3.43
N PRO A 22 12.29 15.42 3.37
CA PRO A 22 13.66 15.28 3.88
C PRO A 22 13.71 15.21 5.40
N GLY A 23 13.41 14.02 5.94
CA GLY A 23 13.42 13.85 7.38
C GLY A 23 12.61 12.66 7.83
N ASP A 24 11.62 12.29 7.02
CA ASP A 24 10.75 11.15 7.35
C ASP A 24 11.59 9.89 7.55
N THR A 25 10.97 8.89 8.18
CA THR A 25 11.65 7.63 8.44
C THR A 25 10.77 6.44 8.07
N LEU A 26 11.38 5.41 7.48
CA LEU A 26 10.64 4.22 7.08
C LEU A 26 9.71 3.75 8.19
N ALA A 27 10.23 3.67 9.41
CA ALA A 27 9.45 3.25 10.56
C ALA A 27 8.18 4.09 10.69
N GLY A 28 8.34 5.40 10.69
CA GLY A 28 7.19 6.28 10.81
C GLY A 28 6.09 5.94 9.83
N LEU A 29 6.45 5.83 8.56
CA LEU A 29 5.48 5.51 7.52
C LEU A 29 4.79 4.18 7.80
N ALA A 30 5.59 3.13 7.97
CA ALA A 30 5.05 1.81 8.25
C ALA A 30 3.86 1.89 9.19
N LEU A 31 4.10 2.36 10.41
CA LEU A 31 3.04 2.49 11.42
C LEU A 31 1.98 3.48 10.96
N LYS A 32 2.43 4.63 10.48
CA LYS A 32 1.52 5.67 10.01
C LYS A 32 0.33 5.06 9.28
N TYR A 33 0.59 4.00 8.51
CA TYR A 33 -0.45 3.33 7.76
C TYR A 33 -0.88 2.02 8.45
N GLY A 34 0.06 1.10 8.56
CA GLY A 34 -0.23 -0.18 9.19
C GLY A 34 0.55 -1.33 8.57
N VAL A 35 1.76 -1.05 8.13
CA VAL A 35 2.61 -2.07 7.51
C VAL A 35 4.02 -2.03 8.08
N THR A 36 4.84 -3.01 7.67
CA THR A 36 6.21 -3.09 8.15
C THR A 36 7.18 -2.49 7.13
N MET A 37 8.14 -1.70 7.60
CA MET A 37 9.11 -1.07 6.73
C MET A 37 9.59 -2.06 5.66
N GLU A 38 10.18 -3.17 6.09
CA GLU A 38 10.67 -4.18 5.17
C GLU A 38 9.74 -4.31 3.96
N GLN A 39 8.47 -4.59 4.22
CA GLN A 39 7.48 -4.73 3.16
C GLN A 39 7.59 -3.58 2.15
N ILE A 40 7.25 -2.39 2.61
CA ILE A 40 7.29 -1.20 1.76
C ILE A 40 8.53 -1.23 0.86
N LYS A 41 9.62 -1.78 1.37
CA LYS A 41 10.87 -1.88 0.62
C LYS A 41 10.82 -3.03 -0.38
N ARG A 42 10.17 -4.12 0.03
CA ARG A 42 10.05 -5.29 -0.84
C ARG A 42 9.07 -5.04 -1.98
N ALA A 43 8.05 -4.24 -1.69
CA ALA A 43 7.03 -3.91 -2.70
C ALA A 43 7.60 -2.98 -3.75
N ASN A 44 8.52 -2.11 -3.35
CA ASN A 44 9.14 -1.17 -4.28
C ASN A 44 10.65 -1.39 -4.35
N ARG A 45 11.10 -2.55 -3.89
CA ARG A 45 12.52 -2.87 -3.89
C ARG A 45 13.37 -1.63 -3.67
N LEU A 46 13.03 -0.87 -2.64
CA LEU A 46 13.76 0.35 -2.32
C LEU A 46 15.16 0.03 -1.79
N TYR A 47 15.37 -1.24 -1.44
CA TYR A 47 16.67 -1.67 -0.92
C TYR A 47 17.79 -1.29 -1.88
N THR A 48 18.56 -0.27 -1.50
CA THR A 48 19.66 0.20 -2.32
C THR A 48 20.92 0.44 -1.48
N ASN A 49 22.07 0.48 -2.13
CA ASN A 49 23.34 0.69 -1.45
C ASN A 49 23.29 1.95 -0.59
N ASP A 50 22.64 2.99 -1.11
CA ASP A 50 22.51 4.26 -0.40
C ASP A 50 21.11 4.40 0.19
N SER A 51 21.00 5.22 1.23
CA SER A 51 19.71 5.45 1.89
C SER A 51 18.59 5.53 0.86
N ILE A 52 17.37 5.32 1.32
CA ILE A 52 16.20 5.37 0.45
C ILE A 52 15.89 6.80 0.03
N PHE A 53 16.31 7.76 0.84
CA PHE A 53 16.09 9.17 0.55
C PHE A 53 16.44 9.49 -0.90
N LEU A 54 17.26 8.63 -1.50
CA LEU A 54 17.68 8.82 -2.89
C LEU A 54 16.50 9.23 -3.76
N LYS A 55 15.37 8.55 -3.59
CA LYS A 55 14.17 8.85 -4.37
C LYS A 55 13.51 10.13 -3.87
N LYS A 56 12.35 10.46 -4.43
CA LYS A 56 11.63 11.66 -4.06
C LYS A 56 10.27 11.30 -3.44
N THR A 57 9.56 10.39 -4.09
CA THR A 57 8.25 9.95 -3.63
C THR A 57 8.20 8.44 -3.46
N LEU A 58 7.58 7.99 -2.37
CA LEU A 58 7.46 6.57 -2.09
C LEU A 58 6.00 6.16 -1.96
N TYR A 59 5.63 5.08 -2.66
CA TYR A 59 4.26 4.59 -2.64
C TYR A 59 4.03 3.68 -1.43
N ILE A 60 2.81 3.69 -0.91
CA ILE A 60 2.46 2.88 0.25
C ILE A 60 1.46 1.80 -0.13
N PRO A 61 1.81 0.53 0.17
CA PRO A 61 0.95 -0.61 -0.12
C PRO A 61 -0.31 -0.64 0.75
N ILE A 62 -1.47 -0.64 0.10
CA ILE A 62 -2.75 -0.66 0.80
C ILE A 62 -3.29 -2.09 0.91
N LEU A 63 -3.49 -2.55 2.14
CA LEU A 63 -4.01 -3.89 2.38
C LEU A 63 -5.51 -3.85 2.67
N THR A 64 -6.31 -4.24 1.67
CA THR A 64 -7.75 -4.24 1.82
C THR A 64 -8.32 -5.64 1.60
N GLU A 65 -9.49 -5.90 2.16
CA GLU A 65 -10.14 -7.20 2.03
C GLU A 65 -10.22 -7.61 0.56
N PRO A 66 -10.26 -8.93 0.32
CA PRO A 66 -10.34 -9.48 -1.03
C PRO A 66 -11.70 -9.23 -1.68
N ARG A 67 -12.63 -8.69 -0.90
CA ARG A 67 -13.97 -8.41 -1.40
C ARG A 67 -14.14 -6.92 -1.67
N ASP A 68 -14.21 -6.55 -2.95
CA ASP A 68 -14.38 -5.17 -3.34
C ASP A 68 -15.73 -4.94 -4.00
N LEU A 69 -16.05 -3.67 -4.28
CA LEU A 69 -17.32 -3.33 -4.91
C LEU A 69 -17.10 -2.80 -6.32
N PHE A 70 -15.90 -2.30 -6.58
CA PHE A 70 -15.57 -1.77 -7.90
C PHE A 70 -14.98 -2.87 -8.79
N ASN A 71 -15.00 -2.62 -10.10
CA ASN A 71 -14.48 -3.59 -11.06
C ASN A 71 -13.24 -3.04 -11.75
N SER A 72 -12.07 -3.57 -11.38
CA SER A 72 -10.81 -3.13 -11.96
C SER A 72 -10.59 -3.80 -13.31
N GLY A 73 -9.59 -3.30 -14.05
CA GLY A 73 -9.29 -3.86 -15.36
C GLY A 73 -9.91 -3.05 -16.49
N PRO A 74 -9.19 -2.97 -17.62
CA PRO A 74 -9.67 -2.23 -18.80
C PRO A 74 -10.85 -2.91 -19.47
N SER A 75 -11.90 -2.15 -19.72
CA SER A 75 -13.10 -2.68 -20.37
C SER A 75 -13.88 -1.56 -21.06
N SER A 76 -14.74 -1.95 -22.00
CA SER A 76 -15.54 -0.99 -22.75
C SER A 76 -17.00 -1.04 -22.32
N GLY A 77 -17.57 0.13 -22.01
CA GLY A 77 -18.96 0.19 -21.58
C GLY A 77 -19.41 1.62 -21.35
N GLY A 1 -27.17 -31.73 -12.97
CA GLY A 1 -25.92 -31.83 -13.71
C GLY A 1 -25.28 -30.48 -13.95
N SER A 2 -23.95 -30.45 -13.93
CA SER A 2 -23.21 -29.22 -14.14
C SER A 2 -21.82 -29.50 -14.73
N SER A 3 -21.36 -28.60 -15.59
CA SER A 3 -20.06 -28.75 -16.22
C SER A 3 -18.97 -28.07 -15.41
N GLY A 4 -19.17 -26.78 -15.11
CA GLY A 4 -18.19 -26.03 -14.34
C GLY A 4 -17.03 -25.55 -15.19
N SER A 5 -16.52 -24.38 -14.85
CA SER A 5 -15.40 -23.80 -15.60
C SER A 5 -14.38 -23.18 -14.64
N SER A 6 -13.10 -23.32 -14.97
CA SER A 6 -12.03 -22.79 -14.15
C SER A 6 -12.00 -21.26 -14.23
N GLY A 7 -11.80 -20.62 -13.08
CA GLY A 7 -11.76 -19.17 -13.04
C GLY A 7 -11.03 -18.65 -11.82
N CYS A 8 -9.75 -18.33 -11.99
CA CYS A 8 -8.95 -17.81 -10.89
C CYS A 8 -9.51 -16.50 -10.37
N SER A 9 -8.95 -16.03 -9.25
CA SER A 9 -9.40 -14.78 -8.64
C SER A 9 -8.74 -13.58 -9.32
N PRO A 10 -9.50 -12.48 -9.44
CA PRO A 10 -9.01 -11.24 -10.07
C PRO A 10 -7.96 -10.55 -9.22
N VAL A 11 -7.04 -9.86 -9.87
CA VAL A 11 -5.98 -9.14 -9.18
C VAL A 11 -6.14 -7.63 -9.34
N ARG A 12 -6.18 -6.92 -8.22
CA ARG A 12 -6.33 -5.47 -8.23
C ARG A 12 -5.27 -4.80 -7.37
N GLU A 13 -4.26 -4.23 -8.02
CA GLU A 13 -3.17 -3.56 -7.31
C GLU A 13 -3.57 -2.13 -6.94
N ARG A 14 -3.19 -1.72 -5.74
CA ARG A 14 -3.50 -0.37 -5.27
C ARG A 14 -2.40 0.16 -4.34
N ARG A 15 -1.86 1.32 -4.69
CA ARG A 15 -0.80 1.93 -3.90
C ARG A 15 -0.93 3.45 -3.88
N LEU A 16 -0.82 4.03 -2.69
CA LEU A 16 -0.93 5.48 -2.54
C LEU A 16 0.42 6.16 -2.79
N GLU A 17 0.38 7.42 -3.21
CA GLU A 17 1.59 8.17 -3.47
C GLU A 17 1.91 9.13 -2.32
N HIS A 18 3.06 8.92 -1.69
CA HIS A 18 3.48 9.75 -0.57
C HIS A 18 4.68 10.61 -0.95
N GLN A 19 4.51 11.93 -0.89
CA GLN A 19 5.59 12.85 -1.23
C GLN A 19 6.69 12.81 -0.18
N LEU A 20 7.55 11.80 -0.29
CA LEU A 20 8.66 11.64 0.66
C LEU A 20 9.28 12.99 1.01
N GLU A 21 9.56 13.19 2.29
CA GLU A 21 10.15 14.43 2.76
C GLU A 21 11.56 14.20 3.31
N PRO A 22 12.36 15.27 3.37
CA PRO A 22 13.73 15.20 3.89
C PRO A 22 13.78 14.97 5.40
N GLY A 23 12.60 14.90 6.01
CA GLY A 23 12.54 14.68 7.44
C GLY A 23 11.61 13.53 7.80
N ASP A 24 11.59 12.50 6.97
CA ASP A 24 10.75 11.33 7.21
C ASP A 24 11.59 10.11 7.56
N THR A 25 10.94 9.07 8.06
CA THR A 25 11.63 7.85 8.43
C THR A 25 10.83 6.61 8.04
N LEU A 26 11.53 5.54 7.72
CA LEU A 26 10.87 4.29 7.31
C LEU A 26 9.90 3.82 8.39
N ALA A 27 10.42 3.59 9.59
CA ALA A 27 9.60 3.14 10.70
C ALA A 27 8.35 4.00 10.85
N GLY A 28 8.49 5.29 10.55
CA GLY A 28 7.36 6.20 10.65
C GLY A 28 6.22 5.83 9.73
N LEU A 29 6.51 5.72 8.44
CA LEU A 29 5.50 5.36 7.45
C LEU A 29 4.85 4.03 7.79
N ALA A 30 5.68 3.04 8.13
CA ALA A 30 5.18 1.71 8.48
C ALA A 30 3.95 1.81 9.37
N LEU A 31 4.11 2.45 10.52
CA LEU A 31 3.00 2.60 11.47
C LEU A 31 1.99 3.61 10.95
N LYS A 32 2.48 4.75 10.46
CA LYS A 32 1.62 5.79 9.94
C LYS A 32 0.46 5.20 9.14
N TYR A 33 0.74 4.13 8.40
CA TYR A 33 -0.27 3.46 7.58
C TYR A 33 -0.74 2.18 8.26
N GLY A 34 0.17 1.23 8.41
CA GLY A 34 -0.18 -0.04 9.03
C GLY A 34 0.56 -1.21 8.42
N VAL A 35 1.80 -0.97 8.00
CA VAL A 35 2.61 -2.02 7.39
C VAL A 35 4.05 -1.97 7.91
N THR A 36 4.79 -3.04 7.69
CA THR A 36 6.18 -3.12 8.12
C THR A 36 7.12 -2.49 7.10
N MET A 37 8.08 -1.72 7.59
CA MET A 37 9.04 -1.05 6.71
C MET A 37 9.49 -1.98 5.59
N GLU A 38 9.91 -3.19 5.95
CA GLU A 38 10.36 -4.17 4.98
C GLU A 38 9.39 -4.26 3.81
N GLN A 39 8.13 -4.59 4.10
CA GLN A 39 7.11 -4.70 3.08
C GLN A 39 7.21 -3.56 2.07
N ILE A 40 7.06 -2.34 2.55
CA ILE A 40 7.14 -1.17 1.69
C ILE A 40 8.35 -1.24 0.77
N LYS A 41 9.52 -1.44 1.37
CA LYS A 41 10.77 -1.53 0.61
C LYS A 41 10.68 -2.63 -0.44
N ARG A 42 10.62 -3.88 0.01
CA ARG A 42 10.54 -5.02 -0.89
C ARG A 42 9.52 -4.77 -1.99
N ALA A 43 8.41 -4.12 -1.62
CA ALA A 43 7.36 -3.83 -2.58
C ALA A 43 7.86 -2.90 -3.68
N ASN A 44 8.76 -2.00 -3.31
CA ASN A 44 9.33 -1.04 -4.26
C ASN A 44 10.84 -1.21 -4.38
N ARG A 45 11.33 -2.39 -3.99
CA ARG A 45 12.75 -2.69 -4.05
C ARG A 45 13.58 -1.43 -3.79
N LEU A 46 13.21 -0.71 -2.73
CA LEU A 46 13.92 0.51 -2.37
C LEU A 46 15.33 0.19 -1.84
N TYR A 47 15.54 -1.06 -1.47
CA TYR A 47 16.83 -1.50 -0.94
C TYR A 47 17.96 -1.12 -1.91
N THR A 48 18.72 -0.09 -1.53
CA THR A 48 19.84 0.37 -2.36
C THR A 48 21.07 0.62 -1.51
N ASN A 49 22.24 0.65 -2.16
CA ASN A 49 23.50 0.87 -1.47
C ASN A 49 23.41 2.10 -0.57
N ASP A 50 22.74 3.13 -1.05
CA ASP A 50 22.57 4.37 -0.28
C ASP A 50 21.17 4.46 0.29
N SER A 51 21.03 5.25 1.36
CA SER A 51 19.74 5.43 2.02
C SER A 51 18.61 5.51 0.98
N ILE A 52 17.40 5.23 1.44
CA ILE A 52 16.23 5.28 0.55
C ILE A 52 15.92 6.71 0.14
N PHE A 53 16.34 7.67 0.95
CA PHE A 53 16.10 9.08 0.67
C PHE A 53 16.44 9.40 -0.79
N LEU A 54 17.25 8.56 -1.40
CA LEU A 54 17.64 8.76 -2.79
C LEU A 54 16.46 9.18 -3.65
N LYS A 55 15.35 8.47 -3.50
CA LYS A 55 14.13 8.77 -4.26
C LYS A 55 13.49 10.04 -3.75
N LYS A 56 12.32 10.36 -4.30
CA LYS A 56 11.59 11.56 -3.90
C LYS A 56 10.18 11.21 -3.42
N THR A 57 9.59 10.19 -4.04
CA THR A 57 8.24 9.76 -3.69
C THR A 57 8.21 8.26 -3.42
N LEU A 58 7.62 7.89 -2.28
CA LEU A 58 7.51 6.48 -1.90
C LEU A 58 6.05 6.06 -1.76
N TYR A 59 5.66 5.05 -2.53
CA TYR A 59 4.29 4.55 -2.49
C TYR A 59 4.09 3.59 -1.32
N ILE A 60 2.87 3.59 -0.77
CA ILE A 60 2.55 2.71 0.35
C ILE A 60 1.55 1.64 -0.05
N PRO A 61 1.93 0.37 0.16
CA PRO A 61 1.07 -0.78 -0.17
C PRO A 61 -0.15 -0.87 0.74
N ILE A 62 -1.33 -0.82 0.13
CA ILE A 62 -2.58 -0.90 0.90
C ILE A 62 -3.11 -2.33 0.93
N LEU A 63 -3.10 -2.95 2.11
CA LEU A 63 -3.58 -4.31 2.27
C LEU A 63 -4.98 -4.33 2.88
N THR A 64 -5.98 -4.59 2.05
CA THR A 64 -7.37 -4.63 2.51
C THR A 64 -7.92 -6.05 2.43
N GLU A 65 -8.28 -6.59 3.59
CA GLU A 65 -8.83 -7.94 3.66
C GLU A 65 -10.36 -7.91 3.71
N PRO A 66 -10.99 -9.04 3.34
CA PRO A 66 -12.45 -9.17 3.33
C PRO A 66 -13.03 -9.18 4.74
N ARG A 67 -12.16 -9.31 5.74
CA ARG A 67 -12.60 -9.33 7.13
C ARG A 67 -12.88 -7.93 7.64
N ASP A 68 -14.07 -7.73 8.20
CA ASP A 68 -14.46 -6.42 8.73
C ASP A 68 -15.80 -6.52 9.45
N LEU A 69 -15.79 -6.18 10.74
CA LEU A 69 -17.01 -6.22 11.55
C LEU A 69 -18.23 -5.84 10.71
N PHE A 70 -19.35 -6.51 10.97
CA PHE A 70 -20.59 -6.26 10.26
C PHE A 70 -21.43 -5.21 10.98
N ASN A 71 -20.77 -4.13 11.41
CA ASN A 71 -21.46 -3.05 12.11
C ASN A 71 -21.19 -1.71 11.44
N SER A 72 -19.91 -1.32 11.43
CA SER A 72 -19.52 -0.05 10.83
C SER A 72 -19.05 -0.25 9.38
N GLY A 73 -19.94 0.01 8.43
CA GLY A 73 -19.59 -0.15 7.04
C GLY A 73 -20.63 -0.96 6.27
N PRO A 74 -21.70 -0.30 5.83
CA PRO A 74 -22.78 -0.94 5.08
C PRO A 74 -22.34 -1.37 3.68
N SER A 75 -22.88 -2.49 3.22
CA SER A 75 -22.54 -3.01 1.89
C SER A 75 -23.08 -2.09 0.80
N SER A 76 -22.21 -1.67 -0.11
CA SER A 76 -22.58 -0.79 -1.20
C SER A 76 -22.69 -1.58 -2.51
N GLY A 77 -23.65 -1.19 -3.34
CA GLY A 77 -23.84 -1.86 -4.62
C GLY A 77 -24.58 -0.99 -5.62
N GLY A 1 -34.81 -13.04 -14.16
CA GLY A 1 -33.82 -13.55 -13.22
C GLY A 1 -33.83 -12.81 -11.90
N SER A 2 -33.16 -13.39 -10.90
CA SER A 2 -33.10 -12.77 -9.58
C SER A 2 -31.79 -12.01 -9.39
N SER A 3 -30.68 -12.74 -9.53
CA SER A 3 -29.36 -12.14 -9.36
C SER A 3 -28.90 -11.47 -10.65
N GLY A 4 -28.96 -12.21 -11.75
CA GLY A 4 -28.55 -11.67 -13.04
C GLY A 4 -27.04 -11.69 -13.22
N SER A 5 -26.61 -12.01 -14.44
CA SER A 5 -25.18 -12.06 -14.74
C SER A 5 -24.43 -10.95 -14.02
N SER A 6 -23.64 -11.33 -13.02
CA SER A 6 -22.87 -10.37 -12.24
C SER A 6 -21.38 -10.50 -12.54
N GLY A 7 -20.64 -9.40 -12.37
CA GLY A 7 -19.21 -9.42 -12.63
C GLY A 7 -18.53 -8.16 -12.15
N CYS A 8 -18.73 -7.80 -10.89
CA CYS A 8 -18.13 -6.60 -10.32
C CYS A 8 -16.85 -6.94 -9.56
N SER A 9 -15.71 -6.58 -10.14
CA SER A 9 -14.42 -6.84 -9.52
C SER A 9 -13.53 -5.60 -9.54
N PRO A 10 -13.54 -4.85 -8.43
CA PRO A 10 -12.75 -3.62 -8.30
C PRO A 10 -11.25 -3.91 -8.20
N VAL A 11 -10.44 -2.89 -8.45
CA VAL A 11 -8.99 -3.03 -8.39
C VAL A 11 -8.53 -3.44 -7.00
N ARG A 12 -7.76 -4.52 -6.91
CA ARG A 12 -7.26 -5.01 -5.64
C ARG A 12 -5.93 -4.35 -5.29
N GLU A 13 -4.96 -4.47 -6.19
CA GLU A 13 -3.65 -3.88 -5.98
C GLU A 13 -3.67 -2.37 -6.20
N ARG A 14 -3.50 -1.62 -5.11
CA ARG A 14 -3.51 -0.16 -5.19
C ARG A 14 -2.49 0.43 -4.23
N ARG A 15 -1.65 1.34 -4.74
CA ARG A 15 -0.63 1.98 -3.93
C ARG A 15 -0.93 3.47 -3.75
N LEU A 16 -0.46 4.04 -2.65
CA LEU A 16 -0.68 5.45 -2.37
C LEU A 16 0.61 6.24 -2.51
N GLU A 17 0.48 7.47 -3.01
CA GLU A 17 1.64 8.33 -3.21
C GLU A 17 1.89 9.20 -1.98
N HIS A 18 3.08 9.08 -1.39
CA HIS A 18 3.43 9.87 -0.21
C HIS A 18 4.61 10.78 -0.50
N GLN A 19 4.36 12.08 -0.46
CA GLN A 19 5.41 13.07 -0.72
C GLN A 19 6.55 12.94 0.29
N LEU A 20 7.46 12.01 0.01
CA LEU A 20 8.60 11.78 0.89
C LEU A 20 9.26 13.09 1.29
N GLU A 21 8.97 13.55 2.50
CA GLU A 21 9.55 14.80 3.00
C GLU A 21 10.89 14.56 3.67
N PRO A 22 11.72 15.60 3.73
CA PRO A 22 13.05 15.53 4.35
C PRO A 22 12.98 15.36 5.86
N GLY A 23 13.24 14.14 6.32
CA GLY A 23 13.20 13.87 7.75
C GLY A 23 12.37 12.65 8.09
N ASP A 24 11.59 12.19 7.11
CA ASP A 24 10.74 11.02 7.31
C ASP A 24 11.57 9.75 7.48
N THR A 25 11.03 8.78 8.21
CA THR A 25 11.73 7.52 8.45
C THR A 25 10.85 6.33 8.06
N LEU A 26 11.48 5.32 7.48
CA LEU A 26 10.76 4.12 7.06
C LEU A 26 9.74 3.71 8.10
N ALA A 27 10.20 3.47 9.32
CA ALA A 27 9.32 3.08 10.42
C ALA A 27 8.13 4.02 10.54
N GLY A 28 8.38 5.31 10.34
CA GLY A 28 7.31 6.29 10.43
C GLY A 28 6.15 5.96 9.51
N LEU A 29 6.44 5.81 8.22
CA LEU A 29 5.41 5.51 7.24
C LEU A 29 4.79 4.14 7.50
N ALA A 30 5.66 3.15 7.76
CA ALA A 30 5.20 1.79 8.04
C ALA A 30 4.06 1.79 9.04
N LEU A 31 4.34 2.27 10.25
CA LEU A 31 3.33 2.33 11.30
C LEU A 31 2.24 3.34 10.97
N LYS A 32 2.65 4.50 10.48
CA LYS A 32 1.71 5.55 10.11
C LYS A 32 0.49 4.97 9.40
N TYR A 33 0.74 3.98 8.55
CA TYR A 33 -0.34 3.34 7.80
C TYR A 33 -0.74 2.01 8.45
N GLY A 34 0.25 1.30 8.99
CA GLY A 34 -0.02 0.02 9.63
C GLY A 34 0.91 -1.07 9.15
N VAL A 35 1.51 -0.87 7.97
CA VAL A 35 2.43 -1.85 7.40
C VAL A 35 3.82 -1.71 7.99
N THR A 36 4.69 -2.67 7.70
CA THR A 36 6.06 -2.65 8.19
C THR A 36 7.00 -2.07 7.16
N MET A 37 8.17 -1.62 7.62
CA MET A 37 9.17 -1.04 6.73
C MET A 37 9.59 -2.04 5.65
N GLU A 38 9.93 -3.25 6.09
CA GLU A 38 10.36 -4.29 5.16
C GLU A 38 9.38 -4.42 4.00
N GLN A 39 8.10 -4.45 4.32
CA GLN A 39 7.06 -4.57 3.30
C GLN A 39 7.22 -3.49 2.24
N ILE A 40 7.00 -2.23 2.64
CA ILE A 40 7.12 -1.11 1.71
C ILE A 40 8.38 -1.22 0.87
N LYS A 41 9.49 -1.60 1.51
CA LYS A 41 10.76 -1.74 0.82
C LYS A 41 10.69 -2.86 -0.22
N ARG A 42 10.61 -4.10 0.25
CA ARG A 42 10.54 -5.25 -0.64
C ARG A 42 9.53 -5.00 -1.77
N ALA A 43 8.44 -4.32 -1.44
CA ALA A 43 7.41 -4.02 -2.42
C ALA A 43 7.95 -3.14 -3.54
N ASN A 44 8.87 -2.25 -3.19
CA ASN A 44 9.47 -1.34 -4.17
C ASN A 44 10.99 -1.52 -4.21
N ARG A 45 11.46 -2.67 -3.76
CA ARG A 45 12.89 -2.96 -3.74
C ARG A 45 13.70 -1.68 -3.52
N LEU A 46 13.27 -0.89 -2.54
CA LEU A 46 13.94 0.37 -2.23
C LEU A 46 15.30 0.11 -1.59
N TYR A 47 15.53 -1.14 -1.19
CA TYR A 47 16.79 -1.53 -0.56
C TYR A 47 17.97 -1.11 -1.43
N THR A 48 18.68 -0.07 -1.00
CA THR A 48 19.84 0.43 -1.73
C THR A 48 21.01 0.69 -0.78
N ASN A 49 22.21 0.74 -1.36
CA ASN A 49 23.41 0.99 -0.56
C ASN A 49 23.25 2.24 0.30
N ASP A 50 22.65 3.27 -0.28
CA ASP A 50 22.43 4.53 0.43
C ASP A 50 20.98 4.66 0.87
N SER A 51 20.75 5.46 1.90
CA SER A 51 19.40 5.67 2.43
C SER A 51 18.38 5.72 1.30
N ILE A 52 17.12 5.44 1.62
CA ILE A 52 16.04 5.45 0.64
C ILE A 52 15.78 6.87 0.15
N PHE A 53 16.15 7.85 0.95
CA PHE A 53 15.96 9.26 0.60
C PHE A 53 16.40 9.51 -0.84
N LEU A 54 17.25 8.63 -1.36
CA LEU A 54 17.74 8.77 -2.73
C LEU A 54 16.61 9.09 -3.69
N LYS A 55 15.42 8.59 -3.39
CA LYS A 55 14.25 8.83 -4.23
C LYS A 55 13.53 10.11 -3.82
N LYS A 56 12.53 10.50 -4.61
CA LYS A 56 11.77 11.71 -4.32
C LYS A 56 10.44 11.36 -3.67
N THR A 57 9.68 10.47 -4.31
CA THR A 57 8.38 10.06 -3.79
C THR A 57 8.29 8.53 -3.70
N LEU A 58 7.70 8.04 -2.62
CA LEU A 58 7.54 6.61 -2.42
C LEU A 58 6.06 6.22 -2.43
N TYR A 59 5.80 4.93 -2.63
CA TYR A 59 4.43 4.43 -2.66
C TYR A 59 4.12 3.62 -1.40
N ILE A 60 2.86 3.67 -0.98
CA ILE A 60 2.43 2.94 0.21
C ILE A 60 1.40 1.87 -0.14
N PRO A 61 1.73 0.61 0.14
CA PRO A 61 0.85 -0.52 -0.14
C PRO A 61 -0.37 -0.55 0.78
N ILE A 62 -1.55 -0.47 0.18
CA ILE A 62 -2.80 -0.47 0.95
C ILE A 62 -3.32 -1.90 1.13
N LEU A 63 -3.52 -2.29 2.39
CA LEU A 63 -4.02 -3.63 2.69
C LEU A 63 -5.48 -3.57 3.12
N THR A 64 -6.37 -4.02 2.23
CA THR A 64 -7.80 -4.03 2.51
C THR A 64 -8.34 -5.45 2.54
N GLU A 65 -8.90 -5.85 3.68
CA GLU A 65 -9.46 -7.18 3.84
C GLU A 65 -10.95 -7.19 3.51
N PRO A 66 -11.48 -8.38 3.16
CA PRO A 66 -12.90 -8.54 2.83
C PRO A 66 -13.81 -8.38 4.04
N ARG A 67 -13.22 -8.49 5.24
CA ARG A 67 -13.98 -8.35 6.46
C ARG A 67 -13.68 -7.01 7.15
N ASP A 68 -14.69 -6.16 7.23
CA ASP A 68 -14.54 -4.85 7.85
C ASP A 68 -15.36 -4.75 9.13
N LEU A 69 -15.17 -3.67 9.88
CA LEU A 69 -15.89 -3.46 11.12
C LEU A 69 -17.26 -2.83 10.86
N PHE A 70 -18.32 -3.52 11.25
CA PHE A 70 -19.67 -3.03 11.05
C PHE A 70 -20.61 -3.56 12.12
N ASN A 71 -21.70 -2.84 12.38
CA ASN A 71 -22.67 -3.24 13.39
C ASN A 71 -24.08 -2.86 12.96
N SER A 72 -24.98 -3.83 12.99
CA SER A 72 -26.38 -3.59 12.60
C SER A 72 -27.33 -4.32 13.54
N GLY A 73 -28.51 -3.74 13.73
CA GLY A 73 -29.49 -4.34 14.62
C GLY A 73 -30.41 -3.31 15.25
N PRO A 74 -31.57 -3.77 15.75
CA PRO A 74 -32.55 -2.90 16.39
C PRO A 74 -32.06 -2.36 17.74
N SER A 75 -32.28 -1.07 17.97
CA SER A 75 -31.85 -0.45 19.21
C SER A 75 -32.99 -0.44 20.23
N SER A 76 -32.63 -0.24 21.50
CA SER A 76 -33.62 -0.23 22.58
C SER A 76 -34.64 0.89 22.35
N GLY A 77 -35.78 0.79 23.03
CA GLY A 77 -36.82 1.79 22.90
C GLY A 77 -36.28 3.20 23.01
N GLY A 1 -34.29 2.78 -13.47
CA GLY A 1 -35.17 2.01 -12.61
C GLY A 1 -34.41 1.18 -11.60
N SER A 2 -35.03 0.11 -11.11
CA SER A 2 -34.42 -0.77 -10.13
C SER A 2 -33.39 -1.68 -10.79
N SER A 3 -32.12 -1.32 -10.67
CA SER A 3 -31.04 -2.11 -11.26
C SER A 3 -29.68 -1.57 -10.83
N GLY A 4 -28.79 -2.47 -10.45
CA GLY A 4 -27.46 -2.06 -10.02
C GLY A 4 -26.62 -3.23 -9.56
N SER A 5 -26.45 -4.22 -10.43
CA SER A 5 -25.66 -5.41 -10.10
C SER A 5 -24.20 -5.22 -10.48
N SER A 6 -23.39 -4.82 -9.50
CA SER A 6 -21.97 -4.58 -9.73
C SER A 6 -21.34 -5.78 -10.45
N GLY A 7 -20.37 -5.49 -11.31
CA GLY A 7 -19.70 -6.54 -12.06
C GLY A 7 -18.22 -6.27 -12.24
N CYS A 8 -17.50 -6.16 -11.12
CA CYS A 8 -16.07 -5.89 -11.17
C CYS A 8 -15.33 -6.72 -10.11
N SER A 9 -14.02 -6.83 -10.27
CA SER A 9 -13.21 -7.60 -9.33
C SER A 9 -12.64 -6.70 -8.24
N PRO A 10 -12.58 -7.23 -7.01
CA PRO A 10 -12.06 -6.49 -5.85
C PRO A 10 -10.56 -6.26 -5.93
N VAL A 11 -10.16 -4.99 -6.06
CA VAL A 11 -8.74 -4.64 -6.15
C VAL A 11 -8.03 -4.91 -4.83
N ARG A 12 -7.05 -5.80 -4.87
CA ARG A 12 -6.29 -6.15 -3.68
C ARG A 12 -5.04 -5.29 -3.56
N GLU A 13 -4.29 -5.19 -4.66
CA GLU A 13 -3.07 -4.39 -4.68
C GLU A 13 -3.38 -2.91 -4.84
N ARG A 14 -2.79 -2.08 -3.99
CA ARG A 14 -3.02 -0.65 -4.05
C ARG A 14 -1.81 0.12 -3.51
N ARG A 15 -1.46 1.21 -4.17
CA ARG A 15 -0.32 2.03 -3.77
C ARG A 15 -0.72 3.50 -3.64
N LEU A 16 -0.28 4.13 -2.56
CA LEU A 16 -0.59 5.54 -2.33
C LEU A 16 0.65 6.41 -2.47
N GLU A 17 0.54 7.47 -3.25
CA GLU A 17 1.67 8.38 -3.48
C GLU A 17 1.91 9.25 -2.25
N HIS A 18 3.06 9.05 -1.61
CA HIS A 18 3.42 9.82 -0.42
C HIS A 18 4.59 10.75 -0.71
N GLN A 19 4.34 12.05 -0.58
CA GLN A 19 5.38 13.04 -0.83
C GLN A 19 6.50 12.94 0.19
N LEU A 20 7.37 11.95 0.00
CA LEU A 20 8.48 11.73 0.92
C LEU A 20 9.27 13.02 1.14
N GLU A 21 9.32 13.46 2.40
CA GLU A 21 10.03 14.69 2.74
C GLU A 21 11.36 14.37 3.40
N PRO A 22 12.29 15.34 3.35
CA PRO A 22 13.62 15.18 3.95
C PRO A 22 13.59 15.16 5.47
N GLY A 23 13.43 13.96 6.04
CA GLY A 23 13.38 13.83 7.49
C GLY A 23 12.53 12.65 7.92
N ASP A 24 11.71 12.14 7.01
CA ASP A 24 10.85 11.00 7.31
C ASP A 24 11.66 9.73 7.49
N THR A 25 11.08 8.76 8.19
CA THR A 25 11.75 7.49 8.44
C THR A 25 10.84 6.31 8.12
N LEU A 26 11.43 5.23 7.61
CA LEU A 26 10.67 4.04 7.25
C LEU A 26 9.73 3.63 8.39
N ALA A 27 10.26 3.63 9.60
CA ALA A 27 9.47 3.27 10.77
C ALA A 27 8.23 4.14 10.89
N GLY A 28 8.35 5.40 10.48
CA GLY A 28 7.23 6.31 10.53
C GLY A 28 6.09 5.91 9.62
N LEU A 29 6.38 5.81 8.33
CA LEU A 29 5.36 5.43 7.36
C LEU A 29 4.79 4.05 7.68
N ALA A 30 5.66 3.12 8.00
CA ALA A 30 5.23 1.76 8.34
C ALA A 30 4.00 1.78 9.24
N LEU A 31 4.14 2.37 10.42
CA LEU A 31 3.05 2.46 11.37
C LEU A 31 1.98 3.45 10.89
N LYS A 32 2.44 4.62 10.45
CA LYS A 32 1.54 5.65 9.97
C LYS A 32 0.33 5.03 9.26
N TYR A 33 0.58 3.96 8.51
CA TYR A 33 -0.48 3.28 7.77
C TYR A 33 -0.90 2.00 8.49
N GLY A 34 0.01 1.02 8.51
CA GLY A 34 -0.27 -0.24 9.17
C GLY A 34 0.51 -1.39 8.57
N VAL A 35 1.73 -1.13 8.15
CA VAL A 35 2.59 -2.15 7.55
C VAL A 35 4.00 -2.10 8.13
N THR A 36 4.86 -2.98 7.65
CA THR A 36 6.24 -3.04 8.12
C THR A 36 7.19 -2.34 7.14
N MET A 37 8.28 -1.82 7.67
CA MET A 37 9.27 -1.13 6.85
C MET A 37 9.74 -2.01 5.71
N GLU A 38 9.92 -3.30 5.99
CA GLU A 38 10.38 -4.25 4.99
C GLU A 38 9.37 -4.36 3.84
N GLN A 39 8.10 -4.54 4.20
CA GLN A 39 7.04 -4.66 3.20
C GLN A 39 7.15 -3.54 2.17
N ILE A 40 7.08 -2.30 2.63
CA ILE A 40 7.16 -1.15 1.75
C ILE A 40 8.36 -1.26 0.81
N LYS A 41 9.54 -1.45 1.38
CA LYS A 41 10.75 -1.58 0.59
C LYS A 41 10.63 -2.71 -0.42
N ARG A 42 10.54 -3.94 0.08
CA ARG A 42 10.42 -5.12 -0.77
C ARG A 42 9.38 -4.88 -1.87
N ALA A 43 8.29 -4.21 -1.50
CA ALA A 43 7.23 -3.92 -2.46
C ALA A 43 7.73 -3.04 -3.60
N ASN A 44 8.67 -2.17 -3.28
CA ASN A 44 9.24 -1.26 -4.28
C ASN A 44 10.75 -1.46 -4.41
N ARG A 45 11.23 -2.64 -4.00
CA ARG A 45 12.64 -2.96 -4.06
C ARG A 45 13.49 -1.71 -3.82
N LEU A 46 13.13 -0.94 -2.80
CA LEU A 46 13.86 0.28 -2.46
C LEU A 46 15.24 -0.05 -1.91
N TYR A 47 15.44 -1.30 -1.51
CA TYR A 47 16.72 -1.73 -0.97
C TYR A 47 17.86 -1.38 -1.92
N THR A 48 18.64 -0.36 -1.55
CA THR A 48 19.76 0.08 -2.37
C THR A 48 20.99 0.32 -1.51
N ASN A 49 22.16 0.33 -2.15
CA ASN A 49 23.42 0.55 -1.44
C ASN A 49 23.36 1.82 -0.60
N ASP A 50 22.70 2.84 -1.14
CA ASP A 50 22.56 4.11 -0.44
C ASP A 50 21.16 4.27 0.14
N SER A 51 21.03 5.09 1.17
CA SER A 51 19.75 5.34 1.81
C SER A 51 18.63 5.43 0.77
N ILE A 52 17.39 5.27 1.23
CA ILE A 52 16.23 5.34 0.34
C ILE A 52 15.93 6.79 -0.04
N PHE A 53 16.34 7.72 0.80
CA PHE A 53 16.11 9.14 0.55
C PHE A 53 16.48 9.50 -0.88
N LEU A 54 17.30 8.66 -1.51
CA LEU A 54 17.72 8.89 -2.89
C LEU A 54 16.55 9.32 -3.76
N LYS A 55 15.40 8.68 -3.55
CA LYS A 55 14.20 9.00 -4.31
C LYS A 55 13.52 10.26 -3.77
N LYS A 56 12.37 10.59 -4.32
CA LYS A 56 11.62 11.77 -3.90
C LYS A 56 10.26 11.37 -3.34
N THR A 57 9.59 10.45 -4.02
CA THR A 57 8.28 9.99 -3.59
C THR A 57 8.24 8.47 -3.46
N LEU A 58 7.59 7.99 -2.40
CA LEU A 58 7.48 6.56 -2.16
C LEU A 58 6.02 6.13 -2.04
N TYR A 59 5.68 5.02 -2.68
CA TYR A 59 4.32 4.51 -2.64
C TYR A 59 4.11 3.56 -1.46
N ILE A 60 2.91 3.57 -0.90
CA ILE A 60 2.59 2.73 0.24
C ILE A 60 1.53 1.69 -0.13
N PRO A 61 1.88 0.40 0.03
CA PRO A 61 0.98 -0.71 -0.28
C PRO A 61 -0.18 -0.80 0.71
N ILE A 62 -1.40 -0.64 0.20
CA ILE A 62 -2.59 -0.71 1.04
C ILE A 62 -3.13 -2.13 1.12
N LEU A 63 -2.97 -2.76 2.27
CA LEU A 63 -3.44 -4.12 2.48
C LEU A 63 -4.67 -4.14 3.39
N THR A 64 -5.84 -4.36 2.78
CA THR A 64 -7.09 -4.40 3.54
C THR A 64 -7.86 -5.68 3.25
N GLU A 65 -8.19 -6.42 4.30
CA GLU A 65 -8.93 -7.66 4.16
C GLU A 65 -10.11 -7.49 3.21
N PRO A 66 -9.98 -8.01 2.00
CA PRO A 66 -11.02 -7.94 0.97
C PRO A 66 -12.24 -8.80 1.31
N ARG A 67 -12.08 -9.64 2.33
CA ARG A 67 -13.16 -10.53 2.75
C ARG A 67 -14.27 -9.73 3.44
N ASP A 68 -13.88 -8.81 4.29
CA ASP A 68 -14.84 -7.97 5.01
C ASP A 68 -15.59 -7.05 4.06
N LEU A 69 -16.84 -7.40 3.77
CA LEU A 69 -17.66 -6.60 2.87
C LEU A 69 -17.45 -5.11 3.10
N PHE A 70 -17.72 -4.32 2.08
CA PHE A 70 -17.56 -2.87 2.17
C PHE A 70 -18.85 -2.20 2.64
N ASN A 71 -18.74 -1.35 3.65
CA ASN A 71 -19.90 -0.65 4.19
C ASN A 71 -20.62 0.13 3.09
N SER A 72 -21.84 -0.30 2.78
CA SER A 72 -22.64 0.35 1.75
C SER A 72 -24.08 -0.14 1.78
N GLY A 73 -24.98 0.62 1.17
CA GLY A 73 -26.37 0.24 1.13
C GLY A 73 -27.17 1.04 0.12
N PRO A 74 -26.92 0.78 -1.17
CA PRO A 74 -27.61 1.47 -2.26
C PRO A 74 -29.08 1.08 -2.36
N SER A 75 -29.91 1.69 -1.53
CA SER A 75 -31.34 1.41 -1.52
C SER A 75 -31.61 0.02 -0.96
N SER A 76 -30.72 -0.45 -0.09
CA SER A 76 -30.86 -1.76 0.51
C SER A 76 -31.58 -1.67 1.86
N GLY A 77 -32.71 -2.36 1.96
CA GLY A 77 -33.47 -2.34 3.20
C GLY A 77 -32.61 -2.58 4.42
N GLY A 1 -26.88 -21.78 1.36
CA GLY A 1 -26.66 -20.44 1.86
C GLY A 1 -27.17 -19.37 0.91
N SER A 2 -28.09 -18.55 1.39
CA SER A 2 -28.67 -17.48 0.58
C SER A 2 -27.85 -16.20 0.70
N SER A 3 -27.14 -15.85 -0.36
CA SER A 3 -26.31 -14.65 -0.37
C SER A 3 -26.76 -13.68 -1.46
N GLY A 4 -26.36 -12.42 -1.33
CA GLY A 4 -26.74 -11.41 -2.31
C GLY A 4 -25.55 -10.63 -2.81
N SER A 5 -25.04 -11.01 -3.99
CA SER A 5 -23.89 -10.34 -4.58
C SER A 5 -23.69 -10.78 -6.01
N SER A 6 -23.26 -9.85 -6.87
CA SER A 6 -23.03 -10.15 -8.28
C SER A 6 -21.79 -11.02 -8.45
N GLY A 7 -20.72 -10.66 -7.73
CA GLY A 7 -19.49 -11.41 -7.83
C GLY A 7 -18.46 -10.72 -8.69
N CYS A 8 -17.45 -10.13 -8.05
CA CYS A 8 -16.39 -9.43 -8.78
C CYS A 8 -15.07 -9.53 -8.04
N SER A 9 -13.97 -9.31 -8.75
CA SER A 9 -12.64 -9.37 -8.16
C SER A 9 -12.04 -7.99 -8.02
N PRO A 10 -12.30 -7.34 -6.87
CA PRO A 10 -11.79 -5.99 -6.59
C PRO A 10 -10.28 -5.98 -6.36
N VAL A 11 -9.70 -4.78 -6.36
CA VAL A 11 -8.27 -4.63 -6.16
C VAL A 11 -7.91 -4.70 -4.68
N ARG A 12 -7.07 -5.67 -4.33
CA ARG A 12 -6.65 -5.85 -2.94
C ARG A 12 -5.32 -5.14 -2.68
N GLU A 13 -4.53 -4.98 -3.74
CA GLU A 13 -3.23 -4.32 -3.62
C GLU A 13 -3.28 -2.92 -4.22
N ARG A 14 -3.11 -1.92 -3.36
CA ARG A 14 -3.13 -0.53 -3.80
C ARG A 14 -1.90 0.23 -3.31
N ARG A 15 -1.56 1.32 -3.98
CA ARG A 15 -0.41 2.12 -3.61
C ARG A 15 -0.78 3.59 -3.53
N LEU A 16 -0.33 4.26 -2.46
CA LEU A 16 -0.61 5.67 -2.26
C LEU A 16 0.65 6.50 -2.43
N GLU A 17 0.55 7.54 -3.26
CA GLU A 17 1.69 8.42 -3.51
C GLU A 17 1.95 9.34 -2.31
N HIS A 18 3.07 9.10 -1.63
CA HIS A 18 3.44 9.90 -0.46
C HIS A 18 4.61 10.82 -0.78
N GLN A 19 4.39 12.12 -0.64
CA GLN A 19 5.43 13.10 -0.92
C GLN A 19 6.57 12.98 0.09
N LEU A 20 7.45 12.00 -0.12
CA LEU A 20 8.59 11.78 0.76
C LEU A 20 9.25 13.10 1.13
N GLU A 21 9.04 13.54 2.37
CA GLU A 21 9.62 14.79 2.85
C GLU A 21 10.96 14.54 3.53
N PRO A 22 11.82 15.57 3.53
CA PRO A 22 13.15 15.48 4.14
C PRO A 22 13.08 15.40 5.67
N GLY A 23 12.92 14.18 6.18
CA GLY A 23 12.85 13.99 7.62
C GLY A 23 12.09 12.73 8.00
N ASP A 24 11.29 12.22 7.05
CA ASP A 24 10.50 11.02 7.30
C ASP A 24 11.41 9.80 7.43
N THR A 25 10.90 8.76 8.10
CA THR A 25 11.67 7.54 8.30
C THR A 25 10.80 6.31 8.08
N LEU A 26 11.37 5.28 7.46
CA LEU A 26 10.64 4.05 7.20
C LEU A 26 9.72 3.69 8.36
N ALA A 27 10.29 3.57 9.54
CA ALA A 27 9.52 3.24 10.73
C ALA A 27 8.26 4.09 10.81
N GLY A 28 8.40 5.38 10.54
CA GLY A 28 7.27 6.29 10.59
C GLY A 28 6.14 5.86 9.66
N LEU A 29 6.42 5.83 8.37
CA LEU A 29 5.44 5.43 7.37
C LEU A 29 4.85 4.06 7.69
N ALA A 30 5.73 3.10 7.97
CA ALA A 30 5.30 1.75 8.30
C ALA A 30 4.05 1.77 9.18
N LEU A 31 4.16 2.43 10.33
CA LEU A 31 3.03 2.53 11.26
C LEU A 31 1.98 3.50 10.75
N LYS A 32 2.43 4.65 10.27
CA LYS A 32 1.53 5.67 9.74
C LYS A 32 0.38 5.03 8.98
N TYR A 33 0.67 3.96 8.25
CA TYR A 33 -0.35 3.26 7.48
C TYR A 33 -0.80 1.99 8.19
N GLY A 34 0.16 1.11 8.48
CA GLY A 34 -0.17 -0.14 9.16
C GLY A 34 0.57 -1.33 8.57
N VAL A 35 1.77 -1.08 8.04
CA VAL A 35 2.58 -2.13 7.45
C VAL A 35 4.00 -2.10 7.99
N THR A 36 4.79 -3.11 7.62
CA THR A 36 6.18 -3.20 8.05
C THR A 36 7.12 -2.56 7.05
N MET A 37 8.13 -1.86 7.55
CA MET A 37 9.11 -1.21 6.68
C MET A 37 9.66 -2.19 5.65
N GLU A 38 9.80 -3.45 6.04
CA GLU A 38 10.32 -4.48 5.16
C GLU A 38 9.43 -4.65 3.94
N GLN A 39 8.11 -4.64 4.17
CA GLN A 39 7.15 -4.78 3.08
C GLN A 39 7.29 -3.67 2.07
N ILE A 40 7.18 -2.43 2.54
CA ILE A 40 7.31 -1.26 1.67
C ILE A 40 8.60 -1.32 0.85
N LYS A 41 9.68 -1.78 1.48
CA LYS A 41 10.97 -1.88 0.82
C LYS A 41 11.00 -3.08 -0.12
N ARG A 42 10.33 -4.15 0.27
CA ARG A 42 10.28 -5.36 -0.55
C ARG A 42 9.25 -5.22 -1.66
N ALA A 43 8.39 -4.22 -1.54
CA ALA A 43 7.36 -3.98 -2.55
C ALA A 43 7.85 -3.03 -3.63
N ASN A 44 8.87 -2.23 -3.29
CA ASN A 44 9.43 -1.28 -4.25
C ASN A 44 10.95 -1.45 -4.33
N ARG A 45 11.45 -2.56 -3.84
CA ARG A 45 12.88 -2.85 -3.87
C ARG A 45 13.69 -1.56 -3.71
N LEU A 46 13.41 -0.82 -2.65
CA LEU A 46 14.11 0.44 -2.38
C LEU A 46 15.50 0.18 -1.81
N TYR A 47 15.92 -1.08 -1.83
CA TYR A 47 17.23 -1.47 -1.31
C TYR A 47 18.34 -0.90 -2.20
N THR A 48 19.00 0.13 -1.70
CA THR A 48 20.10 0.76 -2.45
C THR A 48 21.29 1.03 -1.54
N ASN A 49 22.46 1.22 -2.14
CA ASN A 49 23.67 1.49 -1.39
C ASN A 49 23.50 2.72 -0.49
N ASP A 50 22.78 3.71 -0.99
CA ASP A 50 22.53 4.94 -0.24
C ASP A 50 21.12 4.96 0.31
N SER A 51 20.92 5.72 1.39
CA SER A 51 19.60 5.82 2.01
C SER A 51 18.50 5.91 0.96
N ILE A 52 17.30 5.47 1.34
CA ILE A 52 16.16 5.50 0.43
C ILE A 52 15.81 6.93 0.04
N PHE A 53 16.28 7.89 0.83
CA PHE A 53 16.03 9.30 0.57
C PHE A 53 16.36 9.65 -0.88
N LEU A 54 17.13 8.79 -1.53
CA LEU A 54 17.53 9.02 -2.91
C LEU A 54 16.34 9.42 -3.77
N LYS A 55 15.30 8.59 -3.75
CA LYS A 55 14.10 8.85 -4.53
C LYS A 55 13.42 10.14 -4.05
N LYS A 56 12.27 10.46 -4.65
CA LYS A 56 11.53 11.65 -4.28
C LYS A 56 10.18 11.30 -3.67
N THR A 57 9.48 10.36 -4.29
CA THR A 57 8.18 9.93 -3.79
C THR A 57 8.14 8.42 -3.59
N LEU A 58 7.56 7.99 -2.47
CA LEU A 58 7.46 6.57 -2.17
C LEU A 58 6.00 6.14 -2.02
N TYR A 59 5.64 5.06 -2.68
CA TYR A 59 4.27 4.55 -2.62
C TYR A 59 4.08 3.65 -1.41
N ILE A 60 2.88 3.68 -0.84
CA ILE A 60 2.57 2.86 0.33
C ILE A 60 1.50 1.82 0.00
N PRO A 61 1.83 0.55 0.19
CA PRO A 61 0.91 -0.57 -0.08
C PRO A 61 -0.24 -0.62 0.91
N ILE A 62 -1.46 -0.46 0.41
CA ILE A 62 -2.65 -0.49 1.26
C ILE A 62 -3.25 -1.89 1.32
N LEU A 63 -3.22 -2.48 2.50
CA LEU A 63 -3.77 -3.82 2.69
C LEU A 63 -5.16 -3.77 3.31
N THR A 64 -6.18 -3.99 2.48
CA THR A 64 -7.56 -3.96 2.95
C THR A 64 -8.21 -5.34 2.83
N GLU A 65 -8.98 -5.71 3.85
CA GLU A 65 -9.65 -7.01 3.86
C GLU A 65 -10.79 -7.04 2.85
N PRO A 66 -10.99 -8.20 2.21
CA PRO A 66 -12.04 -8.39 1.21
C PRO A 66 -13.44 -8.37 1.83
N ARG A 67 -13.49 -8.44 3.15
CA ARG A 67 -14.77 -8.44 3.87
C ARG A 67 -15.13 -7.03 4.32
N ASP A 68 -14.76 -6.04 3.51
CA ASP A 68 -15.05 -4.65 3.83
C ASP A 68 -15.77 -3.95 2.68
N LEU A 69 -16.28 -2.76 2.94
CA LEU A 69 -16.99 -2.00 1.92
C LEU A 69 -16.12 -1.78 0.70
N PHE A 70 -16.74 -1.85 -0.49
CA PHE A 70 -16.02 -1.66 -1.73
C PHE A 70 -15.32 -0.29 -1.77
N ASN A 71 -14.28 -0.18 -2.57
CA ASN A 71 -13.53 1.06 -2.69
C ASN A 71 -13.71 1.67 -4.08
N SER A 72 -13.62 2.99 -4.16
CA SER A 72 -13.77 3.70 -5.42
C SER A 72 -12.43 3.82 -6.14
N GLY A 73 -11.40 4.22 -5.40
CA GLY A 73 -10.08 4.37 -5.98
C GLY A 73 -9.61 5.82 -5.98
N PRO A 74 -9.80 6.50 -7.12
CA PRO A 74 -9.40 7.90 -7.27
C PRO A 74 -10.25 8.85 -6.45
N SER A 75 -11.56 8.58 -6.41
CA SER A 75 -12.49 9.41 -5.64
C SER A 75 -12.33 9.16 -4.14
N SER A 76 -12.24 10.26 -3.38
CA SER A 76 -12.09 10.16 -1.94
C SER A 76 -13.44 10.30 -1.24
N GLY A 77 -14.23 11.26 -1.68
CA GLY A 77 -15.54 11.49 -1.08
C GLY A 77 -15.50 12.49 0.05
N GLY A 1 -22.91 -10.00 -4.85
CA GLY A 1 -23.82 -9.69 -3.75
C GLY A 1 -23.96 -8.20 -3.52
N SER A 2 -22.98 -7.60 -2.87
CA SER A 2 -23.01 -6.18 -2.58
C SER A 2 -22.05 -5.42 -3.50
N SER A 3 -22.59 -4.42 -4.20
CA SER A 3 -21.78 -3.62 -5.12
C SER A 3 -22.03 -2.12 -4.90
N GLY A 4 -20.95 -1.37 -4.72
CA GLY A 4 -21.07 0.05 -4.50
C GLY A 4 -20.70 0.86 -5.73
N SER A 5 -20.46 2.15 -5.54
CA SER A 5 -20.10 3.04 -6.64
C SER A 5 -18.59 3.00 -6.90
N SER A 6 -18.20 3.23 -8.15
CA SER A 6 -16.80 3.21 -8.53
C SER A 6 -16.07 2.05 -7.87
N GLY A 7 -16.72 0.89 -7.85
CA GLY A 7 -16.11 -0.29 -7.25
C GLY A 7 -16.75 -1.58 -7.73
N CYS A 8 -16.08 -2.25 -8.66
CA CYS A 8 -16.59 -3.50 -9.21
C CYS A 8 -15.72 -4.67 -8.78
N SER A 9 -14.44 -4.59 -9.08
CA SER A 9 -13.50 -5.65 -8.73
C SER A 9 -12.82 -5.35 -7.39
N PRO A 10 -12.65 -6.41 -6.57
CA PRO A 10 -12.01 -6.28 -5.25
C PRO A 10 -10.52 -5.99 -5.35
N VAL A 11 -10.17 -4.71 -5.24
CA VAL A 11 -8.77 -4.30 -5.32
C VAL A 11 -8.02 -4.66 -4.04
N ARG A 12 -7.29 -5.77 -4.08
CA ARG A 12 -6.53 -6.23 -2.93
C ARG A 12 -5.19 -5.50 -2.84
N GLU A 13 -4.59 -5.23 -4.00
CA GLU A 13 -3.30 -4.55 -4.05
C GLU A 13 -3.47 -3.11 -4.56
N ARG A 14 -2.94 -2.16 -3.79
CA ARG A 14 -3.04 -0.75 -4.16
C ARG A 14 -1.85 0.03 -3.62
N ARG A 15 -1.52 1.14 -4.29
CA ARG A 15 -0.40 1.97 -3.88
C ARG A 15 -0.81 3.44 -3.81
N LEU A 16 -0.36 4.12 -2.77
CA LEU A 16 -0.67 5.54 -2.59
C LEU A 16 0.59 6.40 -2.63
N GLU A 17 0.52 7.48 -3.40
CA GLU A 17 1.66 8.38 -3.53
C GLU A 17 1.84 9.23 -2.27
N HIS A 18 3.00 9.09 -1.64
CA HIS A 18 3.29 9.84 -0.42
C HIS A 18 4.50 10.75 -0.63
N GLN A 19 4.26 12.06 -0.59
CA GLN A 19 5.33 13.04 -0.77
C GLN A 19 6.44 12.82 0.25
N LEU A 20 7.41 11.99 -0.11
CA LEU A 20 8.53 11.70 0.78
C LEU A 20 9.37 12.96 1.03
N GLU A 21 10.09 12.97 2.15
CA GLU A 21 10.93 14.11 2.50
C GLU A 21 12.28 13.64 3.01
N PRO A 22 13.30 14.49 2.85
CA PRO A 22 14.67 14.19 3.29
C PRO A 22 14.80 14.19 4.80
N GLY A 23 14.82 12.99 5.40
CA GLY A 23 14.93 12.88 6.84
C GLY A 23 13.90 11.93 7.43
N ASP A 24 12.88 11.62 6.66
CA ASP A 24 11.82 10.71 7.11
C ASP A 24 12.42 9.43 7.68
N THR A 25 11.54 8.54 8.15
CA THR A 25 11.98 7.27 8.72
C THR A 25 11.07 6.13 8.28
N LEU A 26 11.67 4.98 8.00
CA LEU A 26 10.91 3.81 7.57
C LEU A 26 9.91 3.38 8.64
N ALA A 27 10.35 3.41 9.89
CA ALA A 27 9.48 3.03 11.01
C ALA A 27 8.28 3.96 11.11
N GLY A 28 8.50 5.22 10.77
CA GLY A 28 7.42 6.20 10.84
C GLY A 28 6.31 5.90 9.85
N LEU A 29 6.65 5.82 8.58
CA LEU A 29 5.67 5.53 7.53
C LEU A 29 4.99 4.20 7.78
N ALA A 30 5.78 3.17 8.04
CA ALA A 30 5.24 1.83 8.29
C ALA A 30 3.98 1.90 9.14
N LEU A 31 4.12 2.39 10.36
CA LEU A 31 2.98 2.51 11.28
C LEU A 31 2.00 3.57 10.78
N LYS A 32 2.53 4.74 10.43
CA LYS A 32 1.70 5.83 9.93
C LYS A 32 0.53 5.31 9.12
N TYR A 33 0.75 4.23 8.40
CA TYR A 33 -0.28 3.62 7.57
C TYR A 33 -0.86 2.38 8.24
N GLY A 34 0.03 1.42 8.54
CA GLY A 34 -0.41 0.18 9.18
C GLY A 34 0.29 -1.04 8.61
N VAL A 35 1.55 -0.86 8.21
CA VAL A 35 2.32 -1.96 7.64
C VAL A 35 3.74 -1.98 8.21
N THR A 36 4.57 -2.88 7.68
CA THR A 36 5.95 -3.00 8.13
C THR A 36 6.89 -2.23 7.22
N MET A 37 8.11 -2.01 7.70
CA MET A 37 9.11 -1.28 6.92
C MET A 37 9.61 -2.12 5.76
N GLU A 38 9.83 -3.41 6.00
CA GLU A 38 10.30 -4.32 4.98
C GLU A 38 9.33 -4.38 3.80
N GLN A 39 8.06 -4.66 4.09
CA GLN A 39 7.03 -4.73 3.07
C GLN A 39 7.14 -3.56 2.09
N ILE A 40 7.08 -2.35 2.62
CA ILE A 40 7.17 -1.15 1.80
C ILE A 40 8.44 -1.18 0.93
N LYS A 41 9.53 -1.67 1.51
CA LYS A 41 10.79 -1.75 0.79
C LYS A 41 10.74 -2.81 -0.30
N ARG A 42 10.68 -4.07 0.11
CA ARG A 42 10.62 -5.18 -0.84
C ARG A 42 9.60 -4.90 -1.94
N ALA A 43 8.50 -4.26 -1.57
CA ALA A 43 7.45 -3.93 -2.52
C ALA A 43 7.97 -3.01 -3.62
N ASN A 44 8.87 -2.10 -3.25
CA ASN A 44 9.44 -1.15 -4.19
C ASN A 44 10.96 -1.30 -4.24
N ARG A 45 11.46 -2.46 -3.83
CA ARG A 45 12.90 -2.72 -3.82
C ARG A 45 13.68 -1.44 -3.52
N LEU A 46 13.21 -0.69 -2.54
CA LEU A 46 13.87 0.55 -2.14
C LEU A 46 15.21 0.28 -1.48
N TYR A 47 15.42 -0.97 -1.08
CA TYR A 47 16.66 -1.36 -0.43
C TYR A 47 17.86 -1.12 -1.34
N THR A 48 18.63 -0.08 -1.03
CA THR A 48 19.81 0.26 -1.82
C THR A 48 20.99 0.59 -0.92
N ASN A 49 22.19 0.53 -1.49
CA ASN A 49 23.41 0.82 -0.74
C ASN A 49 23.28 2.13 0.02
N ASP A 50 22.62 3.10 -0.60
CA ASP A 50 22.42 4.41 0.03
C ASP A 50 20.99 4.56 0.54
N SER A 51 20.80 5.43 1.52
CA SER A 51 19.49 5.66 2.10
C SER A 51 18.41 5.69 1.02
N ILE A 52 17.16 5.54 1.44
CA ILE A 52 16.04 5.55 0.51
C ILE A 52 15.76 6.96 0.00
N PHE A 53 16.16 7.96 0.77
CA PHE A 53 15.94 9.35 0.41
C PHE A 53 16.34 9.60 -1.05
N LEU A 54 17.17 8.70 -1.59
CA LEU A 54 17.62 8.82 -2.97
C LEU A 54 16.47 9.19 -3.89
N LYS A 55 15.28 8.71 -3.55
CA LYS A 55 14.09 8.98 -4.35
C LYS A 55 13.39 10.26 -3.88
N LYS A 56 12.24 10.56 -4.46
CA LYS A 56 11.48 11.75 -4.10
C LYS A 56 10.13 11.37 -3.51
N THR A 57 9.44 10.45 -4.17
CA THR A 57 8.13 9.99 -3.71
C THR A 57 8.10 8.48 -3.55
N LEU A 58 7.45 8.02 -2.49
CA LEU A 58 7.34 6.59 -2.21
C LEU A 58 5.88 6.16 -2.13
N TYR A 59 5.57 5.00 -2.72
CA TYR A 59 4.22 4.47 -2.71
C TYR A 59 4.00 3.56 -1.51
N ILE A 60 2.79 3.58 -0.97
CA ILE A 60 2.45 2.76 0.18
C ILE A 60 1.40 1.71 -0.20
N PRO A 61 1.74 0.43 0.02
CA PRO A 61 0.85 -0.70 -0.30
C PRO A 61 -0.34 -0.76 0.65
N ILE A 62 -1.54 -0.58 0.11
CA ILE A 62 -2.75 -0.63 0.91
C ILE A 62 -3.28 -2.05 1.02
N LEU A 63 -3.10 -2.65 2.20
CA LEU A 63 -3.56 -4.01 2.43
C LEU A 63 -4.88 -4.01 3.19
N THR A 64 -5.97 -4.28 2.48
CA THR A 64 -7.30 -4.32 3.08
C THR A 64 -8.06 -5.57 2.67
N GLU A 65 -8.93 -6.04 3.56
CA GLU A 65 -9.72 -7.24 3.29
C GLU A 65 -11.21 -6.89 3.17
N PRO A 66 -11.88 -7.53 2.20
CA PRO A 66 -13.31 -7.30 1.95
C PRO A 66 -14.19 -7.86 3.07
N ARG A 67 -13.58 -8.69 3.93
CA ARG A 67 -14.31 -9.28 5.04
C ARG A 67 -15.39 -10.24 4.52
N ASP A 68 -15.11 -10.88 3.40
CA ASP A 68 -16.06 -11.83 2.80
C ASP A 68 -16.16 -13.09 3.64
N LEU A 69 -17.20 -13.88 3.39
CA LEU A 69 -17.41 -15.12 4.12
C LEU A 69 -16.12 -15.93 4.22
N PHE A 70 -16.10 -16.91 5.11
CA PHE A 70 -14.93 -17.76 5.31
C PHE A 70 -15.05 -19.04 4.49
N ASN A 71 -15.49 -18.89 3.24
CA ASN A 71 -15.65 -20.04 2.36
C ASN A 71 -14.29 -20.49 1.80
N SER A 72 -13.49 -19.53 1.35
CA SER A 72 -12.18 -19.83 0.80
C SER A 72 -11.16 -20.07 1.91
N GLY A 73 -9.98 -20.55 1.53
CA GLY A 73 -8.94 -20.82 2.51
C GLY A 73 -9.40 -21.78 3.59
N PRO A 74 -8.59 -21.90 4.65
CA PRO A 74 -8.89 -22.78 5.78
C PRO A 74 -10.07 -22.29 6.60
N SER A 75 -10.65 -23.18 7.42
CA SER A 75 -11.78 -22.83 8.25
C SER A 75 -11.70 -23.56 9.59
N SER A 76 -12.23 -22.93 10.64
CA SER A 76 -12.23 -23.51 11.97
C SER A 76 -13.51 -24.29 12.24
N GLY A 77 -13.38 -25.61 12.32
CA GLY A 77 -14.54 -26.46 12.56
C GLY A 77 -14.55 -27.69 11.68
N GLY A 1 -8.38 -28.22 15.45
CA GLY A 1 -8.79 -26.99 16.11
C GLY A 1 -10.20 -26.58 15.75
N SER A 2 -10.44 -25.28 15.70
CA SER A 2 -11.77 -24.75 15.37
C SER A 2 -11.79 -24.17 13.96
N SER A 3 -12.90 -24.38 13.26
CA SER A 3 -13.05 -23.89 11.89
C SER A 3 -13.44 -22.42 11.89
N GLY A 4 -12.82 -21.65 11.00
CA GLY A 4 -13.12 -20.22 10.91
C GLY A 4 -13.20 -19.74 9.49
N SER A 5 -12.07 -19.27 8.95
CA SER A 5 -12.02 -18.76 7.58
C SER A 5 -11.46 -19.82 6.63
N SER A 6 -12.29 -20.28 5.71
CA SER A 6 -11.87 -21.29 4.74
C SER A 6 -11.73 -20.68 3.34
N GLY A 7 -11.22 -19.46 3.29
CA GLY A 7 -11.04 -18.78 2.01
C GLY A 7 -9.59 -18.44 1.73
N CYS A 8 -9.17 -18.70 0.50
CA CYS A 8 -7.79 -18.43 0.10
C CYS A 8 -7.74 -17.53 -1.14
N SER A 9 -8.56 -16.48 -1.13
CA SER A 9 -8.62 -15.54 -2.25
C SER A 9 -7.59 -14.44 -2.10
N PRO A 10 -7.00 -14.01 -3.23
CA PRO A 10 -5.98 -12.96 -3.25
C PRO A 10 -6.57 -11.59 -2.92
N VAL A 11 -5.69 -10.64 -2.60
CA VAL A 11 -6.11 -9.28 -2.27
C VAL A 11 -5.63 -8.28 -3.31
N ARG A 12 -6.57 -7.56 -3.91
CA ARG A 12 -6.23 -6.57 -4.93
C ARG A 12 -5.06 -5.71 -4.47
N GLU A 13 -4.07 -5.56 -5.35
CA GLU A 13 -2.89 -4.77 -5.05
C GLU A 13 -3.15 -3.29 -5.27
N ARG A 14 -2.66 -2.46 -4.35
CA ARG A 14 -2.85 -1.01 -4.44
C ARG A 14 -1.66 -0.27 -3.84
N ARG A 15 -1.36 0.89 -4.40
CA ARG A 15 -0.24 1.70 -3.92
C ARG A 15 -0.63 3.18 -3.83
N LEU A 16 -0.30 3.80 -2.70
CA LEU A 16 -0.63 5.21 -2.50
C LEU A 16 0.61 6.09 -2.70
N GLU A 17 0.42 7.22 -3.37
CA GLU A 17 1.51 8.14 -3.64
C GLU A 17 1.71 9.09 -2.46
N HIS A 18 2.91 9.07 -1.89
CA HIS A 18 3.24 9.94 -0.76
C HIS A 18 4.46 10.80 -1.07
N GLN A 19 4.30 12.11 -0.93
CA GLN A 19 5.39 13.05 -1.19
C GLN A 19 6.47 12.94 -0.12
N LEU A 20 7.31 11.91 -0.22
CA LEU A 20 8.38 11.71 0.74
C LEU A 20 9.06 13.03 1.10
N GLU A 21 9.38 13.19 2.38
CA GLU A 21 10.02 14.40 2.85
C GLU A 21 11.37 14.08 3.49
N PRO A 22 12.23 15.11 3.61
CA PRO A 22 13.57 14.96 4.20
C PRO A 22 13.50 14.71 5.71
N GLY A 23 12.29 14.64 6.25
CA GLY A 23 12.12 14.41 7.67
C GLY A 23 11.24 13.19 7.95
N ASP A 24 11.39 12.15 7.15
CA ASP A 24 10.61 10.94 7.32
C ASP A 24 11.52 9.75 7.60
N THR A 25 10.95 8.69 8.17
CA THR A 25 11.69 7.49 8.50
C THR A 25 10.90 6.23 8.18
N LEU A 26 11.58 5.22 7.65
CA LEU A 26 10.93 3.97 7.30
C LEU A 26 9.99 3.51 8.41
N ALA A 27 10.56 3.26 9.59
CA ALA A 27 9.77 2.82 10.74
C ALA A 27 8.58 3.74 10.97
N GLY A 28 8.75 5.01 10.64
CA GLY A 28 7.68 5.99 10.83
C GLY A 28 6.53 5.76 9.87
N LEU A 29 6.82 5.81 8.57
CA LEU A 29 5.79 5.62 7.55
C LEU A 29 5.10 4.26 7.73
N ALA A 30 5.90 3.22 7.90
CA ALA A 30 5.37 1.88 8.08
C ALA A 30 4.14 1.89 8.99
N LEU A 31 4.31 2.40 10.20
CA LEU A 31 3.21 2.47 11.16
C LEU A 31 2.23 3.58 10.79
N LYS A 32 2.77 4.73 10.43
CA LYS A 32 1.94 5.88 10.04
C LYS A 32 0.70 5.41 9.28
N TYR A 33 0.85 4.36 8.50
CA TYR A 33 -0.26 3.82 7.72
C TYR A 33 -0.81 2.56 8.36
N GLY A 34 -0.01 1.49 8.36
CA GLY A 34 -0.43 0.24 8.94
C GLY A 34 0.28 -0.95 8.33
N VAL A 35 1.54 -0.76 7.96
CA VAL A 35 2.33 -1.83 7.36
C VAL A 35 3.73 -1.87 7.96
N THR A 36 4.53 -2.83 7.51
CA THR A 36 5.90 -2.98 7.99
C THR A 36 6.91 -2.45 6.98
N MET A 37 7.99 -1.87 7.49
CA MET A 37 9.04 -1.32 6.63
C MET A 37 9.42 -2.32 5.55
N GLU A 38 9.58 -3.58 5.94
CA GLU A 38 9.95 -4.63 5.00
C GLU A 38 9.02 -4.66 3.80
N GLN A 39 7.72 -4.63 4.07
CA GLN A 39 6.72 -4.64 3.02
C GLN A 39 6.91 -3.48 2.05
N ILE A 40 6.84 -2.27 2.58
CA ILE A 40 7.02 -1.07 1.77
C ILE A 40 8.30 -1.15 0.95
N LYS A 41 9.39 -1.55 1.59
CA LYS A 41 10.67 -1.67 0.93
C LYS A 41 10.63 -2.75 -0.16
N ARG A 42 10.51 -4.01 0.27
CA ARG A 42 10.46 -5.12 -0.65
C ARG A 42 9.44 -4.87 -1.75
N ALA A 43 8.38 -4.13 -1.42
CA ALA A 43 7.34 -3.81 -2.39
C ALA A 43 7.87 -2.91 -3.49
N ASN A 44 8.83 -2.05 -3.15
CA ASN A 44 9.42 -1.14 -4.12
C ASN A 44 10.94 -1.29 -4.16
N ARG A 45 11.42 -2.44 -3.70
CA ARG A 45 12.85 -2.71 -3.68
C ARG A 45 13.64 -1.43 -3.44
N LEU A 46 13.23 -0.66 -2.44
CA LEU A 46 13.91 0.58 -2.11
C LEU A 46 15.28 0.31 -1.51
N TYR A 47 15.49 -0.91 -1.04
CA TYR A 47 16.76 -1.30 -0.45
C TYR A 47 17.93 -0.96 -1.38
N THR A 48 18.67 0.09 -1.04
CA THR A 48 19.80 0.51 -1.85
C THR A 48 21.02 0.82 -0.97
N ASN A 49 22.20 0.82 -1.58
CA ASN A 49 23.43 1.10 -0.85
C ASN A 49 23.29 2.37 -0.02
N ASP A 50 22.61 3.36 -0.57
CA ASP A 50 22.40 4.63 0.12
C ASP A 50 20.99 4.74 0.65
N SER A 51 20.80 5.56 1.67
CA SER A 51 19.48 5.76 2.28
C SER A 51 18.40 5.81 1.21
N ILE A 52 17.15 5.63 1.63
CA ILE A 52 16.02 5.67 0.71
C ILE A 52 15.71 7.09 0.27
N PHE A 53 16.12 8.06 1.09
CA PHE A 53 15.89 9.46 0.78
C PHE A 53 16.26 9.78 -0.66
N LEU A 54 17.09 8.92 -1.25
CA LEU A 54 17.52 9.12 -2.63
C LEU A 54 16.35 9.55 -3.51
N LYS A 55 15.17 9.03 -3.22
CA LYS A 55 13.97 9.37 -3.98
C LYS A 55 13.23 10.54 -3.34
N LYS A 56 12.10 10.91 -3.93
CA LYS A 56 11.30 12.01 -3.42
C LYS A 56 9.88 11.54 -3.09
N THR A 57 9.41 10.54 -3.83
CA THR A 57 8.07 9.99 -3.62
C THR A 57 8.11 8.48 -3.45
N LEU A 58 7.45 7.99 -2.40
CA LEU A 58 7.41 6.56 -2.13
C LEU A 58 5.97 6.06 -2.12
N TYR A 59 5.75 4.90 -2.73
CA TYR A 59 4.42 4.30 -2.79
C TYR A 59 4.10 3.55 -1.49
N ILE A 60 2.83 3.56 -1.11
CA ILE A 60 2.39 2.88 0.09
C ILE A 60 1.35 1.81 -0.22
N PRO A 61 1.71 0.54 0.05
CA PRO A 61 0.83 -0.60 -0.20
C PRO A 61 -0.35 -0.64 0.76
N ILE A 62 -1.56 -0.48 0.22
CA ILE A 62 -2.77 -0.50 1.03
C ILE A 62 -3.38 -1.90 1.07
N LEU A 63 -3.51 -2.45 2.27
CA LEU A 63 -4.09 -3.78 2.44
C LEU A 63 -5.58 -3.69 2.77
N THR A 64 -6.42 -3.97 1.77
CA THR A 64 -7.86 -3.93 1.96
C THR A 64 -8.48 -5.30 1.79
N GLU A 65 -9.05 -5.83 2.87
CA GLU A 65 -9.68 -7.15 2.84
C GLU A 65 -11.13 -7.06 3.31
N PRO A 66 -11.98 -7.93 2.74
CA PRO A 66 -13.41 -7.97 3.07
C PRO A 66 -13.65 -8.51 4.48
N ARG A 67 -12.57 -8.86 5.17
CA ARG A 67 -12.67 -9.40 6.52
C ARG A 67 -13.78 -8.71 7.30
N ASP A 68 -13.73 -7.39 7.34
CA ASP A 68 -14.73 -6.60 8.05
C ASP A 68 -16.12 -6.84 7.47
N LEU A 69 -17.15 -6.54 8.26
CA LEU A 69 -18.53 -6.73 7.82
C LEU A 69 -18.82 -5.89 6.58
N PHE A 70 -18.63 -4.58 6.70
CA PHE A 70 -18.88 -3.67 5.58
C PHE A 70 -18.05 -4.06 4.37
N ASN A 71 -18.60 -3.82 3.18
CA ASN A 71 -17.91 -4.15 1.94
C ASN A 71 -17.81 -2.94 1.03
N SER A 72 -16.63 -2.32 0.99
CA SER A 72 -16.41 -1.14 0.16
C SER A 72 -16.19 -1.53 -1.29
N GLY A 73 -17.16 -1.23 -2.13
CA GLY A 73 -17.06 -1.55 -3.55
C GLY A 73 -17.97 -0.72 -4.41
N PRO A 74 -17.38 0.04 -5.35
CA PRO A 74 -18.14 0.91 -6.26
C PRO A 74 -18.96 0.12 -7.27
N SER A 75 -18.31 -0.82 -7.95
CA SER A 75 -18.97 -1.65 -8.95
C SER A 75 -18.51 -3.11 -8.85
N SER A 76 -19.44 -4.03 -9.02
CA SER A 76 -19.14 -5.45 -8.95
C SER A 76 -18.22 -5.87 -10.10
N GLY A 77 -17.22 -6.68 -9.79
CA GLY A 77 -16.28 -7.13 -10.80
C GLY A 77 -16.65 -8.51 -11.34
N GLY A 1 20.72 -10.69 -16.32
CA GLY A 1 21.18 -11.82 -15.54
C GLY A 1 20.40 -11.97 -14.24
N SER A 2 19.09 -11.93 -14.33
CA SER A 2 18.23 -12.05 -13.15
C SER A 2 17.05 -12.98 -13.43
N SER A 3 16.91 -14.01 -12.62
CA SER A 3 15.83 -14.98 -12.78
C SER A 3 14.73 -14.74 -11.75
N GLY A 4 13.57 -15.35 -11.97
CA GLY A 4 12.45 -15.19 -11.06
C GLY A 4 11.15 -14.92 -11.78
N SER A 5 10.64 -13.70 -11.63
CA SER A 5 9.39 -13.31 -12.27
C SER A 5 8.42 -14.49 -12.31
N SER A 6 8.32 -15.21 -11.20
CA SER A 6 7.43 -16.36 -11.11
C SER A 6 6.71 -16.39 -9.77
N GLY A 7 5.38 -16.30 -9.82
CA GLY A 7 4.59 -16.31 -8.60
C GLY A 7 3.54 -15.23 -8.58
N CYS A 8 2.84 -15.06 -9.71
CA CYS A 8 1.80 -14.05 -9.81
C CYS A 8 0.58 -14.44 -8.99
N SER A 9 0.31 -13.67 -7.93
CA SER A 9 -0.83 -13.94 -7.06
C SER A 9 -1.97 -12.97 -7.34
N PRO A 10 -3.21 -13.47 -7.25
CA PRO A 10 -4.40 -12.66 -7.49
C PRO A 10 -4.64 -11.63 -6.40
N VAL A 11 -3.67 -11.50 -5.49
CA VAL A 11 -3.76 -10.55 -4.39
C VAL A 11 -3.87 -9.12 -4.90
N ARG A 12 -4.93 -8.43 -4.49
CA ARG A 12 -5.15 -7.04 -4.91
C ARG A 12 -3.88 -6.22 -4.74
N GLU A 13 -3.69 -5.26 -5.64
CA GLU A 13 -2.51 -4.39 -5.59
C GLU A 13 -2.92 -2.92 -5.48
N ARG A 14 -2.42 -2.26 -4.43
CA ARG A 14 -2.73 -0.86 -4.21
C ARG A 14 -1.51 -0.10 -3.70
N ARG A 15 -1.38 1.16 -4.10
CA ARG A 15 -0.26 1.98 -3.68
C ARG A 15 -0.66 3.44 -3.59
N LEU A 16 -0.26 4.09 -2.50
CA LEU A 16 -0.58 5.50 -2.28
C LEU A 16 0.67 6.37 -2.34
N GLU A 17 0.60 7.47 -3.07
CA GLU A 17 1.72 8.37 -3.20
C GLU A 17 1.93 9.18 -1.92
N HIS A 18 3.17 9.22 -1.44
CA HIS A 18 3.49 9.96 -0.23
C HIS A 18 4.69 10.88 -0.45
N GLN A 19 4.45 12.18 -0.37
CA GLN A 19 5.51 13.17 -0.57
C GLN A 19 6.68 12.91 0.40
N LEU A 20 7.54 11.97 0.03
CA LEU A 20 8.70 11.64 0.86
C LEU A 20 9.43 12.90 1.31
N GLU A 21 9.29 13.24 2.60
CA GLU A 21 9.94 14.42 3.14
C GLU A 21 11.43 14.15 3.38
N PRO A 22 12.23 15.24 3.37
CA PRO A 22 13.67 15.15 3.57
C PRO A 22 14.03 14.79 5.01
N GLY A 23 13.01 14.56 5.83
CA GLY A 23 13.24 14.21 7.23
C GLY A 23 12.34 13.08 7.69
N ASP A 24 11.80 12.32 6.74
CA ASP A 24 10.92 11.21 7.05
C ASP A 24 11.71 9.93 7.25
N THR A 25 11.07 8.92 7.84
CA THR A 25 11.72 7.64 8.09
C THR A 25 10.81 6.48 7.70
N LEU A 26 11.42 5.33 7.42
CA LEU A 26 10.66 4.14 7.03
C LEU A 26 9.70 3.73 8.14
N ALA A 27 10.21 3.57 9.35
CA ALA A 27 9.40 3.19 10.49
C ALA A 27 8.15 4.06 10.58
N GLY A 28 8.33 5.37 10.39
CA GLY A 28 7.21 6.29 10.47
C GLY A 28 6.07 5.89 9.55
N LEU A 29 6.35 5.83 8.25
CA LEU A 29 5.34 5.46 7.26
C LEU A 29 4.72 4.12 7.59
N ALA A 30 5.56 3.11 7.80
CA ALA A 30 5.10 1.77 8.13
C ALA A 30 3.92 1.83 9.08
N LEU A 31 4.16 2.31 10.30
CA LEU A 31 3.11 2.42 11.30
C LEU A 31 2.04 3.41 10.88
N LYS A 32 2.46 4.58 10.43
CA LYS A 32 1.54 5.62 9.97
C LYS A 32 0.32 5.00 9.30
N TYR A 33 0.54 3.92 8.56
CA TYR A 33 -0.54 3.24 7.85
C TYR A 33 -0.91 1.94 8.57
N GLY A 34 0.05 1.04 8.69
CA GLY A 34 -0.20 -0.23 9.35
C GLY A 34 0.57 -1.38 8.70
N VAL A 35 1.76 -1.10 8.22
CA VAL A 35 2.59 -2.11 7.57
C VAL A 35 4.01 -2.09 8.13
N THR A 36 4.82 -3.06 7.71
CA THR A 36 6.20 -3.15 8.17
C THR A 36 7.15 -2.57 7.13
N MET A 37 8.08 -1.73 7.58
CA MET A 37 9.05 -1.11 6.69
C MET A 37 9.53 -2.11 5.63
N GLU A 38 9.90 -3.30 6.07
CA GLU A 38 10.36 -4.34 5.15
C GLU A 38 9.41 -4.49 3.97
N GLN A 39 8.12 -4.65 4.28
CA GLN A 39 7.10 -4.80 3.24
C GLN A 39 7.23 -3.72 2.19
N ILE A 40 7.08 -2.47 2.60
CA ILE A 40 7.18 -1.33 1.69
C ILE A 40 8.43 -1.43 0.82
N LYS A 41 9.58 -1.64 1.46
CA LYS A 41 10.84 -1.75 0.74
C LYS A 41 10.77 -2.87 -0.30
N ARG A 42 10.71 -4.11 0.17
CA ARG A 42 10.65 -5.26 -0.72
C ARG A 42 9.62 -5.02 -1.83
N ALA A 43 8.49 -4.43 -1.46
CA ALA A 43 7.44 -4.15 -2.42
C ALA A 43 7.94 -3.25 -3.56
N ASN A 44 8.87 -2.36 -3.23
CA ASN A 44 9.43 -1.45 -4.22
C ASN A 44 10.95 -1.60 -4.30
N ARG A 45 11.44 -2.75 -3.85
CA ARG A 45 12.88 -3.02 -3.85
C ARG A 45 13.67 -1.73 -3.64
N LEU A 46 13.26 -0.93 -2.67
CA LEU A 46 13.92 0.32 -2.36
C LEU A 46 15.29 0.07 -1.74
N TYR A 47 15.51 -1.16 -1.28
CA TYR A 47 16.79 -1.53 -0.66
C TYR A 47 17.95 -1.18 -1.58
N THR A 48 18.69 -0.13 -1.23
CA THR A 48 19.83 0.30 -2.02
C THR A 48 21.03 0.59 -1.12
N ASN A 49 22.23 0.60 -1.72
CA ASN A 49 23.45 0.86 -0.98
C ASN A 49 23.31 2.14 -0.15
N ASP A 50 22.66 3.15 -0.71
CA ASP A 50 22.47 4.41 -0.02
C ASP A 50 21.02 4.53 0.50
N SER A 51 20.83 5.35 1.53
CA SER A 51 19.52 5.55 2.11
C SER A 51 18.45 5.63 1.03
N ILE A 52 17.19 5.44 1.44
CA ILE A 52 16.08 5.49 0.50
C ILE A 52 15.83 6.91 0.01
N PHE A 53 16.26 7.89 0.80
CA PHE A 53 16.09 9.29 0.45
C PHE A 53 16.50 9.54 -1.00
N LEU A 54 17.30 8.64 -1.55
CA LEU A 54 17.76 8.76 -2.92
C LEU A 54 16.62 9.17 -3.85
N LYS A 55 15.44 8.57 -3.63
CA LYS A 55 14.27 8.88 -4.44
C LYS A 55 13.60 10.16 -3.96
N LYS A 56 12.58 10.60 -4.69
CA LYS A 56 11.85 11.81 -4.35
C LYS A 56 10.54 11.48 -3.66
N THR A 57 9.76 10.60 -4.29
CA THR A 57 8.47 10.18 -3.74
C THR A 57 8.36 8.67 -3.68
N LEU A 58 7.66 8.17 -2.66
CA LEU A 58 7.47 6.74 -2.48
C LEU A 58 5.99 6.38 -2.42
N TYR A 59 5.68 5.10 -2.61
CA TYR A 59 4.31 4.63 -2.58
C TYR A 59 4.06 3.74 -1.37
N ILE A 60 2.84 3.78 -0.85
CA ILE A 60 2.47 2.98 0.31
C ILE A 60 1.43 1.92 -0.05
N PRO A 61 1.77 0.65 0.18
CA PRO A 61 0.89 -0.48 -0.11
C PRO A 61 -0.32 -0.52 0.82
N ILE A 62 -1.52 -0.37 0.26
CA ILE A 62 -2.74 -0.39 1.04
C ILE A 62 -3.28 -1.82 1.17
N LEU A 63 -3.46 -2.27 2.40
CA LEU A 63 -3.98 -3.60 2.66
C LEU A 63 -5.37 -3.54 3.31
N THR A 64 -6.38 -3.85 2.52
CA THR A 64 -7.76 -3.83 3.02
C THR A 64 -8.50 -5.10 2.62
N GLU A 65 -9.55 -5.42 3.37
CA GLU A 65 -10.35 -6.61 3.09
C GLU A 65 -11.34 -6.36 1.96
N PRO A 66 -11.50 -7.37 1.09
CA PRO A 66 -12.41 -7.28 -0.05
C PRO A 66 -13.87 -7.27 0.37
N ARG A 67 -14.11 -7.38 1.67
CA ARG A 67 -15.47 -7.38 2.20
C ARG A 67 -15.97 -5.95 2.43
N ASP A 68 -15.25 -5.21 3.26
CA ASP A 68 -15.63 -3.82 3.56
C ASP A 68 -15.78 -3.01 2.28
N LEU A 69 -17.00 -2.98 1.75
CA LEU A 69 -17.28 -2.24 0.52
C LEU A 69 -18.75 -1.84 0.45
N PHE A 70 -19.00 -0.57 0.16
CA PHE A 70 -20.37 -0.06 0.07
C PHE A 70 -20.92 -0.26 -1.34
N ASN A 71 -20.78 -1.48 -1.85
CA ASN A 71 -21.27 -1.81 -3.19
C ASN A 71 -22.77 -2.07 -3.16
N SER A 72 -23.35 -2.26 -4.35
CA SER A 72 -24.78 -2.53 -4.46
C SER A 72 -25.11 -3.16 -5.82
N GLY A 73 -26.26 -3.82 -5.90
CA GLY A 73 -26.66 -4.46 -7.13
C GLY A 73 -27.37 -3.50 -8.07
N PRO A 74 -27.13 -3.66 -9.37
CA PRO A 74 -27.73 -2.81 -10.41
C PRO A 74 -29.22 -3.07 -10.56
N SER A 75 -29.88 -2.29 -11.41
CA SER A 75 -31.31 -2.43 -11.64
C SER A 75 -31.66 -3.87 -12.01
N SER A 76 -32.42 -4.52 -11.15
CA SER A 76 -32.83 -5.90 -11.38
C SER A 76 -31.62 -6.84 -11.35
N GLY A 77 -30.74 -6.61 -10.38
CA GLY A 77 -29.55 -7.44 -10.25
C GLY A 77 -29.25 -7.79 -8.82
N GLY A 1 -6.28 -22.99 -10.18
CA GLY A 1 -6.26 -21.59 -9.77
C GLY A 1 -7.55 -21.16 -9.11
N SER A 2 -8.43 -20.54 -9.89
CA SER A 2 -9.72 -20.06 -9.38
C SER A 2 -10.65 -19.69 -10.51
N SER A 3 -11.95 -19.89 -10.29
CA SER A 3 -12.96 -19.57 -11.30
C SER A 3 -13.70 -18.29 -10.94
N GLY A 4 -14.16 -17.59 -11.96
CA GLY A 4 -14.88 -16.34 -11.73
C GLY A 4 -14.71 -15.36 -12.87
N SER A 5 -13.99 -14.26 -12.60
CA SER A 5 -13.75 -13.24 -13.61
C SER A 5 -12.98 -13.81 -14.80
N SER A 6 -13.07 -13.12 -15.93
CA SER A 6 -12.38 -13.57 -17.14
C SER A 6 -11.76 -12.38 -17.87
N GLY A 7 -10.87 -12.67 -18.82
CA GLY A 7 -10.21 -11.63 -19.57
C GLY A 7 -9.16 -10.90 -18.75
N CYS A 8 -9.61 -10.15 -17.75
CA CYS A 8 -8.69 -9.40 -16.90
C CYS A 8 -8.08 -10.31 -15.83
N SER A 9 -6.87 -9.97 -15.41
CA SER A 9 -6.18 -10.76 -14.39
C SER A 9 -6.59 -10.31 -12.99
N PRO A 10 -6.67 -11.27 -12.06
CA PRO A 10 -7.05 -11.00 -10.67
C PRO A 10 -5.96 -10.24 -9.91
N VAL A 11 -5.93 -8.92 -10.11
CA VAL A 11 -4.94 -8.09 -9.44
C VAL A 11 -5.59 -7.20 -8.38
N ARG A 12 -5.22 -7.41 -7.13
CA ARG A 12 -5.77 -6.65 -6.01
C ARG A 12 -4.67 -5.84 -5.32
N GLU A 13 -3.69 -5.39 -6.09
CA GLU A 13 -2.59 -4.62 -5.55
C GLU A 13 -2.81 -3.11 -5.77
N ARG A 14 -2.62 -2.33 -4.71
CA ARG A 14 -2.80 -0.90 -4.80
C ARG A 14 -1.69 -0.16 -4.04
N ARG A 15 -1.26 0.97 -4.58
CA ARG A 15 -0.21 1.77 -3.95
C ARG A 15 -0.64 3.22 -3.80
N LEU A 16 -0.21 3.85 -2.71
CA LEU A 16 -0.55 5.25 -2.45
C LEU A 16 0.69 6.13 -2.47
N GLU A 17 0.66 7.17 -3.31
CA GLU A 17 1.79 8.08 -3.42
C GLU A 17 1.89 8.98 -2.19
N HIS A 18 3.07 9.01 -1.58
CA HIS A 18 3.30 9.82 -0.40
C HIS A 18 4.47 10.78 -0.62
N GLN A 19 4.19 12.08 -0.54
CA GLN A 19 5.22 13.09 -0.73
C GLN A 19 6.32 12.96 0.32
N LEU A 20 7.25 12.04 0.08
CA LEU A 20 8.36 11.81 1.01
C LEU A 20 9.07 13.13 1.34
N GLU A 21 8.97 13.54 2.60
CA GLU A 21 9.60 14.78 3.05
C GLU A 21 10.98 14.50 3.64
N PRO A 22 11.84 15.53 3.65
CA PRO A 22 13.20 15.42 4.18
C PRO A 22 13.22 15.25 5.71
N GLY A 23 13.05 14.01 6.15
CA GLY A 23 13.04 13.74 7.58
C GLY A 23 12.27 12.48 7.93
N ASP A 24 11.38 12.07 7.03
CA ASP A 24 10.58 10.87 7.25
C ASP A 24 11.46 9.65 7.42
N THR A 25 10.91 8.62 8.07
CA THR A 25 11.66 7.38 8.30
C THR A 25 10.77 6.16 8.06
N LEU A 26 11.34 5.14 7.44
CA LEU A 26 10.60 3.91 7.16
C LEU A 26 9.69 3.54 8.31
N ALA A 27 10.27 3.46 9.51
CA ALA A 27 9.50 3.11 10.71
C ALA A 27 8.28 4.01 10.85
N GLY A 28 8.43 5.29 10.48
CA GLY A 28 7.32 6.22 10.57
C GLY A 28 6.16 5.83 9.68
N LEU A 29 6.42 5.75 8.37
CA LEU A 29 5.38 5.38 7.42
C LEU A 29 4.78 4.02 7.75
N ALA A 30 5.64 3.08 8.10
CA ALA A 30 5.20 1.73 8.46
C ALA A 30 3.98 1.79 9.38
N LEU A 31 4.12 2.47 10.50
CA LEU A 31 3.04 2.60 11.48
C LEU A 31 2.00 3.61 11.00
N LYS A 32 2.46 4.76 10.56
CA LYS A 32 1.58 5.82 10.08
C LYS A 32 0.37 5.22 9.35
N TYR A 33 0.60 4.15 8.61
CA TYR A 33 -0.46 3.49 7.87
C TYR A 33 -0.83 2.16 8.52
N GLY A 34 0.06 1.19 8.42
CA GLY A 34 -0.20 -0.12 9.01
C GLY A 34 0.55 -1.23 8.29
N VAL A 35 1.78 -0.93 7.87
CA VAL A 35 2.60 -1.91 7.17
C VAL A 35 3.98 -2.01 7.78
N THR A 36 4.79 -2.96 7.29
CA THR A 36 6.14 -3.15 7.80
C THR A 36 7.16 -2.46 6.92
N MET A 37 8.12 -1.77 7.55
CA MET A 37 9.16 -1.06 6.81
C MET A 37 9.68 -1.91 5.66
N GLU A 38 9.83 -3.21 5.90
CA GLU A 38 10.33 -4.12 4.87
C GLU A 38 9.29 -4.29 3.76
N GLN A 39 8.05 -4.49 4.14
CA GLN A 39 6.97 -4.68 3.17
C GLN A 39 6.99 -3.58 2.13
N ILE A 40 7.06 -2.33 2.59
CA ILE A 40 7.09 -1.19 1.69
C ILE A 40 8.29 -1.24 0.75
N LYS A 41 9.48 -1.43 1.33
CA LYS A 41 10.71 -1.51 0.55
C LYS A 41 10.63 -2.65 -0.46
N ARG A 42 10.53 -3.87 0.03
CA ARG A 42 10.44 -5.05 -0.83
C ARG A 42 9.44 -4.82 -1.95
N ALA A 43 8.34 -4.14 -1.63
CA ALA A 43 7.30 -3.87 -2.61
C ALA A 43 7.81 -2.92 -3.70
N ASN A 44 8.71 -2.03 -3.32
CA ASN A 44 9.28 -1.06 -4.26
C ASN A 44 10.78 -1.25 -4.39
N ARG A 45 11.26 -2.45 -4.05
CA ARG A 45 12.68 -2.76 -4.13
C ARG A 45 13.52 -1.51 -3.86
N LEU A 46 13.15 -0.76 -2.83
CA LEU A 46 13.87 0.45 -2.48
C LEU A 46 15.25 0.13 -1.91
N TYR A 47 15.46 -1.13 -1.57
CA TYR A 47 16.73 -1.58 -1.02
C TYR A 47 17.89 -1.16 -1.92
N THR A 48 18.63 -0.15 -1.48
CA THR A 48 19.77 0.34 -2.24
C THR A 48 20.98 0.55 -1.34
N ASN A 49 22.17 0.61 -1.95
CA ASN A 49 23.41 0.82 -1.21
C ASN A 49 23.32 2.06 -0.33
N ASP A 50 22.69 3.11 -0.87
CA ASP A 50 22.54 4.36 -0.15
C ASP A 50 21.12 4.51 0.39
N SER A 51 20.96 5.32 1.43
CA SER A 51 19.65 5.54 2.03
C SER A 51 18.57 5.61 0.96
N ILE A 52 17.33 5.34 1.36
CA ILE A 52 16.20 5.37 0.45
C ILE A 52 15.86 6.79 0.03
N PHE A 53 16.36 7.76 0.80
CA PHE A 53 16.11 9.17 0.52
C PHE A 53 16.51 9.52 -0.91
N LEU A 54 17.28 8.63 -1.53
CA LEU A 54 17.73 8.84 -2.90
C LEU A 54 16.58 9.25 -3.80
N LYS A 55 15.40 8.68 -3.53
CA LYS A 55 14.22 8.98 -4.33
C LYS A 55 13.53 10.24 -3.82
N LYS A 56 12.38 10.57 -4.39
CA LYS A 56 11.62 11.74 -4.00
C LYS A 56 10.28 11.36 -3.39
N THR A 57 9.57 10.47 -4.06
CA THR A 57 8.27 10.01 -3.58
C THR A 57 8.25 8.49 -3.40
N LEU A 58 7.59 8.03 -2.35
CA LEU A 58 7.50 6.61 -2.06
C LEU A 58 6.04 6.18 -1.93
N TYR A 59 5.68 5.10 -2.61
CA TYR A 59 4.32 4.57 -2.57
C TYR A 59 4.12 3.69 -1.34
N ILE A 60 2.89 3.68 -0.83
CA ILE A 60 2.56 2.88 0.34
C ILE A 60 1.51 1.83 0.00
N PRO A 61 1.89 0.55 0.10
CA PRO A 61 0.99 -0.57 -0.19
C PRO A 61 -0.10 -0.72 0.86
N ILE A 62 -1.35 -0.57 0.44
CA ILE A 62 -2.49 -0.68 1.35
C ILE A 62 -2.97 -2.12 1.43
N LEU A 63 -2.76 -2.75 2.59
CA LEU A 63 -3.17 -4.13 2.80
C LEU A 63 -4.43 -4.19 3.67
N THR A 64 -5.56 -4.47 3.03
CA THR A 64 -6.83 -4.55 3.73
C THR A 64 -7.27 -6.00 3.91
N GLU A 65 -7.90 -6.29 5.04
CA GLU A 65 -8.36 -7.65 5.33
C GLU A 65 -8.84 -8.35 4.05
N PRO A 66 -8.53 -9.64 3.93
CA PRO A 66 -8.91 -10.44 2.76
C PRO A 66 -10.41 -10.69 2.70
N ARG A 67 -11.11 -9.90 1.90
CA ARG A 67 -12.55 -10.05 1.75
C ARG A 67 -12.94 -10.11 0.28
N ASP A 68 -13.34 -11.30 -0.17
CA ASP A 68 -13.74 -11.50 -1.55
C ASP A 68 -14.89 -10.55 -1.93
N LEU A 69 -15.23 -10.53 -3.21
CA LEU A 69 -16.31 -9.66 -3.70
C LEU A 69 -17.37 -10.49 -4.42
N PHE A 70 -18.54 -9.90 -4.60
CA PHE A 70 -19.65 -10.57 -5.27
C PHE A 70 -20.55 -9.56 -5.99
N ASN A 71 -21.29 -10.05 -6.98
CA ASN A 71 -22.19 -9.19 -7.74
C ASN A 71 -21.42 -8.03 -8.38
N SER A 72 -20.20 -8.31 -8.83
CA SER A 72 -19.37 -7.29 -9.44
C SER A 72 -20.12 -6.58 -10.57
N GLY A 73 -20.67 -7.37 -11.49
CA GLY A 73 -21.41 -6.80 -12.61
C GLY A 73 -22.10 -7.86 -13.43
N PRO A 74 -23.24 -8.36 -12.93
CA PRO A 74 -24.02 -9.40 -13.62
C PRO A 74 -24.70 -8.86 -14.89
N SER A 75 -24.51 -7.57 -15.16
CA SER A 75 -25.09 -6.93 -16.33
C SER A 75 -26.61 -6.90 -16.21
N SER A 76 -27.11 -6.38 -15.09
CA SER A 76 -28.54 -6.28 -14.85
C SER A 76 -28.98 -4.83 -14.74
N GLY A 77 -30.19 -4.54 -15.20
CA GLY A 77 -30.71 -3.19 -15.16
C GLY A 77 -31.65 -2.88 -16.30
N GLY A 1 -20.65 -24.24 -7.03
CA GLY A 1 -20.49 -22.81 -6.95
C GLY A 1 -21.03 -22.09 -8.16
N SER A 2 -22.22 -21.50 -8.03
CA SER A 2 -22.85 -20.79 -9.14
C SER A 2 -23.14 -19.34 -8.74
N SER A 3 -22.36 -18.42 -9.31
CA SER A 3 -22.53 -17.00 -9.01
C SER A 3 -22.12 -16.15 -10.22
N GLY A 4 -22.95 -15.18 -10.57
CA GLY A 4 -22.66 -14.32 -11.69
C GLY A 4 -21.63 -13.26 -11.36
N SER A 5 -20.36 -13.60 -11.52
CA SER A 5 -19.27 -12.68 -11.22
C SER A 5 -18.92 -11.83 -12.44
N SER A 6 -19.26 -10.54 -12.37
CA SER A 6 -18.99 -9.63 -13.47
C SER A 6 -17.64 -8.94 -13.29
N GLY A 7 -16.61 -9.52 -13.89
CA GLY A 7 -15.27 -8.96 -13.79
C GLY A 7 -14.22 -9.84 -14.46
N CYS A 8 -14.14 -9.77 -15.78
CA CYS A 8 -13.18 -10.56 -16.52
C CYS A 8 -11.99 -9.71 -16.96
N SER A 9 -11.52 -8.86 -16.06
CA SER A 9 -10.40 -7.98 -16.34
C SER A 9 -9.30 -8.13 -15.29
N PRO A 10 -8.04 -8.04 -15.74
CA PRO A 10 -6.88 -8.17 -14.84
C PRO A 10 -6.73 -6.96 -13.91
N VAL A 11 -6.89 -7.21 -12.62
CA VAL A 11 -6.77 -6.14 -11.63
C VAL A 11 -5.37 -6.12 -11.01
N ARG A 12 -4.77 -4.93 -10.97
CA ARG A 12 -3.44 -4.77 -10.40
C ARG A 12 -3.52 -4.25 -8.97
N GLU A 13 -2.40 -4.34 -8.25
CA GLU A 13 -2.34 -3.88 -6.87
C GLU A 13 -2.55 -2.37 -6.79
N ARG A 14 -2.90 -1.89 -5.60
CA ARG A 14 -3.13 -0.47 -5.39
C ARG A 14 -2.13 0.11 -4.40
N ARG A 15 -1.48 1.21 -4.79
CA ARG A 15 -0.49 1.85 -3.94
C ARG A 15 -0.70 3.37 -3.92
N LEU A 16 -0.68 3.94 -2.74
CA LEU A 16 -0.86 5.39 -2.58
C LEU A 16 0.49 6.11 -2.61
N GLU A 17 0.46 7.37 -3.03
CA GLU A 17 1.68 8.18 -3.11
C GLU A 17 1.89 8.95 -1.81
N HIS A 18 3.14 9.02 -1.37
CA HIS A 18 3.49 9.73 -0.14
C HIS A 18 4.66 10.68 -0.38
N GLN A 19 4.41 11.97 -0.20
CA GLN A 19 5.45 12.98 -0.39
C GLN A 19 6.59 12.77 0.58
N LEU A 20 7.60 12.01 0.16
CA LEU A 20 8.76 11.73 0.99
C LEU A 20 9.45 13.03 1.41
N GLU A 21 9.43 13.31 2.72
CA GLU A 21 10.05 14.51 3.24
C GLU A 21 11.50 14.25 3.64
N PRO A 22 12.30 15.32 3.71
CA PRO A 22 13.72 15.23 4.07
C PRO A 22 13.91 14.87 5.55
N GLY A 23 12.81 14.75 6.27
CA GLY A 23 12.88 14.41 7.68
C GLY A 23 11.97 13.25 8.05
N ASP A 24 11.73 12.37 7.09
CA ASP A 24 10.86 11.21 7.31
C ASP A 24 11.69 9.95 7.54
N THR A 25 11.05 8.90 8.06
CA THR A 25 11.74 7.64 8.33
C THR A 25 10.87 6.46 7.90
N LEU A 26 11.53 5.39 7.45
CA LEU A 26 10.84 4.19 7.01
C LEU A 26 9.83 3.73 8.06
N ALA A 27 10.30 3.55 9.28
CA ALA A 27 9.45 3.12 10.38
C ALA A 27 8.21 3.99 10.49
N GLY A 28 8.42 5.31 10.43
CA GLY A 28 7.30 6.23 10.53
C GLY A 28 6.16 5.87 9.61
N LEU A 29 6.45 5.76 8.32
CA LEU A 29 5.44 5.41 7.32
C LEU A 29 4.79 4.07 7.66
N ALA A 30 5.62 3.05 7.86
CA ALA A 30 5.11 1.73 8.20
C ALA A 30 3.92 1.80 9.15
N LEU A 31 4.16 2.36 10.34
CA LEU A 31 3.11 2.50 11.33
C LEU A 31 2.06 3.50 10.89
N LYS A 32 2.51 4.66 10.44
CA LYS A 32 1.61 5.71 9.97
C LYS A 32 0.41 5.13 9.24
N TYR A 33 0.65 4.02 8.54
CA TYR A 33 -0.42 3.35 7.80
C TYR A 33 -0.84 2.06 8.49
N GLY A 34 0.13 1.35 9.05
CA GLY A 34 -0.16 0.11 9.74
C GLY A 34 0.71 -1.03 9.27
N VAL A 35 1.40 -0.82 8.15
CA VAL A 35 2.28 -1.84 7.60
C VAL A 35 3.69 -1.74 8.16
N THR A 36 4.56 -2.65 7.75
CA THR A 36 5.95 -2.64 8.21
C THR A 36 6.88 -2.07 7.16
N MET A 37 8.03 -1.58 7.61
CA MET A 37 9.03 -1.01 6.70
C MET A 37 9.41 -2.00 5.62
N GLU A 38 9.93 -3.15 6.03
CA GLU A 38 10.34 -4.19 5.10
C GLU A 38 9.36 -4.30 3.94
N GLN A 39 8.11 -4.57 4.26
CA GLN A 39 7.07 -4.70 3.23
C GLN A 39 7.20 -3.60 2.18
N ILE A 40 7.01 -2.36 2.61
CA ILE A 40 7.10 -1.22 1.70
C ILE A 40 8.32 -1.35 0.78
N LYS A 41 9.48 -1.54 1.39
CA LYS A 41 10.73 -1.68 0.64
C LYS A 41 10.63 -2.84 -0.36
N ARG A 42 10.59 -4.07 0.16
CA ARG A 42 10.50 -5.24 -0.69
C ARG A 42 9.49 -5.02 -1.81
N ALA A 43 8.40 -4.34 -1.50
CA ALA A 43 7.36 -4.06 -2.49
C ALA A 43 7.88 -3.18 -3.61
N ASN A 44 8.76 -2.24 -3.27
CA ASN A 44 9.34 -1.33 -4.26
C ASN A 44 10.86 -1.52 -4.34
N ARG A 45 11.33 -2.68 -3.90
CA ARG A 45 12.76 -2.98 -3.93
C ARG A 45 13.58 -1.72 -3.69
N LEU A 46 13.18 -0.94 -2.69
CA LEU A 46 13.88 0.29 -2.36
C LEU A 46 15.24 0.00 -1.75
N TYR A 47 15.45 -1.24 -1.34
CA TYR A 47 16.71 -1.66 -0.73
C TYR A 47 17.89 -1.28 -1.62
N THR A 48 18.63 -0.25 -1.22
CA THR A 48 19.78 0.20 -1.97
C THR A 48 20.98 0.46 -1.06
N ASN A 49 22.17 0.49 -1.65
CA ASN A 49 23.39 0.71 -0.88
C ASN A 49 23.27 1.97 -0.04
N ASP A 50 22.64 3.00 -0.60
CA ASP A 50 22.47 4.26 0.11
C ASP A 50 21.03 4.41 0.60
N SER A 51 20.84 5.22 1.63
CA SER A 51 19.52 5.45 2.20
C SER A 51 18.46 5.55 1.11
N ILE A 52 17.20 5.38 1.48
CA ILE A 52 16.10 5.45 0.54
C ILE A 52 15.86 6.88 0.08
N PHE A 53 16.30 7.84 0.90
CA PHE A 53 16.14 9.25 0.58
C PHE A 53 16.54 9.53 -0.86
N LEU A 54 17.34 8.64 -1.44
CA LEU A 54 17.79 8.80 -2.81
C LEU A 54 16.63 9.13 -3.74
N LYS A 55 15.46 8.57 -3.44
CA LYS A 55 14.27 8.82 -4.24
C LYS A 55 13.59 10.12 -3.82
N LYS A 56 12.58 10.54 -4.59
CA LYS A 56 11.85 11.76 -4.29
C LYS A 56 10.52 11.45 -3.61
N THR A 57 9.72 10.59 -4.24
CA THR A 57 8.43 10.20 -3.69
C THR A 57 8.29 8.69 -3.61
N LEU A 58 7.72 8.20 -2.52
CA LEU A 58 7.52 6.76 -2.33
C LEU A 58 6.04 6.42 -2.29
N TYR A 59 5.73 5.14 -2.44
CA TYR A 59 4.35 4.67 -2.42
C TYR A 59 4.11 3.75 -1.23
N ILE A 60 2.88 3.76 -0.71
CA ILE A 60 2.52 2.92 0.42
C ILE A 60 1.53 1.83 0.00
N PRO A 61 1.91 0.57 0.24
CA PRO A 61 1.08 -0.59 -0.09
C PRO A 61 -0.18 -0.68 0.78
N ILE A 62 -1.33 -0.80 0.14
CA ILE A 62 -2.60 -0.90 0.86
C ILE A 62 -3.06 -2.35 0.96
N LEU A 63 -3.48 -2.75 2.15
CA LEU A 63 -3.96 -4.11 2.38
C LEU A 63 -5.48 -4.15 2.49
N THR A 64 -6.14 -4.64 1.45
CA THR A 64 -7.59 -4.73 1.42
C THR A 64 -8.05 -6.18 1.34
N GLU A 65 -9.20 -6.46 1.94
CA GLU A 65 -9.75 -7.82 1.93
C GLU A 65 -10.75 -7.99 0.79
N PRO A 66 -10.65 -9.14 0.09
CA PRO A 66 -11.54 -9.46 -1.04
C PRO A 66 -12.97 -9.72 -0.59
N ARG A 67 -13.76 -8.65 -0.49
CA ARG A 67 -15.16 -8.77 -0.08
C ARG A 67 -15.93 -9.69 -1.02
N ASP A 68 -16.48 -10.77 -0.45
CA ASP A 68 -17.25 -11.73 -1.24
C ASP A 68 -18.44 -11.06 -1.90
N LEU A 69 -18.77 -11.53 -3.11
CA LEU A 69 -19.89 -10.97 -3.86
C LEU A 69 -21.14 -11.83 -3.69
N PHE A 70 -21.94 -11.50 -2.69
CA PHE A 70 -23.17 -12.24 -2.42
C PHE A 70 -22.88 -13.73 -2.23
N ASN A 71 -21.81 -14.03 -1.50
CA ASN A 71 -21.41 -15.41 -1.25
C ASN A 71 -21.11 -15.62 0.24
N SER A 72 -21.65 -16.70 0.79
CA SER A 72 -21.43 -17.01 2.20
C SER A 72 -20.08 -17.67 2.41
N GLY A 73 -19.74 -18.61 1.53
CA GLY A 73 -18.47 -19.30 1.63
C GLY A 73 -18.41 -20.53 0.75
N PRO A 74 -18.63 -21.71 1.36
CA PRO A 74 -18.61 -22.99 0.66
C PRO A 74 -19.79 -23.16 -0.29
N SER A 75 -19.68 -22.56 -1.48
CA SER A 75 -20.75 -22.63 -2.47
C SER A 75 -22.11 -22.62 -1.81
N SER A 76 -22.25 -21.81 -0.75
CA SER A 76 -23.50 -21.71 -0.02
C SER A 76 -24.29 -20.47 -0.47
N GLY A 77 -25.08 -20.63 -1.52
CA GLY A 77 -25.87 -19.53 -2.03
C GLY A 77 -25.61 -19.26 -3.50
N GLY A 1 -29.82 -15.10 -15.99
CA GLY A 1 -28.77 -15.84 -16.66
C GLY A 1 -27.38 -15.33 -16.32
N SER A 2 -26.43 -16.25 -16.19
CA SER A 2 -25.06 -15.88 -15.85
C SER A 2 -24.22 -15.73 -17.12
N SER A 3 -23.92 -14.49 -17.48
CA SER A 3 -23.12 -14.20 -18.66
C SER A 3 -21.88 -13.39 -18.31
N GLY A 4 -20.91 -13.38 -19.21
CA GLY A 4 -19.69 -12.63 -18.98
C GLY A 4 -19.95 -11.18 -18.63
N SER A 5 -20.01 -10.88 -17.34
CA SER A 5 -20.27 -9.52 -16.88
C SER A 5 -19.73 -9.32 -15.46
N SER A 6 -19.18 -8.14 -15.19
CA SER A 6 -18.64 -7.83 -13.88
C SER A 6 -18.43 -6.32 -13.73
N GLY A 7 -19.20 -5.72 -12.82
CA GLY A 7 -19.09 -4.29 -12.59
C GLY A 7 -17.73 -3.90 -12.03
N CYS A 8 -17.65 -2.67 -11.51
CA CYS A 8 -16.39 -2.18 -10.94
C CYS A 8 -16.00 -2.97 -9.70
N SER A 9 -15.01 -3.84 -9.86
CA SER A 9 -14.55 -4.68 -8.75
C SER A 9 -13.36 -4.02 -8.04
N PRO A 10 -13.31 -4.19 -6.71
CA PRO A 10 -12.23 -3.62 -5.88
C PRO A 10 -10.89 -4.31 -6.12
N VAL A 11 -9.81 -3.57 -5.90
CA VAL A 11 -8.47 -4.11 -6.10
C VAL A 11 -7.88 -4.60 -4.78
N ARG A 12 -7.22 -5.75 -4.83
CA ARG A 12 -6.61 -6.33 -3.63
C ARG A 12 -5.28 -5.64 -3.32
N GLU A 13 -4.56 -5.25 -4.36
CA GLU A 13 -3.27 -4.58 -4.19
C GLU A 13 -3.30 -3.18 -4.77
N ARG A 14 -2.81 -2.22 -4.01
CA ARG A 14 -2.78 -0.82 -4.45
C ARG A 14 -1.62 -0.07 -3.81
N ARG A 15 -1.31 1.09 -4.35
CA ARG A 15 -0.22 1.92 -3.83
C ARG A 15 -0.64 3.38 -3.72
N LEU A 16 -0.30 4.01 -2.60
CA LEU A 16 -0.65 5.41 -2.38
C LEU A 16 0.60 6.28 -2.39
N GLU A 17 0.52 7.41 -3.10
CA GLU A 17 1.65 8.33 -3.19
C GLU A 17 1.83 9.10 -1.89
N HIS A 18 3.06 9.14 -1.39
CA HIS A 18 3.36 9.84 -0.15
C HIS A 18 4.56 10.78 -0.33
N GLN A 19 4.31 12.08 -0.23
CA GLN A 19 5.36 13.07 -0.38
C GLN A 19 6.49 12.81 0.60
N LEU A 20 7.46 12.01 0.19
CA LEU A 20 8.60 11.68 1.04
C LEU A 20 9.38 12.94 1.42
N GLU A 21 9.43 13.23 2.71
CA GLU A 21 10.15 14.41 3.19
C GLU A 21 11.59 14.06 3.55
N PRO A 22 12.48 15.06 3.47
CA PRO A 22 13.90 14.89 3.79
C PRO A 22 14.14 14.67 5.28
N GLY A 23 13.05 14.62 6.04
CA GLY A 23 13.17 14.41 7.48
C GLY A 23 12.26 13.31 7.99
N ASP A 24 11.88 12.41 7.08
CA ASP A 24 11.00 11.29 7.44
C ASP A 24 11.80 10.01 7.61
N THR A 25 11.13 8.97 8.11
CA THR A 25 11.79 7.68 8.32
C THR A 25 10.87 6.53 7.92
N LEU A 26 11.46 5.38 7.62
CA LEU A 26 10.70 4.21 7.23
C LEU A 26 9.76 3.77 8.34
N ALA A 27 10.28 3.72 9.56
CA ALA A 27 9.48 3.31 10.72
C ALA A 27 8.24 4.18 10.85
N GLY A 28 8.33 5.43 10.40
CA GLY A 28 7.20 6.34 10.48
C GLY A 28 6.07 5.94 9.57
N LEU A 29 6.37 5.82 8.27
CA LEU A 29 5.36 5.45 7.28
C LEU A 29 4.77 4.07 7.61
N ALA A 30 5.64 3.13 7.96
CA ALA A 30 5.21 1.78 8.30
C ALA A 30 3.98 1.80 9.20
N LEU A 31 4.13 2.39 10.39
CA LEU A 31 3.03 2.48 11.34
C LEU A 31 1.97 3.46 10.85
N LYS A 32 2.41 4.63 10.39
CA LYS A 32 1.49 5.65 9.89
C LYS A 32 0.30 5.01 9.19
N TYR A 33 0.56 3.97 8.41
CA TYR A 33 -0.50 3.27 7.70
C TYR A 33 -0.86 1.96 8.38
N GLY A 34 0.06 1.00 8.33
CA GLY A 34 -0.16 -0.29 8.96
C GLY A 34 0.63 -1.41 8.31
N VAL A 35 1.85 -1.09 7.88
CA VAL A 35 2.71 -2.07 7.24
C VAL A 35 4.11 -2.06 7.84
N THR A 36 4.92 -3.04 7.47
CA THR A 36 6.29 -3.13 7.97
C THR A 36 7.28 -2.50 7.00
N MET A 37 8.23 -1.74 7.54
CA MET A 37 9.23 -1.08 6.71
C MET A 37 9.72 -2.01 5.60
N GLU A 38 9.94 -3.27 5.94
CA GLU A 38 10.41 -4.26 4.98
C GLU A 38 9.41 -4.41 3.83
N GLN A 39 8.14 -4.61 4.18
CA GLN A 39 7.09 -4.77 3.18
C GLN A 39 7.17 -3.67 2.12
N ILE A 40 7.09 -2.43 2.58
CA ILE A 40 7.15 -1.28 1.68
C ILE A 40 8.36 -1.38 0.76
N LYS A 41 9.55 -1.46 1.35
CA LYS A 41 10.79 -1.56 0.59
C LYS A 41 10.73 -2.71 -0.40
N ARG A 42 10.63 -3.93 0.11
CA ARG A 42 10.57 -5.12 -0.74
C ARG A 42 9.56 -4.93 -1.86
N ALA A 43 8.42 -4.32 -1.52
CA ALA A 43 7.37 -4.08 -2.50
C ALA A 43 7.86 -3.19 -3.63
N ASN A 44 8.80 -2.30 -3.31
CA ASN A 44 9.36 -1.38 -4.30
C ASN A 44 10.87 -1.54 -4.39
N ARG A 45 11.37 -2.72 -4.01
CA ARG A 45 12.80 -2.99 -4.06
C ARG A 45 13.61 -1.74 -3.76
N LEU A 46 13.18 -0.99 -2.74
CA LEU A 46 13.87 0.24 -2.36
C LEU A 46 15.21 -0.08 -1.71
N TYR A 47 15.33 -1.27 -1.13
CA TYR A 47 16.56 -1.69 -0.48
C TYR A 47 17.76 -1.52 -1.40
N THR A 48 18.56 -0.50 -1.14
CA THR A 48 19.74 -0.23 -1.96
C THR A 48 20.95 0.10 -1.09
N ASN A 49 22.13 -0.03 -1.66
CA ASN A 49 23.37 0.24 -0.93
C ASN A 49 23.29 1.59 -0.21
N ASP A 50 22.61 2.54 -0.82
CA ASP A 50 22.45 3.87 -0.24
C ASP A 50 21.05 4.04 0.35
N SER A 51 20.93 4.96 1.30
CA SER A 51 19.64 5.22 1.94
C SER A 51 18.52 5.29 0.91
N ILE A 52 17.28 5.27 1.39
CA ILE A 52 16.12 5.33 0.51
C ILE A 52 15.86 6.75 0.03
N PHE A 53 16.29 7.73 0.81
CA PHE A 53 16.12 9.13 0.47
C PHE A 53 16.51 9.38 -0.99
N LEU A 54 17.33 8.49 -1.54
CA LEU A 54 17.78 8.61 -2.92
C LEU A 54 16.63 9.01 -3.83
N LYS A 55 15.43 8.50 -3.55
CA LYS A 55 14.25 8.81 -4.34
C LYS A 55 13.58 10.09 -3.84
N LYS A 56 12.60 10.57 -4.60
CA LYS A 56 11.89 11.78 -4.24
C LYS A 56 10.59 11.44 -3.52
N THR A 57 9.78 10.57 -4.12
CA THR A 57 8.51 10.16 -3.54
C THR A 57 8.39 8.64 -3.48
N LEU A 58 7.67 8.14 -2.49
CA LEU A 58 7.48 6.71 -2.32
C LEU A 58 6.00 6.35 -2.28
N TYR A 59 5.69 5.09 -2.52
CA TYR A 59 4.30 4.62 -2.50
C TYR A 59 4.05 3.71 -1.30
N ILE A 60 2.82 3.75 -0.79
CA ILE A 60 2.45 2.93 0.35
C ILE A 60 1.42 1.88 -0.04
N PRO A 61 1.77 0.60 0.17
CA PRO A 61 0.88 -0.53 -0.15
C PRO A 61 -0.33 -0.59 0.78
N ILE A 62 -1.52 -0.42 0.21
CA ILE A 62 -2.76 -0.47 0.98
C ILE A 62 -3.28 -1.89 1.10
N LEU A 63 -3.20 -2.46 2.30
CA LEU A 63 -3.67 -3.81 2.54
C LEU A 63 -4.99 -3.81 3.30
N THR A 64 -6.07 -4.10 2.58
CA THR A 64 -7.41 -4.12 3.18
C THR A 64 -8.12 -5.44 2.89
N GLU A 65 -9.05 -5.81 3.76
CA GLU A 65 -9.81 -7.03 3.58
C GLU A 65 -10.93 -6.86 2.56
N PRO A 66 -11.27 -7.94 1.85
CA PRO A 66 -12.32 -7.92 0.84
C PRO A 66 -13.71 -7.76 1.43
N ARG A 67 -13.77 -7.69 2.76
CA ARG A 67 -15.04 -7.54 3.46
C ARG A 67 -15.58 -6.11 3.31
N ASP A 68 -14.82 -5.15 3.84
CA ASP A 68 -15.22 -3.75 3.77
C ASP A 68 -14.95 -3.18 2.37
N LEU A 69 -15.96 -2.53 1.80
CA LEU A 69 -15.83 -1.94 0.47
C LEU A 69 -15.73 -0.42 0.57
N PHE A 70 -14.93 0.16 -0.32
CA PHE A 70 -14.74 1.61 -0.35
C PHE A 70 -14.94 2.16 -1.75
N ASN A 71 -16.10 2.77 -1.98
CA ASN A 71 -16.42 3.34 -3.29
C ASN A 71 -17.46 4.45 -3.16
N SER A 72 -17.44 5.38 -4.10
CA SER A 72 -18.38 6.49 -4.10
C SER A 72 -18.89 6.80 -5.51
N GLY A 73 -20.16 6.53 -5.74
CA GLY A 73 -20.74 6.78 -7.05
C GLY A 73 -20.65 8.24 -7.46
N PRO A 74 -20.04 8.49 -8.62
CA PRO A 74 -19.87 9.85 -9.15
C PRO A 74 -21.20 10.47 -9.60
N SER A 75 -21.16 11.74 -9.98
CA SER A 75 -22.35 12.44 -10.43
C SER A 75 -22.35 12.60 -11.95
N SER A 76 -21.36 13.33 -12.45
CA SER A 76 -21.24 13.57 -13.88
C SER A 76 -22.34 14.50 -14.39
N GLY A 77 -22.63 15.53 -13.59
CA GLY A 77 -23.66 16.48 -13.97
C GLY A 77 -23.10 17.79 -14.46
N GLY A 1 1.13 -9.31 -27.54
CA GLY A 1 2.50 -9.52 -27.08
C GLY A 1 2.58 -10.54 -25.96
N SER A 2 2.23 -10.12 -24.75
CA SER A 2 2.28 -11.01 -23.59
C SER A 2 0.93 -11.04 -22.89
N SER A 3 -0.14 -11.23 -23.66
CA SER A 3 -1.49 -11.29 -23.12
C SER A 3 -1.95 -12.74 -22.95
N GLY A 4 -2.27 -13.09 -21.71
CA GLY A 4 -2.72 -14.44 -21.43
C GLY A 4 -3.35 -14.57 -20.05
N SER A 5 -2.63 -15.21 -19.13
CA SER A 5 -3.13 -15.39 -17.78
C SER A 5 -3.40 -14.06 -17.10
N SER A 6 -4.56 -13.93 -16.47
CA SER A 6 -4.93 -12.71 -15.78
C SER A 6 -4.79 -12.86 -14.26
N GLY A 7 -5.46 -13.88 -13.72
CA GLY A 7 -5.39 -14.11 -12.29
C GLY A 7 -6.58 -14.90 -11.78
N CYS A 8 -6.35 -15.74 -10.77
CA CYS A 8 -7.40 -16.56 -10.20
C CYS A 8 -8.34 -15.71 -9.35
N SER A 9 -7.76 -14.89 -8.48
CA SER A 9 -8.54 -14.02 -7.59
C SER A 9 -8.51 -12.58 -8.07
N PRO A 10 -9.66 -11.89 -7.96
CA PRO A 10 -9.78 -10.49 -8.38
C PRO A 10 -9.01 -9.54 -7.47
N VAL A 11 -8.22 -10.11 -6.56
CA VAL A 11 -7.42 -9.31 -5.64
C VAL A 11 -6.31 -8.57 -6.36
N ARG A 12 -6.08 -7.32 -5.97
CA ARG A 12 -5.05 -6.50 -6.60
C ARG A 12 -4.30 -5.69 -5.53
N GLU A 13 -3.08 -5.28 -5.87
CA GLU A 13 -2.26 -4.50 -4.95
C GLU A 13 -2.51 -3.00 -5.14
N ARG A 14 -2.66 -2.30 -4.03
CA ARG A 14 -2.90 -0.86 -4.06
C ARG A 14 -1.70 -0.09 -3.54
N ARG A 15 -1.44 1.07 -4.14
CA ARG A 15 -0.31 1.91 -3.72
C ARG A 15 -0.71 3.38 -3.70
N LEU A 16 -0.30 4.07 -2.64
CA LEU A 16 -0.61 5.49 -2.49
C LEU A 16 0.64 6.34 -2.66
N GLU A 17 0.54 7.37 -3.50
CA GLU A 17 1.66 8.26 -3.76
C GLU A 17 1.89 9.20 -2.57
N HIS A 18 3.01 9.00 -1.88
CA HIS A 18 3.36 9.82 -0.73
C HIS A 18 4.53 10.74 -1.05
N GLN A 19 4.32 12.04 -0.90
CA GLN A 19 5.36 13.03 -1.16
C GLN A 19 6.46 12.95 -0.12
N LEU A 20 7.39 12.02 -0.30
CA LEU A 20 8.50 11.83 0.64
C LEU A 20 9.03 13.18 1.10
N GLU A 21 8.76 13.52 2.36
CA GLU A 21 9.23 14.78 2.93
C GLU A 21 10.55 14.59 3.67
N PRO A 22 11.28 15.70 3.85
CA PRO A 22 12.57 15.69 4.54
C PRO A 22 12.43 15.41 6.04
N GLY A 23 12.45 14.14 6.41
CA GLY A 23 12.31 13.77 7.81
C GLY A 23 11.57 12.47 8.00
N ASP A 24 10.96 11.97 6.92
CA ASP A 24 10.21 10.73 6.97
C ASP A 24 11.14 9.53 7.09
N THR A 25 10.69 8.50 7.79
CA THR A 25 11.50 7.30 7.99
C THR A 25 10.66 6.04 7.77
N LEU A 26 11.32 4.95 7.41
CA LEU A 26 10.64 3.68 7.17
C LEU A 26 9.77 3.29 8.35
N ALA A 27 10.34 3.41 9.56
CA ALA A 27 9.61 3.07 10.77
C ALA A 27 8.38 3.96 10.94
N GLY A 28 8.50 5.22 10.52
CA GLY A 28 7.39 6.14 10.64
C GLY A 28 6.26 5.83 9.67
N LEU A 29 6.61 5.69 8.39
CA LEU A 29 5.62 5.38 7.36
C LEU A 29 4.94 4.04 7.65
N ALA A 30 5.74 3.03 7.99
CA ALA A 30 5.21 1.72 8.29
C ALA A 30 3.98 1.80 9.19
N LEU A 31 4.18 2.32 10.40
CA LEU A 31 3.09 2.45 11.35
C LEU A 31 2.10 3.51 10.90
N LYS A 32 2.61 4.65 10.47
CA LYS A 32 1.76 5.75 10.00
C LYS A 32 0.54 5.22 9.26
N TYR A 33 0.73 4.14 8.51
CA TYR A 33 -0.36 3.54 7.76
C TYR A 33 -0.84 2.25 8.43
N GLY A 34 -0.01 1.22 8.37
CA GLY A 34 -0.36 -0.05 8.98
C GLY A 34 0.39 -1.22 8.36
N VAL A 35 1.62 -0.97 7.94
CA VAL A 35 2.45 -2.01 7.33
C VAL A 35 3.82 -2.07 7.98
N THR A 36 4.68 -2.96 7.47
CA THR A 36 6.02 -3.12 8.01
C THR A 36 7.06 -2.51 7.07
N MET A 37 8.09 -1.93 7.65
CA MET A 37 9.16 -1.31 6.87
C MET A 37 9.61 -2.22 5.74
N GLU A 38 9.70 -3.52 6.03
CA GLU A 38 10.12 -4.48 5.03
C GLU A 38 9.15 -4.52 3.85
N GLN A 39 7.87 -4.70 4.16
CA GLN A 39 6.84 -4.75 3.13
C GLN A 39 6.99 -3.61 2.15
N ILE A 40 7.00 -2.37 2.67
CA ILE A 40 7.14 -1.19 1.83
C ILE A 40 8.37 -1.30 0.94
N LYS A 41 9.51 -1.61 1.54
CA LYS A 41 10.76 -1.75 0.81
C LYS A 41 10.65 -2.85 -0.25
N ARG A 42 10.52 -4.09 0.21
CA ARG A 42 10.41 -5.23 -0.70
C ARG A 42 9.36 -4.97 -1.77
N ALA A 43 8.30 -4.27 -1.39
CA ALA A 43 7.23 -3.96 -2.33
C ALA A 43 7.73 -3.07 -3.47
N ASN A 44 8.73 -2.25 -3.18
CA ASN A 44 9.30 -1.35 -4.17
C ASN A 44 10.81 -1.57 -4.28
N ARG A 45 11.29 -2.71 -3.82
CA ARG A 45 12.70 -3.03 -3.87
C ARG A 45 13.55 -1.78 -3.69
N LEU A 46 13.18 -0.95 -2.71
CA LEU A 46 13.90 0.28 -2.43
C LEU A 46 15.27 -0.01 -1.84
N TYR A 47 15.46 -1.23 -1.37
CA TYR A 47 16.73 -1.65 -0.78
C TYR A 47 17.89 -1.35 -1.72
N THR A 48 18.66 -0.32 -1.39
CA THR A 48 19.81 0.08 -2.20
C THR A 48 21.02 0.36 -1.32
N ASN A 49 22.20 0.32 -1.94
CA ASN A 49 23.45 0.58 -1.22
C ASN A 49 23.37 1.89 -0.45
N ASP A 50 22.72 2.88 -1.04
CA ASP A 50 22.58 4.19 -0.41
C ASP A 50 21.17 4.37 0.14
N SER A 51 21.04 5.26 1.13
CA SER A 51 19.75 5.52 1.75
C SER A 51 18.65 5.61 0.69
N ILE A 52 17.40 5.57 1.14
CA ILE A 52 16.26 5.65 0.24
C ILE A 52 15.90 7.10 -0.06
N PHE A 53 16.26 7.99 0.86
CA PHE A 53 15.98 9.42 0.70
C PHE A 53 16.35 9.89 -0.70
N LEU A 54 17.26 9.17 -1.34
CA LEU A 54 17.70 9.52 -2.69
C LEU A 54 16.51 9.72 -3.62
N LYS A 55 15.49 8.90 -3.45
CA LYS A 55 14.29 9.00 -4.28
C LYS A 55 13.54 10.29 -3.99
N LYS A 56 12.40 10.46 -4.64
CA LYS A 56 11.58 11.66 -4.45
C LYS A 56 10.23 11.31 -3.84
N THR A 57 9.55 10.32 -4.43
CA THR A 57 8.26 9.89 -3.93
C THR A 57 8.23 8.38 -3.71
N LEU A 58 7.62 7.96 -2.60
CA LEU A 58 7.52 6.54 -2.28
C LEU A 58 6.06 6.12 -2.12
N TYR A 59 5.69 5.03 -2.79
CA TYR A 59 4.33 4.53 -2.71
C TYR A 59 4.13 3.66 -1.47
N ILE A 60 2.92 3.69 -0.93
CA ILE A 60 2.60 2.91 0.26
C ILE A 60 1.51 1.89 -0.03
N PRO A 61 1.82 0.60 0.22
CA PRO A 61 0.88 -0.50 -0.01
C PRO A 61 -0.27 -0.49 0.99
N ILE A 62 -1.49 -0.31 0.47
CA ILE A 62 -2.68 -0.29 1.33
C ILE A 62 -3.34 -1.66 1.38
N LEU A 63 -3.30 -2.28 2.56
CA LEU A 63 -3.89 -3.60 2.74
C LEU A 63 -5.25 -3.48 3.43
N THR A 64 -6.32 -3.64 2.65
CA THR A 64 -7.68 -3.56 3.18
C THR A 64 -8.27 -4.95 3.39
N GLU A 65 -8.85 -5.16 4.56
CA GLU A 65 -9.47 -6.44 4.89
C GLU A 65 -10.98 -6.32 5.00
N PRO A 66 -11.68 -6.57 3.89
CA PRO A 66 -13.14 -6.50 3.84
C PRO A 66 -13.82 -7.61 4.63
N ARG A 67 -13.00 -8.46 5.25
CA ARG A 67 -13.51 -9.57 6.04
C ARG A 67 -13.64 -9.17 7.51
N ASP A 68 -13.88 -7.89 7.76
CA ASP A 68 -14.03 -7.39 9.12
C ASP A 68 -15.49 -7.47 9.57
N LEU A 69 -15.74 -7.03 10.80
CA LEU A 69 -17.09 -7.05 11.36
C LEU A 69 -17.45 -5.69 11.95
N PHE A 70 -18.74 -5.48 12.19
CA PHE A 70 -19.22 -4.22 12.76
C PHE A 70 -20.42 -4.46 13.66
N ASN A 71 -20.35 -3.92 14.88
CA ASN A 71 -21.43 -4.06 15.84
C ASN A 71 -21.34 -3.01 16.94
N SER A 72 -22.48 -2.70 17.55
CA SER A 72 -22.52 -1.70 18.62
C SER A 72 -21.83 -2.22 19.88
N GLY A 73 -21.05 -1.35 20.52
CA GLY A 73 -20.35 -1.74 21.73
C GLY A 73 -21.29 -2.17 22.83
N PRO A 74 -20.75 -2.31 24.06
CA PRO A 74 -21.53 -2.72 25.23
C PRO A 74 -22.52 -1.65 25.67
N SER A 75 -23.80 -1.99 25.65
CA SER A 75 -24.84 -1.05 26.05
C SER A 75 -24.94 -0.96 27.56
N SER A 76 -25.78 -0.05 28.05
CA SER A 76 -25.96 0.14 29.48
C SER A 76 -27.41 -0.17 29.90
N GLY A 77 -27.96 -1.24 29.33
CA GLY A 77 -29.32 -1.62 29.65
C GLY A 77 -30.30 -1.25 28.55
#